data_8FGU
#
_entry.id   8FGU
#
_cell.length_a   59.869
_cell.length_b   153.859
_cell.length_c   108.933
_cell.angle_alpha   90.00
_cell.angle_beta   90.65
_cell.angle_gamma   90.00
#
_symmetry.space_group_name_H-M   'P 1 21 1'
#
loop_
_entity.id
_entity.type
_entity.pdbx_description
1 polymer 'Nitric oxide synthase, endothelial'
2 non-polymer 'PROTOPORPHYRIN IX CONTAINING FE'
3 non-polymer 5,6,7,8-TETRAHYDROBIOPTERIN
4 non-polymer 4-(difluoromethyl)-6-(2-{5-[2-(dimethylamino)ethyl]-2,3-difluorophenyl}ethyl)pyridin-2-amine
5 non-polymer 2-[BIS-(2-HYDROXY-ETHYL)-AMINO]-2-HYDROXYMETHYL-PROPANE-1,3-DIOL
6 non-polymer GLYCEROL
7 non-polymer 'CHLORIDE ION'
8 non-polymer 'GADOLINIUM ATOM'
9 non-polymer 'ZINC ION'
10 water water
#
_entity_poly.entity_id   1
_entity_poly.type   'polypeptide(L)'
_entity_poly.pdbx_seq_one_letter_code
;APASLLPPAPEHSPPSSPLTQPPEGPKFPRVKNWEVGSITYDTLSAQAQQDGPCTPRRCLGSLVFPRKLQGRPSPGPPAP
EQLLSQARDFINQYYSSIKRSGSQAHEQRLQEVEAEVAATGTYQLRESELVFGAKQAWRNAPRCVGRIQWGKLQVFDARD
CRSAQEMFTYICNHIKYATNRGNLRSAITVFPQRCPGRGDFRIWNSQLVRYAGYRQQDGSVRGDPANVEITELCIQHGWT
PGNGRFDVLPLLLQAPDEPPELFLLPPELVLEVPLEHPTLEWFAALGLRWYALPAVSNMLLEIGGLEFPAAPFSGWYMST
EIGTRNLCDPHRYNILEDVAVCMDLDTRTTSSLWKDKAAVEINVAVLHSYQLAKVTIVDHHAATASFMKHLENEQKARGG
CPADWAWIVPPISGSLTPVFHQEMVNYFLSPAFRYQPDPW
;
_entity_poly.pdbx_strand_id   A,B,C,D
#
loop_
_chem_comp.id
_chem_comp.type
_chem_comp.name
_chem_comp.formula
BTB non-polymer 2-[BIS-(2-HYDROXY-ETHYL)-AMINO]-2-HYDROXYMETHYL-PROPANE-1,3-DIOL 'C8 H19 N O5'
CL non-polymer 'CHLORIDE ION' 'Cl -1'
GD non-polymer 'GADOLINIUM ATOM' Gd
GOL non-polymer GLYCEROL 'C3 H8 O3'
H4B non-polymer 5,6,7,8-TETRAHYDROBIOPTERIN 'C9 H15 N5 O3'
HEM non-polymer 'PROTOPORPHYRIN IX CONTAINING FE' 'C34 H32 Fe N4 O4'
XVA non-polymer 4-(difluoromethyl)-6-(2-{5-[2-(dimethylamino)ethyl]-2,3-difluorophenyl}ethyl)pyridin-2-amine 'C18 H21 F4 N3'
ZN non-polymer 'ZINC ION' 'Zn 2'
#
# COMPACT_ATOMS: atom_id res chain seq x y z
N PHE A 28 -26.25 41.60 12.93
CA PHE A 28 -25.05 41.15 12.22
C PHE A 28 -24.91 39.63 12.19
N PRO A 29 -24.69 39.08 11.00
CA PRO A 29 -24.77 37.62 10.82
C PRO A 29 -23.74 36.89 11.67
N ARG A 30 -24.21 35.86 12.36
CA ARG A 30 -23.33 34.98 13.12
C ARG A 30 -22.68 34.00 12.15
N VAL A 31 -21.37 33.83 12.26
CA VAL A 31 -20.61 32.95 11.38
C VAL A 31 -19.81 32.00 12.25
N LYS A 32 -19.99 30.71 12.03
CA LYS A 32 -19.39 29.68 12.87
C LYS A 32 -18.44 28.82 12.06
N ASN A 33 -17.31 28.46 12.67
CA ASN A 33 -16.44 27.42 12.15
C ASN A 33 -16.71 26.14 12.91
N TRP A 34 -17.10 25.10 12.18
CA TRP A 34 -17.57 23.85 12.78
C TRP A 34 -16.44 22.91 13.16
N GLU A 35 -15.23 23.13 12.64
CA GLU A 35 -14.10 22.31 13.04
C GLU A 35 -13.57 22.74 14.40
N VAL A 36 -13.58 24.05 14.66
CA VAL A 36 -13.00 24.59 15.87
C VAL A 36 -14.08 25.01 16.87
N GLY A 37 -15.26 25.40 16.39
CA GLY A 37 -16.30 25.90 17.24
C GLY A 37 -16.30 27.39 17.41
N SER A 38 -15.36 28.10 16.80
CA SER A 38 -15.26 29.54 16.94
C SER A 38 -16.36 30.26 16.17
N ILE A 39 -16.69 31.45 16.64
CA ILE A 39 -17.78 32.27 16.15
C ILE A 39 -17.23 33.66 15.86
N THR A 40 -17.67 34.25 14.74
CA THR A 40 -17.46 35.68 14.49
C THR A 40 -18.76 36.29 13.98
N TYR A 41 -18.76 37.62 13.86
CA TYR A 41 -19.85 38.38 13.28
C TYR A 41 -19.35 39.19 12.10
N ASP A 42 -20.07 39.12 10.97
CA ASP A 42 -19.68 39.85 9.77
C ASP A 42 -20.34 41.21 9.82
N THR A 43 -19.62 42.21 10.34
CA THR A 43 -20.12 43.57 10.32
C THR A 43 -19.88 44.27 9.00
N LEU A 44 -18.92 43.80 8.21
CA LEU A 44 -18.65 44.38 6.89
C LEU A 44 -19.82 44.18 5.94
N SER A 45 -20.66 43.16 6.17
CA SER A 45 -21.79 42.88 5.31
C SER A 45 -22.75 44.06 5.21
N ALA A 46 -22.67 45.02 6.12
CA ALA A 46 -23.56 46.18 6.10
C ALA A 46 -23.39 47.01 4.83
N GLN A 47 -22.17 47.10 4.30
CA GLN A 47 -21.86 48.02 3.22
C GLN A 47 -22.26 47.52 1.84
N ALA A 48 -23.00 46.42 1.74
CA ALA A 48 -23.25 45.78 0.44
C ALA A 48 -23.89 46.75 -0.54
N GLN A 49 -23.18 47.03 -1.64
CA GLN A 49 -23.63 47.88 -2.73
C GLN A 49 -24.65 47.14 -3.59
N GLN A 50 -24.20 46.49 -4.66
CA GLN A 50 -25.10 45.89 -5.64
C GLN A 50 -25.78 44.67 -5.02
N ASP A 51 -27.08 44.80 -4.76
CA ASP A 51 -27.84 43.68 -4.21
C ASP A 51 -27.69 42.43 -5.07
N GLY A 52 -27.57 41.28 -4.41
CA GLY A 52 -27.35 40.03 -5.10
C GLY A 52 -28.63 39.29 -5.44
N PRO A 53 -28.49 37.99 -5.72
CA PRO A 53 -29.59 37.23 -6.32
C PRO A 53 -30.61 36.60 -5.37
N CYS A 54 -30.36 36.62 -4.06
CA CYS A 54 -31.14 35.85 -3.11
C CYS A 54 -32.24 36.69 -2.48
N THR A 55 -33.33 36.03 -2.10
CA THR A 55 -34.46 36.65 -1.40
C THR A 55 -34.84 35.77 -0.23
N PRO A 56 -35.59 36.32 0.76
CA PRO A 56 -36.06 35.49 1.88
C PRO A 56 -36.82 34.25 1.44
N ARG A 57 -37.33 34.27 0.21
CA ARG A 57 -38.16 33.18 -0.31
C ARG A 57 -37.37 32.02 -0.89
N ARG A 58 -36.18 32.28 -1.45
CA ARG A 58 -35.38 31.27 -2.12
C ARG A 58 -33.95 31.74 -2.20
N CYS A 59 -33.02 30.78 -2.15
CA CYS A 59 -31.60 31.07 -2.29
C CYS A 59 -31.15 30.69 -3.71
N LEU A 60 -30.42 31.60 -4.35
CA LEU A 60 -29.89 31.37 -5.68
C LEU A 60 -28.37 31.44 -5.68
N GLY A 61 -27.75 31.11 -4.55
CA GLY A 61 -26.31 31.27 -4.40
C GLY A 61 -25.49 30.38 -5.31
N SER A 62 -26.05 29.26 -5.78
CA SER A 62 -25.32 28.32 -6.61
C SER A 62 -25.32 28.69 -8.09
N LEU A 63 -25.97 29.79 -8.48
CA LEU A 63 -26.03 30.20 -9.88
C LEU A 63 -24.76 30.94 -10.26
N VAL A 64 -24.17 30.57 -11.40
CA VAL A 64 -22.92 31.18 -11.84
C VAL A 64 -23.12 32.65 -12.20
N PHE A 65 -23.93 32.90 -13.24
CA PHE A 65 -24.34 34.25 -13.61
C PHE A 65 -25.76 34.47 -13.16
N PRO A 66 -26.01 35.37 -12.20
CA PRO A 66 -27.37 35.58 -11.67
C PRO A 66 -28.18 36.56 -12.52
N ARG A 67 -28.42 36.18 -13.78
CA ARG A 67 -29.31 36.90 -14.71
C ARG A 67 -28.73 38.21 -15.19
N PRO A 80 -27.62 62.17 -16.52
CA PRO A 80 -27.52 61.02 -15.61
C PRO A 80 -26.19 60.99 -14.85
N GLU A 81 -26.22 61.37 -13.57
CA GLU A 81 -25.02 61.74 -12.82
C GLU A 81 -24.96 61.04 -11.47
N GLN A 82 -25.24 59.74 -11.44
CA GLN A 82 -24.99 58.95 -10.24
C GLN A 82 -23.51 58.57 -10.10
N LEU A 83 -22.68 59.03 -11.03
CA LEU A 83 -21.25 58.74 -11.02
C LEU A 83 -20.55 59.33 -9.81
N LEU A 84 -21.13 60.37 -9.20
CA LEU A 84 -20.49 61.07 -8.08
C LEU A 84 -20.66 60.30 -6.77
N SER A 85 -21.81 59.65 -6.58
CA SER A 85 -22.02 58.84 -5.38
C SER A 85 -20.91 57.81 -5.21
N GLN A 86 -20.62 57.06 -6.28
CA GLN A 86 -19.62 56.01 -6.19
C GLN A 86 -18.21 56.57 -6.13
N ALA A 87 -17.97 57.70 -6.81
CA ALA A 87 -16.66 58.34 -6.75
C ALA A 87 -16.37 58.89 -5.36
N ARG A 88 -17.32 59.63 -4.78
CA ARG A 88 -17.16 60.14 -3.43
C ARG A 88 -16.77 59.03 -2.47
N ASP A 89 -17.57 57.96 -2.41
CA ASP A 89 -17.32 56.88 -1.45
C ASP A 89 -16.00 56.19 -1.71
N PHE A 90 -15.64 56.03 -2.99
CA PHE A 90 -14.35 55.41 -3.27
C PHE A 90 -13.21 56.28 -2.77
N ILE A 91 -13.33 57.62 -2.91
CA ILE A 91 -12.25 58.49 -2.47
C ILE A 91 -12.11 58.44 -0.96
N ASN A 92 -13.25 58.40 -0.25
CA ASN A 92 -13.21 58.22 1.20
C ASN A 92 -12.57 56.89 1.59
N GLN A 93 -12.81 55.84 0.81
CA GLN A 93 -12.11 54.58 1.02
C GLN A 93 -10.60 54.78 0.96
N TYR A 94 -10.12 55.42 -0.11
CA TYR A 94 -8.69 55.57 -0.32
C TYR A 94 -8.02 56.27 0.86
N TYR A 95 -8.61 57.36 1.35
CA TYR A 95 -7.95 58.17 2.35
C TYR A 95 -8.00 57.55 3.74
N SER A 96 -9.09 56.86 4.09
CA SER A 96 -9.09 56.11 5.34
C SER A 96 -8.01 55.03 5.31
N SER A 97 -7.82 54.37 4.16
CA SER A 97 -6.84 53.30 4.04
C SER A 97 -5.39 53.80 4.12
N ILE A 98 -5.16 55.09 4.01
CA ILE A 98 -3.83 55.64 4.23
C ILE A 98 -3.81 56.52 5.47
N LYS A 99 -4.82 56.39 6.34
CA LYS A 99 -4.93 57.15 7.58
C LYS A 99 -4.98 58.66 7.30
N ARG A 100 -5.74 59.05 6.29
CA ARG A 100 -5.84 60.45 5.92
C ARG A 100 -7.29 60.86 5.68
N SER A 101 -8.20 60.32 6.48
CA SER A 101 -9.55 60.87 6.52
C SER A 101 -9.54 62.21 7.24
N GLY A 102 -10.42 63.10 6.81
CA GLY A 102 -10.58 64.38 7.50
C GLY A 102 -9.32 65.23 7.58
N SER A 103 -8.57 65.31 6.49
CA SER A 103 -7.37 66.13 6.46
C SER A 103 -7.15 66.64 5.04
N GLN A 104 -6.26 67.63 4.94
CA GLN A 104 -6.17 68.52 3.78
C GLN A 104 -6.31 67.82 2.44
N ALA A 105 -5.36 66.93 2.10
CA ALA A 105 -5.35 66.30 0.78
C ALA A 105 -6.65 65.54 0.50
N HIS A 106 -7.31 65.03 1.54
CA HIS A 106 -8.60 64.37 1.36
C HIS A 106 -9.68 65.38 0.97
N GLU A 107 -9.85 66.43 1.78
CA GLU A 107 -10.74 67.54 1.40
C GLU A 107 -10.48 67.97 -0.03
N GLN A 108 -9.21 68.23 -0.36
CA GLN A 108 -8.79 68.67 -1.68
C GLN A 108 -9.30 67.74 -2.78
N ARG A 109 -8.92 66.46 -2.72
CA ARG A 109 -9.25 65.52 -3.80
C ARG A 109 -10.76 65.42 -4.00
N LEU A 110 -11.56 65.58 -2.94
CA LEU A 110 -13.01 65.52 -3.11
C LEU A 110 -13.50 66.62 -4.05
N GLN A 111 -12.79 67.75 -4.12
CA GLN A 111 -13.28 68.87 -4.93
C GLN A 111 -12.94 68.69 -6.40
N GLU A 112 -11.72 68.22 -6.71
CA GLU A 112 -11.33 68.07 -8.10
C GLU A 112 -12.17 67.03 -8.83
N VAL A 113 -12.59 65.96 -8.14
CA VAL A 113 -13.53 65.03 -8.78
C VAL A 113 -14.86 65.71 -9.01
N GLU A 114 -15.33 66.50 -8.03
CA GLU A 114 -16.53 67.30 -8.25
C GLU A 114 -16.40 68.16 -9.50
N ALA A 115 -15.29 68.91 -9.62
CA ALA A 115 -15.14 69.81 -10.76
C ALA A 115 -14.90 69.04 -12.06
N GLU A 116 -14.21 67.89 -11.99
CA GLU A 116 -13.99 67.10 -13.20
C GLU A 116 -15.30 66.59 -13.78
N VAL A 117 -16.21 66.11 -12.93
CA VAL A 117 -17.50 65.64 -13.43
C VAL A 117 -18.37 66.81 -13.87
N ALA A 118 -18.36 67.91 -13.10
CA ALA A 118 -19.07 69.11 -13.52
C ALA A 118 -18.67 69.54 -14.92
N ALA A 119 -17.36 69.51 -15.22
CA ALA A 119 -16.88 69.94 -16.53
C ALA A 119 -17.09 68.88 -17.60
N THR A 120 -16.55 67.68 -17.39
CA THR A 120 -16.47 66.66 -18.43
C THR A 120 -17.52 65.56 -18.32
N GLY A 121 -18.18 65.42 -17.19
CA GLY A 121 -19.13 64.35 -16.98
C GLY A 121 -18.54 63.07 -16.44
N THR A 122 -17.22 63.03 -16.22
CA THR A 122 -16.55 61.87 -15.67
C THR A 122 -15.32 62.37 -14.94
N TYR A 123 -14.38 61.46 -14.64
CA TYR A 123 -13.14 61.89 -14.02
C TYR A 123 -12.04 60.87 -14.31
N GLN A 124 -10.80 61.30 -14.10
CA GLN A 124 -9.65 60.42 -14.20
C GLN A 124 -9.20 60.05 -12.80
N LEU A 125 -8.75 58.80 -12.64
CA LEU A 125 -8.22 58.33 -11.38
C LEU A 125 -6.75 58.70 -11.25
N ARG A 126 -6.38 59.28 -10.10
CA ARG A 126 -4.97 59.35 -9.72
C ARG A 126 -4.36 57.95 -9.76
N GLU A 127 -3.06 57.92 -10.06
CA GLU A 127 -2.31 56.68 -10.19
C GLU A 127 -2.46 55.81 -8.95
N SER A 128 -2.17 56.38 -7.78
CA SER A 128 -2.25 55.64 -6.53
C SER A 128 -3.64 55.09 -6.31
N GLU A 129 -4.67 55.87 -6.67
CA GLU A 129 -6.05 55.43 -6.52
C GLU A 129 -6.34 54.24 -7.44
N LEU A 130 -5.90 54.32 -8.69
CA LEU A 130 -6.13 53.20 -9.62
C LEU A 130 -5.47 51.93 -9.10
N VAL A 131 -4.29 52.08 -8.51
CA VAL A 131 -3.62 50.94 -7.89
C VAL A 131 -4.39 50.46 -6.68
N PHE A 132 -4.78 51.37 -5.80
CA PHE A 132 -5.57 50.99 -4.63
C PHE A 132 -6.89 50.35 -5.05
N GLY A 133 -7.50 50.84 -6.13
CA GLY A 133 -8.76 50.28 -6.59
C GLY A 133 -8.62 48.89 -7.18
N ALA A 134 -7.55 48.65 -7.94
CA ALA A 134 -7.33 47.33 -8.52
C ALA A 134 -7.15 46.30 -7.41
N LYS A 135 -6.39 46.64 -6.38
CA LYS A 135 -6.17 45.70 -5.29
C LYS A 135 -7.44 45.45 -4.49
N GLN A 136 -8.32 46.45 -4.36
CA GLN A 136 -9.54 46.24 -3.59
C GLN A 136 -10.55 45.40 -4.35
N ALA A 137 -10.60 45.56 -5.68
CA ALA A 137 -11.45 44.69 -6.49
C ALA A 137 -11.08 43.23 -6.28
N TRP A 138 -9.78 42.93 -6.32
CA TRP A 138 -9.32 41.57 -6.04
C TRP A 138 -9.68 41.16 -4.62
N ARG A 139 -9.42 42.04 -3.66
CA ARG A 139 -9.71 41.75 -2.25
C ARG A 139 -11.17 41.41 -2.04
N ASN A 140 -12.05 42.02 -2.84
CA ASN A 140 -13.49 41.90 -2.71
C ASN A 140 -14.08 40.74 -3.51
N ALA A 141 -13.31 40.11 -4.40
CA ALA A 141 -13.83 39.02 -5.23
C ALA A 141 -14.27 37.83 -4.36
N PRO A 142 -15.58 37.57 -4.20
CA PRO A 142 -16.00 36.55 -3.23
C PRO A 142 -15.62 35.15 -3.63
N ARG A 143 -15.37 34.91 -4.91
CA ARG A 143 -15.11 33.57 -5.41
C ARG A 143 -13.63 33.21 -5.46
N CYS A 144 -12.75 34.15 -5.15
CA CYS A 144 -11.31 33.91 -5.26
C CYS A 144 -10.78 33.38 -3.92
N VAL A 145 -10.27 32.15 -3.94
CA VAL A 145 -9.57 31.58 -2.79
C VAL A 145 -8.15 32.08 -2.66
N GLY A 146 -7.60 32.77 -3.67
CA GLY A 146 -6.23 33.25 -3.60
C GLY A 146 -6.05 34.62 -2.98
N ARG A 147 -7.05 35.17 -2.28
CA ARG A 147 -6.98 36.57 -1.89
C ARG A 147 -5.97 36.87 -0.77
N ILE A 148 -5.32 35.88 -0.17
CA ILE A 148 -4.28 36.20 0.80
C ILE A 148 -3.18 37.02 0.12
N GLN A 149 -3.11 36.96 -1.21
CA GLN A 149 -2.13 37.66 -2.02
C GLN A 149 -2.60 39.05 -2.46
N TRP A 150 -3.78 39.49 -2.03
CA TRP A 150 -4.35 40.68 -2.65
C TRP A 150 -3.45 41.91 -2.52
N GLY A 151 -2.56 41.94 -1.52
CA GLY A 151 -1.70 43.10 -1.34
C GLY A 151 -0.58 43.22 -2.35
N LYS A 152 -0.14 42.10 -2.92
CA LYS A 152 0.92 42.08 -3.92
C LYS A 152 0.28 41.95 -5.30
N LEU A 153 0.09 43.08 -5.97
CA LEU A 153 -0.48 43.14 -7.30
C LEU A 153 0.23 44.25 -8.07
N GLN A 154 0.76 43.90 -9.24
CA GLN A 154 1.45 44.85 -10.09
C GLN A 154 0.44 45.45 -11.07
N VAL A 155 0.32 46.78 -11.06
CA VAL A 155 -0.73 47.48 -11.81
C VAL A 155 -0.07 48.25 -12.95
N PHE A 156 -0.30 47.80 -14.18
CA PHE A 156 0.20 48.48 -15.38
C PHE A 156 -0.87 49.42 -15.91
N ASP A 157 -0.55 50.70 -15.98
CA ASP A 157 -1.50 51.72 -16.40
C ASP A 157 -1.42 51.87 -17.92
N ALA A 158 -2.41 51.33 -18.62
CA ALA A 158 -2.52 51.48 -20.06
C ALA A 158 -3.70 52.35 -20.44
N ARG A 159 -3.98 53.38 -19.63
CA ARG A 159 -5.12 54.24 -19.87
C ARG A 159 -4.94 55.19 -21.05
N ASP A 160 -3.70 55.43 -21.47
CA ASP A 160 -3.45 56.18 -22.70
C ASP A 160 -3.34 55.28 -23.92
N CYS A 161 -3.88 54.06 -23.84
CA CYS A 161 -3.92 53.18 -25.00
C CYS A 161 -4.77 53.79 -26.11
N ARG A 162 -4.48 53.40 -27.35
CA ARG A 162 -5.10 54.09 -28.47
C ARG A 162 -5.37 53.22 -29.70
N SER A 163 -4.90 51.97 -29.72
CA SER A 163 -5.18 51.12 -30.88
C SER A 163 -5.06 49.66 -30.47
N ALA A 164 -5.59 48.79 -31.33
CA ALA A 164 -5.48 47.35 -31.11
C ALA A 164 -4.02 46.90 -31.09
N GLN A 165 -3.19 47.44 -31.98
CA GLN A 165 -1.77 47.13 -31.96
C GLN A 165 -1.13 47.59 -30.66
N GLU A 166 -1.61 48.70 -30.09
CA GLU A 166 -1.15 49.15 -28.78
C GLU A 166 -1.53 48.16 -27.70
N MET A 167 -2.81 47.78 -27.65
CA MET A 167 -3.26 46.74 -26.74
C MET A 167 -2.32 45.54 -26.81
N PHE A 168 -2.05 45.06 -28.03
CA PHE A 168 -1.30 43.82 -28.18
C PHE A 168 0.06 43.89 -27.50
N THR A 169 0.74 45.04 -27.61
CA THR A 169 2.04 45.15 -26.96
C THR A 169 1.90 45.34 -25.45
N TYR A 170 0.85 46.03 -25.00
CA TYR A 170 0.55 46.08 -23.56
C TYR A 170 0.31 44.69 -23.00
N ILE A 171 -0.53 43.91 -23.68
CA ILE A 171 -0.83 42.55 -23.23
C ILE A 171 0.44 41.71 -23.22
N CYS A 172 1.33 41.96 -24.18
CA CYS A 172 2.55 41.18 -24.29
C CYS A 172 3.57 41.55 -23.22
N ASN A 173 3.62 42.83 -22.80
CA ASN A 173 4.46 43.18 -21.67
C ASN A 173 3.97 42.48 -20.40
N HIS A 174 2.67 42.61 -20.13
CA HIS A 174 2.04 41.92 -19.01
C HIS A 174 2.43 40.44 -18.97
N ILE A 175 2.10 39.70 -20.03
CA ILE A 175 2.38 38.26 -20.09
C ILE A 175 3.83 37.98 -19.75
N LYS A 176 4.77 38.63 -20.45
CA LYS A 176 6.18 38.38 -20.17
C LYS A 176 6.53 38.75 -18.73
N TYR A 177 5.95 39.84 -18.21
CA TYR A 177 6.19 40.18 -16.81
C TYR A 177 5.55 39.17 -15.87
N ALA A 178 4.26 38.90 -16.04
CA ALA A 178 3.59 37.94 -15.16
C ALA A 178 4.28 36.60 -15.20
N THR A 179 4.59 36.11 -16.41
CA THR A 179 5.15 34.77 -16.54
C THR A 179 6.52 34.68 -15.88
N ASN A 180 7.43 35.61 -16.21
CA ASN A 180 8.69 35.75 -15.48
C ASN A 180 9.46 34.43 -15.43
N ARG A 181 9.49 33.72 -16.56
CA ARG A 181 10.18 32.44 -16.69
C ARG A 181 9.67 31.40 -15.69
N GLY A 182 8.41 31.55 -15.25
CA GLY A 182 7.77 30.55 -14.40
C GLY A 182 7.69 30.92 -12.94
N ASN A 183 8.36 32.00 -12.53
CA ASN A 183 8.19 32.54 -11.17
C ASN A 183 7.08 33.59 -11.25
N LEU A 184 5.84 33.10 -11.29
CA LEU A 184 4.69 33.93 -11.67
C LEU A 184 4.49 35.10 -10.71
N ARG A 185 4.05 36.23 -11.27
CA ARG A 185 3.81 37.44 -10.51
C ARG A 185 2.43 37.98 -10.88
N SER A 186 1.56 38.14 -9.87
CA SER A 186 0.24 38.70 -10.10
C SER A 186 0.36 40.06 -10.75
N ALA A 187 -0.50 40.32 -11.73
CA ALA A 187 -0.46 41.60 -12.43
C ALA A 187 -1.80 41.87 -13.08
N ILE A 188 -2.08 43.16 -13.31
CA ILE A 188 -3.26 43.61 -14.02
C ILE A 188 -2.88 44.80 -14.90
N THR A 189 -3.41 44.82 -16.12
CA THR A 189 -3.25 45.95 -17.04
C THR A 189 -4.60 46.60 -17.24
N VAL A 190 -4.67 47.91 -17.02
CA VAL A 190 -5.93 48.66 -17.05
C VAL A 190 -5.94 49.53 -18.31
N PHE A 191 -6.80 49.18 -19.25
CA PHE A 191 -6.96 49.93 -20.49
C PHE A 191 -7.96 51.05 -20.28
N PRO A 192 -8.12 51.97 -21.25
CA PRO A 192 -8.93 53.17 -21.02
C PRO A 192 -10.33 52.88 -20.48
N GLN A 193 -10.76 53.71 -19.54
CA GLN A 193 -12.11 53.64 -19.02
C GLN A 193 -13.11 54.00 -20.11
N ARG A 194 -14.28 53.38 -20.07
CA ARG A 194 -15.32 53.64 -21.03
C ARG A 194 -15.91 55.03 -20.84
N CYS A 195 -16.28 55.66 -21.94
CA CYS A 195 -16.89 56.98 -21.94
C CYS A 195 -18.07 56.96 -22.89
N PRO A 196 -19.02 57.89 -22.72
CA PRO A 196 -20.21 57.87 -23.59
C PRO A 196 -19.88 58.25 -25.02
N GLY A 197 -20.77 57.81 -25.93
CA GLY A 197 -20.67 58.12 -27.33
C GLY A 197 -19.47 57.55 -28.06
N ARG A 198 -18.65 56.73 -27.40
CA ARG A 198 -17.43 56.21 -27.98
C ARG A 198 -17.31 54.72 -27.68
N GLY A 199 -16.67 54.01 -28.60
CA GLY A 199 -16.58 52.56 -28.51
C GLY A 199 -15.77 52.09 -27.33
N ASP A 200 -15.83 50.77 -27.12
CA ASP A 200 -15.23 50.11 -25.96
C ASP A 200 -13.96 49.36 -26.35
N PHE A 201 -12.93 49.48 -25.51
CA PHE A 201 -11.84 48.51 -25.54
C PHE A 201 -12.33 47.18 -24.96
N ARG A 202 -12.09 46.10 -25.70
CA ARG A 202 -12.51 44.76 -25.30
C ARG A 202 -11.53 43.72 -25.81
N ILE A 203 -11.24 42.72 -24.98
CA ILE A 203 -10.58 41.49 -25.41
C ILE A 203 -11.66 40.42 -25.59
N TRP A 204 -11.71 39.82 -26.78
CA TRP A 204 -12.78 38.88 -27.08
C TRP A 204 -12.56 37.50 -26.47
N ASN A 205 -11.31 37.11 -26.26
CA ASN A 205 -11.02 35.83 -25.61
C ASN A 205 -11.38 35.92 -24.13
N SER A 206 -11.84 34.79 -23.57
CA SER A 206 -12.18 34.75 -22.15
C SER A 206 -10.94 34.84 -21.28
N GLN A 207 -9.81 34.30 -21.74
CA GLN A 207 -8.51 34.40 -21.10
C GLN A 207 -7.48 34.80 -22.14
N LEU A 208 -6.27 35.07 -21.68
CA LEU A 208 -5.20 35.40 -22.61
C LEU A 208 -4.63 34.16 -23.28
N VAL A 209 -4.66 33.02 -22.60
CA VAL A 209 -4.24 31.75 -23.16
C VAL A 209 -5.46 30.81 -23.17
N ARG A 210 -5.85 30.36 -24.38
CA ARG A 210 -6.97 29.46 -24.55
C ARG A 210 -6.64 28.47 -25.66
N TYR A 211 -6.93 27.19 -25.43
CA TYR A 211 -6.73 26.16 -26.44
C TYR A 211 -7.92 26.09 -27.38
N ALA A 212 -7.66 25.66 -28.61
CA ALA A 212 -8.68 25.65 -29.63
C ALA A 212 -9.68 24.51 -29.40
N GLY A 213 -10.86 24.66 -30.00
CA GLY A 213 -11.89 23.63 -29.98
C GLY A 213 -12.54 23.45 -31.33
N TYR A 214 -12.31 22.31 -31.97
CA TYR A 214 -12.71 22.07 -33.36
C TYR A 214 -13.79 21.01 -33.42
N ARG A 215 -14.78 21.21 -34.29
CA ARG A 215 -15.80 20.19 -34.56
C ARG A 215 -15.36 19.28 -35.71
N GLN A 216 -15.99 18.11 -35.81
CA GLN A 216 -15.56 17.11 -36.79
C GLN A 216 -16.67 16.62 -37.72
N GLN A 217 -16.35 15.62 -38.55
CA GLN A 217 -17.30 14.97 -39.45
C GLN A 217 -18.42 14.28 -38.67
N ASP A 218 -18.50 14.55 -37.37
CA ASP A 218 -19.49 13.93 -36.49
C ASP A 218 -19.86 14.84 -35.32
N GLY A 219 -19.70 16.15 -35.47
CA GLY A 219 -20.14 17.09 -34.46
C GLY A 219 -19.23 17.25 -33.25
N SER A 220 -18.69 16.15 -32.74
CA SER A 220 -17.89 16.19 -31.52
C SER A 220 -16.63 17.03 -31.71
N VAL A 221 -15.91 17.26 -30.61
CA VAL A 221 -14.90 18.31 -30.53
C VAL A 221 -13.53 17.71 -30.25
N ARG A 222 -12.53 18.15 -31.02
CA ARG A 222 -11.11 17.93 -30.74
C ARG A 222 -10.56 19.22 -30.17
N GLY A 223 -9.93 19.13 -29.00
CA GLY A 223 -9.47 20.31 -28.28
C GLY A 223 -10.30 20.64 -27.05
N ASP A 224 -10.37 21.93 -26.70
CA ASP A 224 -11.14 22.37 -25.54
C ASP A 224 -12.57 22.69 -25.97
N PRO A 225 -13.58 21.97 -25.46
CA PRO A 225 -14.97 22.32 -25.81
C PRO A 225 -15.44 23.63 -25.21
N ALA A 226 -14.78 24.14 -24.17
CA ALA A 226 -15.19 25.43 -23.61
C ALA A 226 -14.97 26.58 -24.58
N ASN A 227 -14.01 26.45 -25.49
CA ASN A 227 -13.60 27.54 -26.39
C ASN A 227 -14.02 27.30 -27.84
N VAL A 228 -15.08 26.52 -28.07
CA VAL A 228 -15.51 26.24 -29.44
C VAL A 228 -16.00 27.51 -30.11
N GLU A 229 -16.81 28.29 -29.40
CA GLU A 229 -17.35 29.52 -29.96
C GLU A 229 -16.25 30.49 -30.36
N ILE A 230 -15.27 30.71 -29.47
CA ILE A 230 -14.24 31.70 -29.78
C ILE A 230 -13.31 31.17 -30.86
N THR A 231 -13.08 29.85 -30.89
CA THR A 231 -12.32 29.23 -31.98
C THR A 231 -12.97 29.50 -33.33
N GLU A 232 -14.30 29.46 -33.38
CA GLU A 232 -14.99 29.70 -34.65
C GLU A 232 -14.97 31.17 -35.03
N LEU A 233 -14.90 32.07 -34.05
CA LEU A 233 -14.72 33.49 -34.36
C LEU A 233 -13.31 33.75 -34.92
N CYS A 234 -12.29 33.13 -34.32
CA CYS A 234 -10.93 33.33 -34.77
C CYS A 234 -10.73 32.83 -36.20
N ILE A 235 -11.26 31.65 -36.51
CA ILE A 235 -11.20 31.15 -37.88
C ILE A 235 -11.96 32.09 -38.82
N GLN A 236 -13.11 32.58 -38.35
CA GLN A 236 -13.93 33.47 -39.18
C GLN A 236 -13.18 34.74 -39.57
N HIS A 237 -12.36 35.28 -38.66
CA HIS A 237 -11.65 36.53 -38.88
C HIS A 237 -10.25 36.31 -39.46
N GLY A 238 -9.98 35.14 -40.04
CA GLY A 238 -8.79 34.95 -40.86
C GLY A 238 -7.77 33.97 -40.34
N TRP A 239 -7.95 33.38 -39.16
CA TRP A 239 -6.93 32.52 -38.59
C TRP A 239 -6.92 31.15 -39.26
N THR A 240 -5.71 30.67 -39.56
CA THR A 240 -5.49 29.33 -40.07
C THR A 240 -5.56 28.32 -38.94
N PRO A 241 -6.62 27.50 -38.87
CA PRO A 241 -6.76 26.56 -37.75
C PRO A 241 -5.76 25.43 -37.82
N GLY A 242 -5.20 25.07 -36.67
CA GLY A 242 -4.34 23.92 -36.55
C GLY A 242 -5.11 22.62 -36.52
N ASN A 243 -4.38 21.53 -36.31
CA ASN A 243 -4.97 20.20 -36.28
C ASN A 243 -4.95 19.55 -34.91
N GLY A 244 -4.37 20.21 -33.90
CA GLY A 244 -4.07 19.56 -32.64
C GLY A 244 -5.15 19.73 -31.58
N ARG A 245 -4.86 19.17 -30.40
CA ARG A 245 -5.74 19.26 -29.25
C ARG A 245 -5.30 20.32 -28.25
N PHE A 246 -4.17 20.98 -28.49
CA PHE A 246 -3.62 22.01 -27.61
C PHE A 246 -3.02 23.14 -28.44
N ASP A 247 -3.78 23.60 -29.44
CA ASP A 247 -3.35 24.75 -30.23
C ASP A 247 -3.73 26.01 -29.47
N VAL A 248 -2.74 26.86 -29.21
CA VAL A 248 -3.03 28.11 -28.50
C VAL A 248 -3.72 29.06 -29.47
N LEU A 249 -4.89 29.54 -29.08
CA LEU A 249 -5.65 30.40 -29.95
C LEU A 249 -4.99 31.78 -30.06
N PRO A 250 -5.26 32.51 -31.14
CA PRO A 250 -4.80 33.90 -31.23
C PRO A 250 -5.76 34.86 -30.55
N LEU A 251 -5.23 36.02 -30.19
CA LEU A 251 -6.03 37.05 -29.52
C LEU A 251 -6.86 37.84 -30.53
N LEU A 252 -8.08 38.16 -30.13
CA LEU A 252 -8.94 39.08 -30.88
C LEU A 252 -9.13 40.33 -30.04
N LEU A 253 -8.43 41.40 -30.44
CA LEU A 253 -8.42 42.65 -29.68
C LEU A 253 -9.22 43.71 -30.42
N GLN A 254 -10.05 44.43 -29.67
CA GLN A 254 -11.06 45.34 -30.22
C GLN A 254 -10.72 46.77 -29.82
N ALA A 255 -10.21 47.54 -30.77
CA ALA A 255 -10.10 48.98 -30.58
C ALA A 255 -11.48 49.61 -30.75
N PRO A 256 -11.77 50.69 -30.02
CA PRO A 256 -13.10 51.30 -30.09
C PRO A 256 -13.58 51.61 -31.51
N ASP A 257 -14.83 51.24 -31.77
CA ASP A 257 -15.57 51.54 -32.99
C ASP A 257 -14.93 50.96 -34.26
N GLU A 258 -13.82 50.27 -34.12
CA GLU A 258 -13.33 49.43 -35.20
C GLU A 258 -13.72 47.98 -34.94
N PRO A 259 -13.69 47.12 -35.94
CA PRO A 259 -13.90 45.68 -35.69
C PRO A 259 -12.72 45.11 -34.91
N PRO A 260 -12.75 43.82 -34.59
CA PRO A 260 -11.58 43.20 -33.95
C PRO A 260 -10.50 42.87 -34.97
N GLU A 261 -9.29 42.68 -34.45
CA GLU A 261 -8.12 42.35 -35.26
C GLU A 261 -7.42 41.14 -34.65
N LEU A 262 -7.03 40.19 -35.50
CA LEU A 262 -6.38 38.97 -35.03
C LEU A 262 -4.90 39.22 -34.73
N PHE A 263 -4.43 38.68 -33.60
CA PHE A 263 -3.04 38.84 -33.19
C PHE A 263 -2.49 37.49 -32.77
N LEU A 264 -1.51 36.99 -33.52
CA LEU A 264 -0.89 35.70 -33.23
C LEU A 264 0.10 35.85 -32.09
N LEU A 265 -0.05 35.02 -31.06
CA LEU A 265 0.80 35.18 -29.89
C LEU A 265 2.20 34.63 -30.18
N PRO A 266 3.24 35.33 -29.74
CA PRO A 266 4.60 34.81 -29.86
C PRO A 266 4.75 33.51 -29.07
N PRO A 267 5.05 32.40 -29.75
CA PRO A 267 5.06 31.10 -29.08
C PRO A 267 6.07 31.00 -27.94
N GLU A 268 7.18 31.73 -28.01
CA GLU A 268 8.10 31.74 -26.89
C GLU A 268 7.56 32.53 -25.70
N LEU A 269 6.45 33.25 -25.86
CA LEU A 269 5.85 33.99 -24.76
C LEU A 269 4.74 33.22 -24.04
N VAL A 270 4.30 32.09 -24.60
CA VAL A 270 3.26 31.27 -23.99
C VAL A 270 3.96 30.10 -23.32
N LEU A 271 4.23 30.24 -22.03
CA LEU A 271 4.91 29.19 -21.30
C LEU A 271 3.93 28.05 -21.00
N GLU A 272 4.31 26.83 -21.37
CA GLU A 272 3.43 25.68 -21.19
C GLU A 272 4.17 24.57 -20.47
N VAL A 273 3.40 23.67 -19.87
CA VAL A 273 3.95 22.58 -19.07
C VAL A 273 3.44 21.26 -19.64
N PRO A 274 4.30 20.48 -20.29
CA PRO A 274 3.92 19.10 -20.61
C PRO A 274 3.67 18.34 -19.31
N LEU A 275 2.72 17.42 -19.34
CA LEU A 275 2.26 16.78 -18.12
C LEU A 275 2.78 15.35 -18.07
N GLU A 276 3.44 15.01 -16.98
CA GLU A 276 3.93 13.66 -16.72
C GLU A 276 3.62 13.31 -15.27
N HIS A 277 3.64 12.02 -14.98
CA HIS A 277 3.38 11.56 -13.62
C HIS A 277 4.67 11.02 -13.02
N PRO A 278 4.90 11.23 -11.72
CA PRO A 278 6.19 10.82 -11.13
C PRO A 278 6.47 9.33 -11.23
N THR A 279 5.46 8.48 -11.02
CA THR A 279 5.67 7.05 -11.05
C THR A 279 4.93 6.32 -12.17
N LEU A 280 3.92 6.94 -12.78
CA LEU A 280 3.19 6.33 -13.89
C LEU A 280 3.86 6.80 -15.18
N GLU A 281 4.68 5.93 -15.77
CA GLU A 281 5.56 6.30 -16.87
C GLU A 281 4.82 6.53 -18.18
N TRP A 282 3.65 5.90 -18.36
CA TRP A 282 2.84 6.10 -19.55
C TRP A 282 2.12 7.46 -19.59
N PHE A 283 1.93 8.12 -18.44
CA PHE A 283 1.14 9.36 -18.40
C PHE A 283 1.65 10.40 -19.39
N ALA A 284 2.98 10.54 -19.50
CA ALA A 284 3.56 11.49 -20.44
C ALA A 284 3.12 11.18 -21.87
N ALA A 285 2.92 9.90 -22.18
CA ALA A 285 2.58 9.52 -23.56
C ALA A 285 1.18 9.99 -23.94
N LEU A 286 0.31 10.22 -22.95
CA LEU A 286 -1.01 10.76 -23.23
C LEU A 286 -0.95 12.14 -23.89
N GLY A 287 0.22 12.78 -23.91
CA GLY A 287 0.39 14.03 -24.62
C GLY A 287 -0.28 15.25 -24.01
N LEU A 288 -0.62 15.19 -22.73
CA LEU A 288 -1.35 16.30 -22.11
C LEU A 288 -0.42 17.45 -21.79
N ARG A 289 -0.95 18.68 -21.92
CA ARG A 289 -0.23 19.91 -21.64
C ARG A 289 -1.19 20.90 -21.00
N TRP A 290 -0.66 21.85 -20.23
CA TRP A 290 -1.44 23.03 -19.86
C TRP A 290 -0.49 24.23 -19.80
N TYR A 291 -1.08 25.42 -19.83
CA TYR A 291 -0.31 26.66 -19.85
C TYR A 291 -0.10 27.21 -18.42
N ALA A 292 0.98 28.00 -18.28
CA ALA A 292 1.37 28.51 -16.97
C ALA A 292 0.48 29.66 -16.49
N LEU A 293 0.13 30.59 -17.35
CA LEU A 293 -0.45 31.84 -16.86
C LEU A 293 -1.97 31.84 -16.98
N PRO A 294 -2.72 31.78 -15.87
CA PRO A 294 -4.17 32.00 -15.95
C PRO A 294 -4.42 33.50 -15.93
N ALA A 295 -5.03 34.01 -17.00
CA ALA A 295 -5.14 35.46 -17.19
C ALA A 295 -6.53 35.77 -17.71
N VAL A 296 -7.41 36.20 -16.81
CA VAL A 296 -8.81 36.46 -17.13
C VAL A 296 -8.91 37.78 -17.89
N SER A 297 -9.42 37.71 -19.12
CA SER A 297 -9.38 38.86 -20.02
C SER A 297 -10.76 39.28 -20.50
N ASN A 298 -11.82 38.92 -19.80
CA ASN A 298 -13.16 39.33 -20.24
C ASN A 298 -13.99 39.96 -19.13
N MET A 299 -13.43 40.23 -17.97
CA MET A 299 -14.21 40.80 -16.88
C MET A 299 -14.01 42.31 -16.83
N LEU A 300 -14.90 42.97 -16.10
CA LEU A 300 -15.02 44.42 -16.17
C LEU A 300 -14.68 44.98 -14.79
N LEU A 301 -13.62 45.78 -14.76
CA LEU A 301 -13.16 46.42 -13.53
C LEU A 301 -13.94 47.70 -13.30
N GLU A 302 -14.58 47.80 -12.14
CA GLU A 302 -15.34 48.98 -11.77
C GLU A 302 -14.71 49.56 -10.51
N ILE A 303 -14.20 50.78 -10.63
CA ILE A 303 -13.63 51.52 -9.50
C ILE A 303 -14.30 52.88 -9.43
N GLY A 304 -14.79 53.25 -8.25
CA GLY A 304 -15.31 54.60 -8.04
C GLY A 304 -16.30 55.04 -9.08
N GLY A 305 -17.14 54.13 -9.56
CA GLY A 305 -18.11 54.47 -10.57
C GLY A 305 -17.57 54.49 -11.98
N LEU A 306 -16.27 54.32 -12.16
CA LEU A 306 -15.68 54.21 -13.49
C LEU A 306 -15.63 52.75 -13.89
N GLU A 307 -15.77 52.51 -15.19
CA GLU A 307 -15.88 51.16 -15.70
C GLU A 307 -14.78 50.89 -16.72
N PHE A 308 -14.00 49.83 -16.48
CA PHE A 308 -12.92 49.46 -17.37
C PHE A 308 -13.24 48.11 -18.01
N PRO A 309 -13.91 48.10 -19.18
CA PRO A 309 -14.30 46.81 -19.80
C PRO A 309 -13.12 45.97 -20.29
N ALA A 310 -11.90 46.50 -20.29
CA ALA A 310 -10.71 45.80 -20.73
C ALA A 310 -9.65 46.03 -19.65
N ALA A 311 -9.44 45.03 -18.81
CA ALA A 311 -8.53 45.15 -17.66
C ALA A 311 -8.07 43.76 -17.24
N PRO A 312 -7.22 43.12 -18.05
CA PRO A 312 -6.84 41.72 -17.76
C PRO A 312 -5.99 41.61 -16.51
N PHE A 313 -6.29 40.60 -15.70
CA PHE A 313 -5.56 40.27 -14.49
C PHE A 313 -5.09 38.82 -14.53
N SER A 314 -4.01 38.54 -13.81
CA SER A 314 -3.42 37.22 -13.86
C SER A 314 -2.70 36.95 -12.55
N GLY A 315 -2.63 35.66 -12.20
CA GLY A 315 -1.91 35.20 -11.03
C GLY A 315 -1.19 33.91 -11.32
N TRP A 316 -1.49 32.88 -10.54
CA TRP A 316 -1.01 31.54 -10.83
C TRP A 316 -2.11 30.56 -10.47
N TYR A 317 -2.07 29.39 -11.10
CA TYR A 317 -3.09 28.37 -10.95
C TYR A 317 -3.03 27.71 -9.58
N MET A 318 -4.19 27.28 -9.10
CA MET A 318 -4.34 26.21 -8.12
C MET A 318 -4.50 24.88 -8.87
N SER A 319 -3.84 23.84 -8.37
CA SER A 319 -3.71 22.63 -9.19
C SER A 319 -5.08 22.03 -9.57
N THR A 320 -6.10 22.16 -8.71
CA THR A 320 -7.36 21.50 -9.09
C THR A 320 -8.07 22.21 -10.24
N GLU A 321 -7.80 23.48 -10.46
CA GLU A 321 -8.35 24.14 -11.65
C GLU A 321 -7.96 23.39 -12.92
N ILE A 322 -6.69 23.01 -13.04
CA ILE A 322 -6.23 22.30 -14.23
C ILE A 322 -6.58 20.82 -14.14
N GLY A 323 -6.17 20.16 -13.05
CA GLY A 323 -6.28 18.71 -12.97
C GLY A 323 -7.71 18.21 -12.83
N THR A 324 -8.55 18.93 -12.10
CA THR A 324 -9.91 18.46 -11.88
C THR A 324 -10.90 19.07 -12.86
N ARG A 325 -10.98 20.40 -12.95
CA ARG A 325 -12.02 21.00 -13.78
C ARG A 325 -11.65 20.96 -15.26
N ASN A 326 -10.48 21.50 -15.62
CA ASN A 326 -10.14 21.65 -17.04
C ASN A 326 -9.97 20.29 -17.70
N LEU A 327 -9.26 19.37 -17.05
CA LEU A 327 -8.99 18.08 -17.67
C LEU A 327 -10.09 17.06 -17.46
N CYS A 328 -10.86 17.13 -16.35
CA CYS A 328 -11.77 16.04 -16.02
C CYS A 328 -13.26 16.37 -16.08
N ASP A 329 -13.66 17.63 -16.18
CA ASP A 329 -15.08 17.93 -16.37
C ASP A 329 -15.58 17.19 -17.61
N PRO A 330 -16.80 16.64 -17.58
CA PRO A 330 -17.28 15.88 -18.75
C PRO A 330 -17.42 16.74 -19.98
N HIS A 331 -17.65 18.04 -19.82
CA HIS A 331 -17.77 18.97 -20.92
C HIS A 331 -16.46 19.65 -21.24
N ARG A 332 -15.38 19.23 -20.60
CA ARG A 332 -14.09 19.82 -20.91
C ARG A 332 -13.25 18.75 -21.58
N TYR A 333 -12.03 18.53 -21.12
CA TYR A 333 -11.22 17.53 -21.80
C TYR A 333 -11.65 16.09 -21.49
N ASN A 334 -12.37 15.87 -20.39
CA ASN A 334 -13.06 14.59 -20.15
C ASN A 334 -12.10 13.39 -20.26
N ILE A 335 -10.96 13.47 -19.58
CA ILE A 335 -9.93 12.44 -19.74
C ILE A 335 -10.05 11.35 -18.70
N LEU A 336 -11.03 11.44 -17.80
CA LEU A 336 -11.04 10.61 -16.60
C LEU A 336 -11.02 9.12 -16.94
N GLU A 337 -11.83 8.69 -17.91
CA GLU A 337 -11.88 7.27 -18.22
C GLU A 337 -10.59 6.80 -18.89
N ASP A 338 -9.98 7.66 -19.71
CA ASP A 338 -8.74 7.28 -20.41
C ASP A 338 -7.60 7.02 -19.43
N VAL A 339 -7.48 7.86 -18.41
CA VAL A 339 -6.45 7.65 -17.39
C VAL A 339 -6.74 6.41 -16.56
N ALA A 340 -8.02 6.11 -16.30
CA ALA A 340 -8.37 4.95 -15.50
C ALA A 340 -8.11 3.63 -16.23
N VAL A 341 -8.31 3.61 -17.55
CA VAL A 341 -7.94 2.43 -18.35
C VAL A 341 -6.44 2.17 -18.24
N CYS A 342 -5.64 3.23 -18.34
CA CYS A 342 -4.19 3.07 -18.25
C CYS A 342 -3.75 2.62 -16.87
N MET A 343 -4.50 2.99 -15.83
CA MET A 343 -4.24 2.50 -14.48
C MET A 343 -4.81 1.13 -14.25
N ASP A 344 -5.43 0.53 -15.27
CA ASP A 344 -6.05 -0.79 -15.19
C ASP A 344 -7.12 -0.86 -14.11
N LEU A 345 -7.82 0.25 -13.89
CA LEU A 345 -8.86 0.29 -12.86
C LEU A 345 -10.14 -0.38 -13.33
N ASP A 346 -10.96 -0.76 -12.35
CA ASP A 346 -12.23 -1.41 -12.66
C ASP A 346 -13.27 -0.34 -12.96
N THR A 347 -13.42 -0.01 -14.24
CA THR A 347 -14.41 0.98 -14.63
C THR A 347 -15.80 0.40 -14.76
N ARG A 348 -16.02 -0.86 -14.41
CA ARG A 348 -17.34 -1.47 -14.58
C ARG A 348 -18.28 -1.19 -13.42
N THR A 349 -17.76 -0.82 -12.24
CA THR A 349 -18.62 -0.50 -11.10
C THR A 349 -18.20 0.84 -10.50
N THR A 350 -19.20 1.68 -10.21
CA THR A 350 -18.91 2.99 -9.64
C THR A 350 -18.33 2.90 -8.25
N SER A 351 -18.66 1.84 -7.52
CA SER A 351 -18.21 1.69 -6.14
C SER A 351 -16.76 1.22 -6.02
N SER A 352 -16.08 0.92 -7.13
CA SER A 352 -14.63 0.78 -7.06
C SER A 352 -13.93 2.12 -6.82
N LEU A 353 -14.67 3.23 -6.92
CA LEU A 353 -14.15 4.60 -6.85
C LEU A 353 -13.02 4.83 -7.86
N TRP A 354 -13.08 4.15 -9.01
CA TRP A 354 -12.09 4.35 -10.06
C TRP A 354 -12.02 5.82 -10.48
N LYS A 355 -13.17 6.49 -10.61
CA LYS A 355 -13.15 7.92 -10.94
C LYS A 355 -12.29 8.69 -9.94
N ASP A 356 -12.50 8.44 -8.64
CA ASP A 356 -11.80 9.19 -7.62
C ASP A 356 -10.30 8.91 -7.67
N LYS A 357 -9.91 7.65 -7.94
CA LYS A 357 -8.49 7.32 -7.99
C LYS A 357 -7.82 7.98 -9.18
N ALA A 358 -8.47 7.96 -10.34
CA ALA A 358 -7.84 8.53 -11.52
C ALA A 358 -7.72 10.04 -11.39
N ALA A 359 -8.71 10.66 -10.76
CA ALA A 359 -8.69 12.10 -10.58
C ALA A 359 -7.54 12.52 -9.67
N VAL A 360 -7.30 11.77 -8.58
CA VAL A 360 -6.21 12.14 -7.69
C VAL A 360 -4.88 12.07 -8.42
N GLU A 361 -4.70 11.04 -9.26
CA GLU A 361 -3.42 10.91 -9.96
C GLU A 361 -3.25 11.99 -11.01
N ILE A 362 -4.35 12.44 -11.64
CA ILE A 362 -4.26 13.53 -12.59
C ILE A 362 -3.82 14.81 -11.88
N ASN A 363 -4.35 15.05 -10.67
CA ASN A 363 -3.87 16.18 -9.89
C ASN A 363 -2.41 15.99 -9.45
N VAL A 364 -2.03 14.77 -9.11
CA VAL A 364 -0.63 14.52 -8.75
C VAL A 364 0.28 14.88 -9.90
N ALA A 365 -0.10 14.50 -11.12
CA ALA A 365 0.72 14.79 -12.28
C ALA A 365 0.81 16.29 -12.53
N VAL A 366 -0.29 17.03 -12.32
CA VAL A 366 -0.24 18.47 -12.55
C VAL A 366 0.78 19.11 -11.62
N LEU A 367 0.63 18.87 -10.31
CA LEU A 367 1.57 19.44 -9.33
C LEU A 367 3.01 19.05 -9.66
N HIS A 368 3.26 17.76 -9.85
CA HIS A 368 4.61 17.28 -10.16
C HIS A 368 5.18 17.96 -11.40
N SER A 369 4.35 18.11 -12.44
CA SER A 369 4.82 18.67 -13.70
C SER A 369 5.18 20.16 -13.52
N TYR A 370 4.26 20.93 -12.94
CA TYR A 370 4.53 22.36 -12.73
C TYR A 370 5.75 22.56 -11.83
N GLN A 371 5.90 21.73 -10.78
CA GLN A 371 7.06 21.86 -9.91
C GLN A 371 8.35 21.51 -10.66
N LEU A 372 8.32 20.43 -11.44
CA LEU A 372 9.52 20.03 -12.18
C LEU A 372 9.92 21.08 -13.20
N ALA A 373 8.94 21.72 -13.83
CA ALA A 373 9.22 22.80 -14.77
C ALA A 373 9.47 24.14 -14.09
N LYS A 374 9.50 24.19 -12.76
CA LYS A 374 9.69 25.44 -12.01
C LYS A 374 8.67 26.51 -12.44
N VAL A 375 7.40 26.14 -12.43
CA VAL A 375 6.31 27.07 -12.65
C VAL A 375 5.50 27.15 -11.36
N THR A 376 5.29 28.37 -10.87
CA THR A 376 4.50 28.59 -9.67
C THR A 376 3.14 27.89 -9.77
N ILE A 377 2.80 27.11 -8.75
CA ILE A 377 1.48 26.48 -8.64
C ILE A 377 1.22 26.17 -7.17
N VAL A 378 -0.05 26.05 -6.81
CA VAL A 378 -0.41 25.84 -5.40
C VAL A 378 -1.51 24.78 -5.31
N ASP A 379 -1.32 23.81 -4.42
CA ASP A 379 -2.31 22.75 -4.28
C ASP A 379 -3.50 23.23 -3.46
N HIS A 380 -4.60 22.49 -3.55
CA HIS A 380 -5.82 22.98 -2.90
C HIS A 380 -5.74 22.94 -1.37
N HIS A 381 -4.87 22.11 -0.77
CA HIS A 381 -4.75 22.13 0.69
C HIS A 381 -4.00 23.38 1.15
N ALA A 382 -2.85 23.66 0.54
CA ALA A 382 -2.12 24.88 0.87
C ALA A 382 -2.96 26.12 0.59
N ALA A 383 -3.66 26.13 -0.55
CA ALA A 383 -4.45 27.28 -0.95
C ALA A 383 -5.55 27.59 0.07
N THR A 384 -6.31 26.56 0.49
CA THR A 384 -7.42 26.80 1.39
C THR A 384 -6.93 27.13 2.79
N ALA A 385 -5.82 26.51 3.24
CA ALA A 385 -5.27 26.90 4.53
C ALA A 385 -4.87 28.38 4.53
N SER A 386 -4.28 28.84 3.42
CA SER A 386 -3.94 30.25 3.31
CA SER A 386 -3.95 30.26 3.31
C SER A 386 -5.19 31.13 3.33
N PHE A 387 -6.31 30.61 2.81
CA PHE A 387 -7.51 31.42 2.77
C PHE A 387 -8.12 31.54 4.15
N MET A 388 -8.03 30.49 4.97
CA MET A 388 -8.45 30.60 6.36
C MET A 388 -7.68 31.69 7.07
N LYS A 389 -6.39 31.82 6.74
CA LYS A 389 -5.59 32.90 7.32
C LYS A 389 -6.04 34.24 6.78
N HIS A 390 -6.41 34.29 5.50
CA HIS A 390 -6.95 35.53 4.95
C HIS A 390 -8.23 35.92 5.69
N LEU A 391 -9.11 34.94 5.95
CA LEU A 391 -10.33 35.24 6.71
C LEU A 391 -10.00 35.86 8.05
N GLU A 392 -9.03 35.30 8.77
CA GLU A 392 -8.72 35.83 10.09
C GLU A 392 -8.17 37.26 10.00
N ASN A 393 -7.23 37.51 9.08
CA ASN A 393 -6.76 38.87 8.80
C ASN A 393 -7.93 39.80 8.51
N GLU A 394 -8.82 39.38 7.60
CA GLU A 394 -9.90 40.26 7.17
C GLU A 394 -10.85 40.57 8.30
N GLN A 395 -11.06 39.61 9.21
CA GLN A 395 -11.93 39.82 10.36
C GLN A 395 -11.41 40.95 11.23
N LYS A 396 -10.10 40.97 11.49
CA LYS A 396 -9.55 42.05 12.30
C LYS A 396 -9.47 43.35 11.52
N ALA A 397 -9.15 43.30 10.22
CA ALA A 397 -8.95 44.53 9.46
C ALA A 397 -10.27 45.22 9.13
N ARG A 398 -11.19 44.51 8.47
CA ARG A 398 -12.43 45.10 7.99
C ARG A 398 -13.69 44.53 8.64
N GLY A 399 -13.55 43.61 9.59
CA GLY A 399 -14.71 43.04 10.24
C GLY A 399 -15.48 42.06 9.41
N GLY A 400 -14.81 41.34 8.51
CA GLY A 400 -15.49 40.34 7.70
C GLY A 400 -14.88 40.22 6.32
N CYS A 401 -15.48 39.33 5.53
CA CYS A 401 -14.92 39.04 4.23
C CYS A 401 -15.99 38.38 3.36
N PRO A 402 -16.33 38.98 2.23
CA PRO A 402 -17.32 38.37 1.33
C PRO A 402 -16.73 37.14 0.66
N ALA A 403 -17.35 36.00 0.88
CA ALA A 403 -16.82 34.73 0.38
C ALA A 403 -17.96 33.86 -0.12
N ASP A 404 -17.72 33.21 -1.25
CA ASP A 404 -18.71 32.40 -1.94
C ASP A 404 -18.35 30.93 -1.70
N TRP A 405 -19.01 30.33 -0.70
CA TRP A 405 -18.65 29.00 -0.21
C TRP A 405 -18.46 28.01 -1.35
N ALA A 406 -19.46 27.89 -2.23
CA ALA A 406 -19.39 26.92 -3.32
C ALA A 406 -18.17 27.08 -4.21
N TRP A 407 -17.58 28.27 -4.29
CA TRP A 407 -16.38 28.45 -5.11
C TRP A 407 -15.09 28.44 -4.31
N ILE A 408 -15.15 28.70 -3.01
CA ILE A 408 -13.94 28.60 -2.18
C ILE A 408 -13.60 27.13 -1.95
N VAL A 409 -14.61 26.30 -1.68
CA VAL A 409 -14.36 24.87 -1.46
C VAL A 409 -13.85 24.23 -2.75
N PRO A 410 -12.72 23.55 -2.72
CA PRO A 410 -12.16 22.95 -3.94
C PRO A 410 -13.05 21.87 -4.50
N PRO A 411 -12.90 21.52 -5.78
CA PRO A 411 -13.80 20.54 -6.43
C PRO A 411 -13.43 19.08 -6.22
N ILE A 412 -12.30 18.79 -5.58
CA ILE A 412 -12.00 17.46 -5.06
C ILE A 412 -11.70 17.64 -3.59
N SER A 413 -12.02 16.61 -2.80
CA SER A 413 -11.63 16.54 -1.38
C SER A 413 -12.13 17.73 -0.57
N GLY A 414 -13.32 18.25 -0.92
CA GLY A 414 -13.94 19.36 -0.22
C GLY A 414 -13.82 19.35 1.31
N SER A 415 -14.39 18.35 1.99
CA SER A 415 -14.38 18.36 3.45
C SER A 415 -13.02 18.05 4.05
N LEU A 416 -12.03 17.66 3.22
CA LEU A 416 -10.67 17.52 3.71
C LEU A 416 -9.95 18.88 3.84
N THR A 417 -10.54 19.96 3.31
CA THR A 417 -9.94 21.27 3.46
C THR A 417 -10.67 22.04 4.54
N PRO A 418 -10.03 23.04 5.16
CA PRO A 418 -10.67 23.70 6.31
C PRO A 418 -11.81 24.63 5.94
N VAL A 419 -11.82 25.20 4.73
CA VAL A 419 -12.90 26.09 4.31
C VAL A 419 -14.24 25.38 4.28
N PHE A 420 -14.25 24.05 4.08
CA PHE A 420 -15.51 23.29 4.06
C PHE A 420 -16.32 23.50 5.33
N HIS A 421 -15.64 23.47 6.47
CA HIS A 421 -16.30 23.54 7.77
C HIS A 421 -16.46 24.97 8.26
N GLN A 422 -16.14 25.94 7.41
CA GLN A 422 -16.25 27.36 7.71
C GLN A 422 -17.51 27.93 7.06
N GLU A 423 -18.41 28.49 7.89
CA GLU A 423 -19.53 29.25 7.37
C GLU A 423 -19.04 30.56 6.76
N MET A 424 -19.72 30.99 5.68
CA MET A 424 -19.30 32.15 4.91
C MET A 424 -20.51 33.01 4.54
N VAL A 425 -20.27 34.30 4.42
CA VAL A 425 -21.28 35.28 4.01
C VAL A 425 -20.85 35.87 2.67
N ASN A 426 -21.77 35.87 1.71
CA ASN A 426 -21.54 36.35 0.36
C ASN A 426 -22.30 37.64 0.14
N TYR A 427 -21.63 38.65 -0.44
CA TYR A 427 -22.24 39.94 -0.72
C TYR A 427 -21.29 40.74 -1.61
N PHE A 428 -21.78 41.88 -2.11
CA PHE A 428 -21.08 42.66 -3.12
C PHE A 428 -20.54 43.95 -2.50
N LEU A 429 -19.22 44.13 -2.56
CA LEU A 429 -18.57 45.37 -2.19
C LEU A 429 -17.91 46.01 -3.42
N SER A 430 -17.78 47.32 -3.39
CA SER A 430 -17.06 48.02 -4.43
C SER A 430 -15.74 48.59 -3.88
N PRO A 431 -14.66 48.64 -4.69
CA PRO A 431 -14.59 48.25 -6.11
C PRO A 431 -14.63 46.75 -6.34
N ALA A 432 -14.90 46.34 -7.58
CA ALA A 432 -15.17 44.93 -7.84
C ALA A 432 -14.79 44.57 -9.27
N PHE A 433 -14.54 43.29 -9.49
CA PHE A 433 -14.61 42.69 -10.81
C PHE A 433 -16.02 42.19 -11.06
N ARG A 434 -16.61 42.61 -12.17
CA ARG A 434 -17.97 42.23 -12.56
C ARG A 434 -17.93 41.44 -13.85
N TYR A 435 -18.88 40.51 -14.01
CA TYR A 435 -19.12 39.91 -15.31
C TYR A 435 -19.73 40.94 -16.26
N GLN A 436 -19.60 40.68 -17.56
CA GLN A 436 -20.08 41.62 -18.56
C GLN A 436 -20.48 40.87 -19.83
N PRO A 437 -21.45 41.38 -20.58
CA PRO A 437 -21.88 40.70 -21.82
C PRO A 437 -20.72 40.53 -22.80
N ASP A 438 -20.89 39.59 -23.73
CA ASP A 438 -19.91 39.43 -24.78
C ASP A 438 -20.08 40.53 -25.84
N PRO A 439 -18.98 41.11 -26.33
CA PRO A 439 -19.09 42.27 -27.24
C PRO A 439 -19.57 41.89 -28.63
N TRP A 440 -20.59 41.05 -28.71
CA TRP A 440 -21.17 40.64 -29.99
C TRP A 440 -22.54 40.00 -29.78
N PHE B 28 -39.55 33.96 -12.46
CA PHE B 28 -39.11 32.62 -12.12
C PHE B 28 -37.61 32.44 -12.31
N PRO B 29 -36.96 31.82 -11.32
CA PRO B 29 -35.49 31.63 -11.40
C PRO B 29 -35.10 30.62 -12.47
N ARG B 30 -34.12 31.00 -13.30
CA ARG B 30 -33.62 30.12 -14.35
C ARG B 30 -32.40 29.34 -13.86
N VAL B 31 -32.36 28.05 -14.20
CA VAL B 31 -31.48 27.07 -13.60
C VAL B 31 -30.76 26.32 -14.71
N LYS B 32 -29.43 26.38 -14.72
CA LYS B 32 -28.64 25.76 -15.78
C LYS B 32 -27.93 24.50 -15.27
N ASN B 33 -27.85 23.50 -16.14
CA ASN B 33 -26.96 22.36 -15.93
C ASN B 33 -25.73 22.61 -16.79
N TRP B 34 -24.62 22.91 -16.14
CA TRP B 34 -23.45 23.37 -16.88
C TRP B 34 -22.75 22.24 -17.61
N GLU B 35 -23.07 21.00 -17.31
CA GLU B 35 -22.46 19.87 -17.99
C GLU B 35 -23.10 19.58 -19.35
N VAL B 36 -24.42 19.76 -19.46
CA VAL B 36 -25.16 19.41 -20.66
C VAL B 36 -25.63 20.62 -21.45
N GLY B 37 -25.90 21.75 -20.79
CA GLY B 37 -26.59 22.86 -21.43
C GLY B 37 -28.07 22.94 -21.10
N SER B 38 -28.60 22.00 -20.32
CA SER B 38 -29.99 22.05 -19.88
C SER B 38 -30.32 23.38 -19.21
N ILE B 39 -31.54 23.86 -19.43
CA ILE B 39 -32.07 25.03 -18.74
C ILE B 39 -33.53 24.79 -18.37
N THR B 40 -33.86 25.00 -17.09
CA THR B 40 -35.23 24.91 -16.59
C THR B 40 -35.55 26.16 -15.79
N TYR B 41 -36.81 26.27 -15.39
CA TYR B 41 -37.30 27.38 -14.59
C TYR B 41 -38.03 26.82 -13.38
N ASP B 42 -37.58 27.21 -12.20
CA ASP B 42 -38.16 26.70 -10.96
C ASP B 42 -39.40 27.54 -10.66
N THR B 43 -40.54 27.07 -11.17
CA THR B 43 -41.81 27.72 -10.87
C THR B 43 -42.34 27.32 -9.50
N LEU B 44 -41.87 26.19 -8.94
CA LEU B 44 -42.34 25.78 -7.63
C LEU B 44 -41.78 26.66 -6.51
N SER B 45 -40.64 27.29 -6.73
CA SER B 45 -40.08 28.18 -5.71
C SER B 45 -41.03 29.33 -5.37
N ALA B 46 -41.86 29.76 -6.32
CA ALA B 46 -42.76 30.88 -6.07
C ALA B 46 -43.82 30.55 -5.04
N GLN B 47 -44.15 29.27 -4.84
CA GLN B 47 -45.08 28.86 -3.81
C GLN B 47 -44.42 28.64 -2.46
N ALA B 48 -43.13 28.90 -2.33
CA ALA B 48 -42.46 28.69 -1.05
C ALA B 48 -43.08 29.59 0.01
N GLN B 49 -43.63 28.98 1.06
CA GLN B 49 -44.36 29.78 2.04
C GLN B 49 -43.41 30.40 3.06
N GLN B 50 -42.70 29.57 3.82
CA GLN B 50 -41.86 30.09 4.89
C GLN B 50 -40.53 30.62 4.35
N ASP B 51 -39.96 31.57 5.11
CA ASP B 51 -38.80 32.31 4.63
C ASP B 51 -37.50 31.76 5.20
N GLY B 52 -36.44 31.86 4.38
CA GLY B 52 -35.11 31.49 4.78
C GLY B 52 -34.26 32.69 5.15
N PRO B 53 -32.94 32.48 5.24
CA PRO B 53 -32.06 33.49 5.85
C PRO B 53 -31.46 34.51 4.90
N CYS B 54 -31.57 34.32 3.58
CA CYS B 54 -30.90 35.21 2.64
C CYS B 54 -31.71 36.49 2.42
N THR B 55 -31.02 37.52 1.91
CA THR B 55 -31.65 38.74 1.44
C THR B 55 -30.93 39.20 0.18
N PRO B 56 -31.45 40.20 -0.53
CA PRO B 56 -30.67 40.77 -1.64
C PRO B 56 -29.35 41.36 -1.19
N ARG B 57 -29.20 41.68 0.09
CA ARG B 57 -27.94 42.22 0.60
C ARG B 57 -26.86 41.16 0.63
N ARG B 58 -27.20 39.94 1.05
CA ARG B 58 -26.19 38.96 1.42
C ARG B 58 -26.81 37.56 1.41
N CYS B 59 -26.04 36.58 0.94
CA CYS B 59 -26.43 35.18 0.96
C CYS B 59 -25.88 34.50 2.21
N LEU B 60 -26.75 33.75 2.90
CA LEU B 60 -26.37 32.97 4.08
C LEU B 60 -26.65 31.49 3.86
N GLY B 61 -26.71 31.05 2.61
CA GLY B 61 -27.00 29.65 2.31
C GLY B 61 -26.07 28.66 2.97
N SER B 62 -24.83 29.05 3.28
CA SER B 62 -23.88 28.12 3.85
C SER B 62 -24.01 27.97 5.36
N LEU B 63 -24.89 28.71 6.00
CA LEU B 63 -25.08 28.54 7.44
C LEU B 63 -25.77 27.19 7.69
N VAL B 64 -25.25 26.41 8.65
CA VAL B 64 -25.86 25.12 8.93
C VAL B 64 -27.25 25.30 9.54
N PHE B 65 -27.37 26.14 10.57
CA PHE B 65 -28.68 26.37 11.17
C PHE B 65 -29.18 27.75 10.78
N PRO B 66 -30.05 27.84 9.78
CA PRO B 66 -30.54 29.14 9.31
C PRO B 66 -31.82 29.56 10.00
N ARG B 67 -31.91 29.31 11.31
CA ARG B 67 -33.08 29.65 12.12
C ARG B 67 -32.79 29.42 13.60
N ALA B 79 -52.25 31.23 17.70
CA ALA B 79 -53.33 31.87 16.96
C ALA B 79 -53.97 30.88 15.97
N PRO B 80 -55.30 30.82 15.95
CA PRO B 80 -55.98 29.80 15.13
C PRO B 80 -55.96 30.12 13.64
N GLU B 81 -55.88 31.40 13.27
CA GLU B 81 -56.03 31.78 11.87
C GLU B 81 -54.90 31.22 11.02
N GLN B 82 -53.70 31.19 11.57
CA GLN B 82 -52.52 30.76 10.83
C GLN B 82 -52.39 29.24 10.83
N LEU B 83 -52.79 28.59 11.93
CA LEU B 83 -53.00 27.15 11.88
C LEU B 83 -54.00 26.79 10.80
N LEU B 84 -55.07 27.56 10.68
CA LEU B 84 -56.10 27.28 9.68
C LEU B 84 -55.51 27.29 8.27
N SER B 85 -54.69 28.30 7.95
CA SER B 85 -54.26 28.46 6.57
C SER B 85 -53.21 27.42 6.17
N GLN B 86 -52.33 27.04 7.10
CA GLN B 86 -51.44 25.91 6.84
C GLN B 86 -52.24 24.63 6.63
N ALA B 87 -53.21 24.37 7.52
CA ALA B 87 -54.02 23.16 7.40
C ALA B 87 -54.79 23.15 6.09
N ARG B 88 -55.40 24.28 5.75
CA ARG B 88 -56.12 24.40 4.48
C ARG B 88 -55.22 24.01 3.32
N ASP B 89 -54.00 24.54 3.31
CA ASP B 89 -53.09 24.27 2.20
C ASP B 89 -52.70 22.80 2.13
N PHE B 90 -52.49 22.15 3.28
CA PHE B 90 -52.11 20.74 3.26
C PHE B 90 -53.23 19.86 2.71
N ILE B 91 -54.47 20.08 3.18
CA ILE B 91 -55.61 19.32 2.70
C ILE B 91 -55.75 19.48 1.18
N ASN B 92 -55.54 20.71 0.68
CA ASN B 92 -55.51 20.93 -0.76
C ASN B 92 -54.45 20.07 -1.42
N GLN B 93 -53.24 20.04 -0.85
CA GLN B 93 -52.19 19.16 -1.35
C GLN B 93 -52.66 17.71 -1.37
N TYR B 94 -53.19 17.22 -0.25
CA TYR B 94 -53.63 15.84 -0.17
C TYR B 94 -54.71 15.53 -1.22
N TYR B 95 -55.72 16.40 -1.34
CA TYR B 95 -56.76 16.10 -2.30
C TYR B 95 -56.27 16.22 -3.75
N SER B 96 -55.25 17.04 -4.02
CA SER B 96 -54.62 17.01 -5.34
C SER B 96 -53.97 15.65 -5.60
N SER B 97 -53.28 15.10 -4.60
CA SER B 97 -52.57 13.85 -4.80
C SER B 97 -53.51 12.68 -5.10
N ILE B 98 -54.72 12.68 -4.54
CA ILE B 98 -55.64 11.57 -4.79
C ILE B 98 -56.60 11.93 -5.93
N LYS B 99 -56.22 12.91 -6.74
CA LYS B 99 -57.01 13.33 -7.91
C LYS B 99 -58.46 13.59 -7.55
N ARG B 100 -58.67 14.25 -6.40
CA ARG B 100 -60.02 14.56 -5.94
C ARG B 100 -60.16 16.03 -5.56
N SER B 101 -59.31 16.89 -6.13
CA SER B 101 -59.35 18.32 -5.83
CA SER B 101 -59.35 18.32 -5.83
C SER B 101 -60.73 18.88 -6.16
N GLY B 102 -61.24 19.72 -5.26
CA GLY B 102 -62.53 20.36 -5.44
C GLY B 102 -63.74 19.48 -5.24
N SER B 103 -63.57 18.20 -4.92
CA SER B 103 -64.72 17.31 -4.87
C SER B 103 -65.53 17.54 -3.59
N GLN B 104 -66.61 16.74 -3.46
CA GLN B 104 -67.41 16.68 -2.24
C GLN B 104 -66.52 16.49 -1.02
N ALA B 105 -65.83 15.35 -0.98
CA ALA B 105 -65.00 14.98 0.16
C ALA B 105 -63.95 16.04 0.46
N HIS B 106 -63.44 16.72 -0.57
CA HIS B 106 -62.42 17.74 -0.37
C HIS B 106 -62.97 18.89 0.46
N GLU B 107 -64.09 19.48 0.05
CA GLU B 107 -64.63 20.62 0.80
C GLU B 107 -65.21 20.16 2.13
N GLN B 108 -65.74 18.94 2.20
CA GLN B 108 -66.14 18.37 3.48
C GLN B 108 -65.01 18.47 4.50
N ARG B 109 -63.82 18.00 4.11
CA ARG B 109 -62.69 17.92 5.03
C ARG B 109 -62.18 19.29 5.41
N LEU B 110 -62.21 20.25 4.47
CA LEU B 110 -61.88 21.63 4.82
C LEU B 110 -62.80 22.16 5.92
N GLN B 111 -64.10 22.03 5.71
CA GLN B 111 -65.06 22.50 6.72
C GLN B 111 -64.88 21.74 8.03
N GLU B 112 -64.66 20.43 7.94
CA GLU B 112 -64.40 19.63 9.15
C GLU B 112 -63.25 20.19 9.97
N VAL B 113 -62.12 20.51 9.31
CA VAL B 113 -60.93 20.91 10.07
C VAL B 113 -61.16 22.25 10.76
N GLU B 114 -61.76 23.21 10.04
CA GLU B 114 -62.03 24.52 10.64
C GLU B 114 -62.92 24.38 11.86
N ALA B 115 -63.96 23.55 11.76
CA ALA B 115 -64.86 23.37 12.89
C ALA B 115 -64.13 22.73 14.07
N GLU B 116 -63.18 21.85 13.79
CA GLU B 116 -62.43 21.23 14.87
C GLU B 116 -61.40 22.19 15.45
N VAL B 117 -60.82 23.07 14.62
CA VAL B 117 -59.95 24.12 15.16
C VAL B 117 -60.77 25.10 16.03
N ALA B 118 -61.98 25.42 15.61
CA ALA B 118 -62.83 26.30 16.41
C ALA B 118 -63.18 25.67 17.76
N ALA B 119 -63.49 24.38 17.76
CA ALA B 119 -63.94 23.69 18.96
C ALA B 119 -62.78 23.35 19.89
N THR B 120 -61.65 22.90 19.35
CA THR B 120 -60.59 22.36 20.17
C THR B 120 -59.27 23.12 20.03
N GLY B 121 -59.18 24.09 19.12
CA GLY B 121 -57.92 24.77 18.86
C GLY B 121 -56.93 24.01 18.03
N THR B 122 -57.27 22.81 17.56
CA THR B 122 -56.33 21.96 16.83
C THR B 122 -57.17 20.98 16.00
N TYR B 123 -56.51 20.03 15.33
CA TYR B 123 -57.26 19.00 14.62
C TYR B 123 -56.42 17.73 14.54
N GLN B 124 -57.04 16.67 14.02
CA GLN B 124 -56.41 15.36 13.93
C GLN B 124 -56.31 14.93 12.48
N LEU B 125 -55.13 14.42 12.08
CA LEU B 125 -54.98 13.90 10.73
C LEU B 125 -55.64 12.53 10.62
N ARG B 126 -56.32 12.28 9.50
CA ARG B 126 -56.65 10.91 9.14
C ARG B 126 -55.37 10.16 8.80
N GLU B 127 -55.43 8.82 8.86
CA GLU B 127 -54.22 8.01 8.67
C GLU B 127 -53.62 8.24 7.28
N SER B 128 -54.44 8.19 6.22
CA SER B 128 -53.88 8.39 4.88
CA SER B 128 -53.91 8.39 4.87
C SER B 128 -53.27 9.77 4.73
N GLU B 129 -53.84 10.78 5.39
CA GLU B 129 -53.26 12.11 5.34
C GLU B 129 -51.91 12.12 6.02
N LEU B 130 -51.72 11.28 7.05
CA LEU B 130 -50.44 11.25 7.76
C LEU B 130 -49.37 10.55 6.93
N VAL B 131 -49.74 9.47 6.23
CA VAL B 131 -48.80 8.79 5.34
C VAL B 131 -48.36 9.73 4.21
N PHE B 132 -49.32 10.44 3.59
CA PHE B 132 -48.99 11.35 2.52
C PHE B 132 -48.09 12.48 3.01
N GLY B 133 -48.40 13.05 4.18
CA GLY B 133 -47.61 14.14 4.71
C GLY B 133 -46.20 13.76 5.14
N ALA B 134 -46.02 12.53 5.63
CA ALA B 134 -44.66 12.11 5.97
C ALA B 134 -43.80 11.97 4.71
N LYS B 135 -44.37 11.40 3.65
CA LYS B 135 -43.66 11.27 2.37
C LYS B 135 -43.30 12.63 1.79
N GLN B 136 -44.25 13.58 1.78
CA GLN B 136 -43.97 14.92 1.28
C GLN B 136 -42.85 15.57 2.06
N ALA B 137 -42.81 15.32 3.38
CA ALA B 137 -41.78 15.94 4.20
C ALA B 137 -40.40 15.48 3.78
N TRP B 138 -40.27 14.20 3.45
CA TRP B 138 -39.01 13.71 2.89
C TRP B 138 -38.76 14.32 1.52
N ARG B 139 -39.77 14.26 0.65
CA ARG B 139 -39.70 14.83 -0.69
C ARG B 139 -39.22 16.28 -0.68
N ASN B 140 -39.65 17.07 0.33
CA ASN B 140 -39.38 18.49 0.42
C ASN B 140 -38.06 18.82 1.11
N ALA B 141 -37.31 17.83 1.58
CA ALA B 141 -36.10 18.08 2.36
C ALA B 141 -34.95 18.49 1.44
N PRO B 142 -34.53 19.76 1.42
CA PRO B 142 -33.60 20.23 0.38
C PRO B 142 -32.18 19.70 0.53
N ARG B 143 -31.78 19.27 1.71
CA ARG B 143 -30.44 18.77 1.94
C ARG B 143 -30.33 17.27 1.81
N CYS B 144 -31.38 16.59 1.32
CA CYS B 144 -31.38 15.13 1.21
C CYS B 144 -31.11 14.72 -0.24
N VAL B 145 -30.01 13.99 -0.45
CA VAL B 145 -29.68 13.48 -1.79
C VAL B 145 -30.37 12.17 -2.10
N GLY B 146 -30.94 11.49 -1.10
CA GLY B 146 -31.59 10.23 -1.36
C GLY B 146 -33.06 10.31 -1.71
N ARG B 147 -33.53 11.47 -2.18
CA ARG B 147 -34.97 11.66 -2.33
C ARG B 147 -35.57 10.98 -3.56
N ILE B 148 -34.78 10.29 -4.40
CA ILE B 148 -35.41 9.50 -5.45
C ILE B 148 -36.40 8.49 -4.84
N GLN B 149 -36.13 8.07 -3.61
CA GLN B 149 -36.86 7.05 -2.86
C GLN B 149 -38.07 7.59 -2.10
N TRP B 150 -38.43 8.88 -2.28
CA TRP B 150 -39.31 9.53 -1.30
C TRP B 150 -40.67 8.82 -1.17
N GLY B 151 -41.17 8.24 -2.27
CA GLY B 151 -42.46 7.57 -2.23
C GLY B 151 -42.43 6.20 -1.58
N LYS B 152 -41.25 5.62 -1.40
CA LYS B 152 -41.11 4.31 -0.79
C LYS B 152 -40.70 4.54 0.66
N LEU B 153 -41.71 4.78 1.50
CA LEU B 153 -41.49 5.11 2.91
C LEU B 153 -42.54 4.40 3.73
N GLN B 154 -42.09 3.59 4.70
CA GLN B 154 -43.00 2.87 5.59
C GLN B 154 -43.30 3.78 6.78
N VAL B 155 -44.59 4.06 6.99
CA VAL B 155 -45.07 4.97 8.02
C VAL B 155 -45.70 4.14 9.15
N PHE B 156 -45.12 4.23 10.34
CA PHE B 156 -45.64 3.63 11.56
C PHE B 156 -46.37 4.70 12.38
N ASP B 157 -47.67 4.48 12.61
CA ASP B 157 -48.52 5.42 13.33
C ASP B 157 -48.45 5.06 14.80
N ALA B 158 -47.66 5.81 15.57
CA ALA B 158 -47.61 5.62 17.02
C ALA B 158 -48.30 6.78 17.76
N ARG B 159 -49.29 7.41 17.12
CA ARG B 159 -49.92 8.57 17.74
C ARG B 159 -50.77 8.19 18.93
N ASP B 160 -50.97 6.89 19.18
CA ASP B 160 -51.66 6.43 20.38
C ASP B 160 -50.70 6.18 21.53
N CYS B 161 -49.40 6.42 21.32
CA CYS B 161 -48.40 6.09 22.33
C CYS B 161 -48.69 6.80 23.65
N ARG B 162 -48.36 6.14 24.75
CA ARG B 162 -48.84 6.55 26.06
C ARG B 162 -47.76 6.88 27.06
N SER B 163 -46.54 6.42 26.86
CA SER B 163 -45.54 6.44 27.91
C SER B 163 -44.18 6.29 27.26
N ALA B 164 -43.13 6.49 28.06
CA ALA B 164 -41.79 6.25 27.53
C ALA B 164 -41.59 4.77 27.26
N GLN B 165 -42.18 3.90 28.07
CA GLN B 165 -41.98 2.45 27.90
C GLN B 165 -42.58 1.98 26.59
N GLU B 166 -43.82 2.38 26.28
CA GLU B 166 -44.39 2.08 24.97
C GLU B 166 -43.59 2.74 23.85
N MET B 167 -43.18 4.00 24.05
CA MET B 167 -42.33 4.67 23.07
C MET B 167 -41.13 3.80 22.70
N PHE B 168 -40.40 3.30 23.71
CA PHE B 168 -39.27 2.43 23.49
C PHE B 168 -39.64 1.20 22.67
N THR B 169 -40.80 0.60 22.95
CA THR B 169 -41.19 -0.61 22.21
C THR B 169 -41.38 -0.30 20.72
N TYR B 170 -42.10 0.79 20.43
CA TYR B 170 -42.27 1.26 19.06
C TYR B 170 -40.94 1.50 18.36
N ILE B 171 -39.94 2.00 19.10
CA ILE B 171 -38.68 2.35 18.46
C ILE B 171 -37.89 1.08 18.14
N CYS B 172 -37.96 0.09 19.02
CA CYS B 172 -37.26 -1.17 18.75
C CYS B 172 -37.86 -1.86 17.55
N ASN B 173 -39.20 -1.80 17.41
CA ASN B 173 -39.82 -2.39 16.23
CA ASN B 173 -39.88 -2.35 16.24
C ASN B 173 -39.51 -1.58 14.98
N HIS B 174 -39.35 -0.26 15.10
CA HIS B 174 -38.87 0.53 13.96
C HIS B 174 -37.48 0.05 13.53
N ILE B 175 -36.54 -0.02 14.48
CA ILE B 175 -35.16 -0.45 14.20
C ILE B 175 -35.15 -1.84 13.57
N LYS B 176 -35.94 -2.77 14.13
CA LYS B 176 -35.97 -4.13 13.60
C LYS B 176 -36.47 -4.15 12.16
N TYR B 177 -37.57 -3.44 11.89
CA TYR B 177 -38.15 -3.43 10.54
C TYR B 177 -37.19 -2.80 9.54
N ALA B 178 -36.61 -1.65 9.91
CA ALA B 178 -35.78 -0.93 8.95
C ALA B 178 -34.48 -1.65 8.67
N THR B 179 -33.91 -2.27 9.70
CA THR B 179 -32.64 -2.94 9.51
C THR B 179 -32.83 -4.18 8.65
N ASN B 180 -33.81 -5.01 9.00
CA ASN B 180 -34.23 -6.12 8.16
C ASN B 180 -33.03 -6.98 7.74
N ARG B 181 -32.18 -7.27 8.73
CA ARG B 181 -31.01 -8.15 8.59
C ARG B 181 -29.97 -7.63 7.61
N GLY B 182 -29.95 -6.33 7.35
CA GLY B 182 -29.01 -5.73 6.45
C GLY B 182 -29.59 -5.30 5.13
N ASN B 183 -30.81 -5.72 4.82
CA ASN B 183 -31.51 -5.23 3.62
C ASN B 183 -32.42 -4.08 4.06
N LEU B 184 -31.85 -2.89 4.14
CA LEU B 184 -32.49 -1.78 4.85
C LEU B 184 -33.74 -1.28 4.13
N ARG B 185 -34.72 -0.84 4.92
CA ARG B 185 -35.99 -0.34 4.44
C ARG B 185 -36.23 1.04 5.07
N SER B 186 -36.65 2.01 4.26
CA SER B 186 -36.91 3.35 4.76
C SER B 186 -38.18 3.40 5.60
N ALA B 187 -38.12 4.03 6.77
CA ALA B 187 -39.33 4.05 7.58
C ALA B 187 -39.33 5.28 8.46
N ILE B 188 -40.52 5.61 8.97
CA ILE B 188 -40.67 6.64 9.96
C ILE B 188 -41.75 6.22 10.97
N THR B 189 -41.47 6.44 12.26
CA THR B 189 -42.45 6.25 13.33
C THR B 189 -42.90 7.61 13.84
N VAL B 190 -44.21 7.83 13.89
CA VAL B 190 -44.77 9.14 14.23
C VAL B 190 -45.46 9.04 15.59
N PHE B 191 -44.91 9.73 16.57
CA PHE B 191 -45.41 9.77 17.94
C PHE B 191 -46.42 10.90 18.07
N PRO B 192 -47.16 10.97 19.19
CA PRO B 192 -48.27 11.93 19.27
C PRO B 192 -47.85 13.36 19.01
N GLN B 193 -48.74 14.12 18.37
CA GLN B 193 -48.46 15.49 18.01
C GLN B 193 -48.43 16.39 19.26
N ARG B 194 -47.71 17.50 19.12
CA ARG B 194 -47.75 18.55 20.13
C ARG B 194 -49.18 19.03 20.28
N CYS B 195 -49.58 19.32 21.51
CA CYS B 195 -50.93 19.81 21.73
C CYS B 195 -50.96 20.59 23.03
N PRO B 196 -51.81 21.60 23.14
CA PRO B 196 -51.80 22.43 24.34
C PRO B 196 -52.31 21.67 25.55
N GLY B 197 -51.62 21.89 26.68
CA GLY B 197 -51.98 21.27 27.95
C GLY B 197 -51.08 20.12 28.35
N ARG B 198 -50.27 19.62 27.42
CA ARG B 198 -49.36 18.51 27.67
C ARG B 198 -48.00 18.84 27.06
N GLY B 199 -46.94 18.33 27.70
CA GLY B 199 -45.62 18.45 27.11
C GLY B 199 -45.44 17.51 25.92
N ASP B 200 -44.29 17.65 25.26
CA ASP B 200 -43.97 16.89 24.06
C ASP B 200 -43.34 15.55 24.40
N PHE B 201 -43.66 14.54 23.61
CA PHE B 201 -42.72 13.44 23.44
C PHE B 201 -41.44 13.98 22.81
N ARG B 202 -40.30 13.55 23.34
CA ARG B 202 -39.01 13.87 22.73
C ARG B 202 -38.07 12.68 22.86
N ILE B 203 -37.34 12.41 21.79
CA ILE B 203 -36.15 11.56 21.81
C ILE B 203 -34.95 12.49 21.98
N TRP B 204 -34.23 12.36 23.10
CA TRP B 204 -33.12 13.27 23.36
C TRP B 204 -31.94 12.99 22.43
N ASN B 205 -31.76 11.73 22.05
CA ASN B 205 -30.65 11.36 21.18
C ASN B 205 -30.85 11.90 19.77
N SER B 206 -29.74 12.36 19.15
CA SER B 206 -29.86 12.95 17.83
C SER B 206 -30.09 11.90 16.75
N GLN B 207 -29.56 10.68 16.93
CA GLN B 207 -29.90 9.50 16.14
C GLN B 207 -30.17 8.33 17.08
N LEU B 208 -30.89 7.32 16.57
CA LEU B 208 -31.16 6.13 17.38
C LEU B 208 -29.89 5.35 17.70
N VAL B 209 -28.93 5.30 16.77
CA VAL B 209 -27.65 4.64 17.01
C VAL B 209 -26.58 5.71 17.03
N ARG B 210 -25.91 5.88 18.17
CA ARG B 210 -24.80 6.81 18.32
C ARG B 210 -23.71 6.16 19.16
N TYR B 211 -22.46 6.50 18.88
CA TYR B 211 -21.35 5.99 19.67
C TYR B 211 -20.97 7.00 20.76
N ALA B 212 -20.67 6.48 21.94
CA ALA B 212 -20.31 7.35 23.06
C ALA B 212 -19.03 8.12 22.75
N GLY B 213 -18.93 9.30 23.36
CA GLY B 213 -17.71 10.09 23.34
C GLY B 213 -17.39 10.50 24.77
N TYR B 214 -16.28 9.98 25.30
CA TYR B 214 -15.87 10.19 26.67
C TYR B 214 -14.70 11.17 26.72
N ARG B 215 -14.92 12.34 27.34
CA ARG B 215 -13.80 13.23 27.64
C ARG B 215 -12.77 12.47 28.46
N GLN B 216 -11.51 12.52 28.00
CA GLN B 216 -10.51 11.59 28.49
C GLN B 216 -9.70 12.13 29.66
N GLN B 217 -8.45 11.68 29.76
CA GLN B 217 -7.56 12.00 30.86
C GLN B 217 -6.85 13.34 30.61
N ASP B 218 -6.13 13.44 29.49
CA ASP B 218 -5.43 14.66 29.13
C ASP B 218 -6.42 15.74 28.68
N GLY B 219 -7.02 15.56 27.52
CA GLY B 219 -8.02 16.48 27.04
C GLY B 219 -8.72 15.92 25.81
N SER B 220 -8.29 14.72 25.43
CA SER B 220 -8.80 14.06 24.24
C SER B 220 -10.21 13.50 24.48
N VAL B 221 -10.86 13.14 23.38
CA VAL B 221 -12.11 12.40 23.42
C VAL B 221 -11.80 10.98 22.96
N ARG B 222 -12.30 10.00 23.69
CA ARG B 222 -12.29 8.60 23.25
C ARG B 222 -13.68 8.29 22.72
N GLY B 223 -13.75 7.83 21.46
CA GLY B 223 -15.03 7.64 20.81
C GLY B 223 -15.39 8.77 19.87
N ASP B 224 -16.68 9.06 19.71
CA ASP B 224 -17.12 10.06 18.75
C ASP B 224 -17.20 11.41 19.46
N PRO B 225 -16.36 12.39 19.12
CA PRO B 225 -16.46 13.70 19.79
C PRO B 225 -17.78 14.42 19.56
N ALA B 226 -18.51 14.12 18.48
CA ALA B 226 -19.79 14.79 18.26
C ALA B 226 -20.83 14.49 19.33
N ASN B 227 -20.57 13.49 20.20
CA ASN B 227 -21.58 12.94 21.09
C ASN B 227 -21.19 13.09 22.55
N VAL B 228 -20.28 14.03 22.84
CA VAL B 228 -19.85 14.26 24.21
C VAL B 228 -21.03 14.69 25.08
N GLU B 229 -21.82 15.65 24.60
CA GLU B 229 -22.93 16.18 25.39
C GLU B 229 -23.94 15.09 25.73
N ILE B 230 -24.42 14.37 24.71
CA ILE B 230 -25.44 13.35 24.95
C ILE B 230 -24.88 12.23 25.82
N THR B 231 -23.61 11.88 25.64
CA THR B 231 -22.97 10.90 26.51
C THR B 231 -23.03 11.33 27.96
N GLU B 232 -22.63 12.59 28.25
CA GLU B 232 -22.70 13.10 29.62
C GLU B 232 -24.12 13.06 30.17
N LEU B 233 -25.11 13.39 29.34
CA LEU B 233 -26.49 13.31 29.78
C LEU B 233 -26.88 11.90 30.18
N CYS B 234 -26.45 10.90 29.41
CA CYS B 234 -26.81 9.52 29.74
C CYS B 234 -26.22 9.12 31.08
N ILE B 235 -24.94 9.45 31.30
CA ILE B 235 -24.26 9.06 32.53
C ILE B 235 -24.94 9.73 33.73
N GLN B 236 -25.22 11.02 33.61
CA GLN B 236 -25.88 11.73 34.69
C GLN B 236 -27.30 11.20 34.93
N HIS B 237 -27.87 10.48 33.98
CA HIS B 237 -29.15 9.83 34.17
C HIS B 237 -29.00 8.36 34.52
N GLY B 238 -27.86 7.97 35.05
CA GLY B 238 -27.69 6.63 35.59
C GLY B 238 -27.17 5.58 34.63
N TRP B 239 -26.66 5.97 33.47
CA TRP B 239 -26.01 5.01 32.60
C TRP B 239 -24.61 4.70 33.11
N THR B 240 -24.26 3.43 33.15
CA THR B 240 -22.90 3.01 33.47
C THR B 240 -22.09 3.05 32.19
N PRO B 241 -21.14 3.96 32.05
CA PRO B 241 -20.40 4.09 30.79
C PRO B 241 -19.47 2.92 30.56
N GLY B 242 -19.09 2.75 29.30
CA GLY B 242 -17.97 1.91 28.92
C GLY B 242 -16.71 2.73 28.74
N ASN B 243 -15.79 2.20 27.92
CA ASN B 243 -14.59 2.97 27.62
C ASN B 243 -13.97 2.60 26.28
N GLY B 244 -14.73 1.98 25.37
CA GLY B 244 -14.28 1.76 24.02
C GLY B 244 -14.54 2.97 23.14
N ARG B 245 -14.08 2.86 21.90
CA ARG B 245 -14.32 3.87 20.88
C ARG B 245 -15.65 3.71 20.17
N PHE B 246 -16.30 2.56 20.29
CA PHE B 246 -17.53 2.35 19.55
C PHE B 246 -18.61 1.79 20.47
N ASP B 247 -18.76 2.36 21.65
CA ASP B 247 -19.81 1.96 22.57
C ASP B 247 -21.13 2.59 22.16
N VAL B 248 -22.14 1.77 21.89
CA VAL B 248 -23.47 2.25 21.49
C VAL B 248 -24.16 2.88 22.71
N LEU B 249 -24.73 4.08 22.52
CA LEU B 249 -25.36 4.83 23.61
C LEU B 249 -26.76 4.30 23.91
N PRO B 250 -27.20 4.43 25.15
CA PRO B 250 -28.62 4.15 25.46
C PRO B 250 -29.50 5.27 24.94
N LEU B 251 -30.80 5.02 24.94
CA LEU B 251 -31.78 6.03 24.54
C LEU B 251 -32.32 6.76 25.76
N LEU B 252 -32.40 8.09 25.65
CA LEU B 252 -33.09 8.94 26.63
C LEU B 252 -34.43 9.34 26.03
N LEU B 253 -35.52 8.82 26.60
CA LEU B 253 -36.85 9.01 26.05
C LEU B 253 -37.71 9.84 27.00
N GLN B 254 -38.37 10.85 26.46
CA GLN B 254 -39.18 11.78 27.23
C GLN B 254 -40.66 11.67 26.84
N ALA B 255 -41.46 11.12 27.75
CA ALA B 255 -42.91 11.23 27.70
C ALA B 255 -43.36 12.60 28.20
N PRO B 256 -44.53 13.06 27.78
CA PRO B 256 -45.01 14.40 28.20
C PRO B 256 -44.92 14.62 29.70
N ASP B 257 -44.37 15.77 30.08
CA ASP B 257 -44.31 16.25 31.47
C ASP B 257 -43.63 15.25 32.40
N GLU B 258 -42.69 14.49 31.85
CA GLU B 258 -41.88 13.49 32.53
C GLU B 258 -40.42 13.82 32.28
N PRO B 259 -39.54 13.59 33.25
CA PRO B 259 -38.10 13.60 32.97
C PRO B 259 -37.76 12.50 31.98
N PRO B 260 -36.62 12.60 31.29
CA PRO B 260 -36.27 11.53 30.35
C PRO B 260 -35.96 10.25 31.10
N GLU B 261 -36.17 9.12 30.42
CA GLU B 261 -35.94 7.81 30.98
C GLU B 261 -34.96 7.04 30.10
N LEU B 262 -34.01 6.38 30.75
CA LEU B 262 -32.93 5.68 30.08
C LEU B 262 -33.39 4.29 29.63
N PHE B 263 -33.08 3.93 28.38
CA PHE B 263 -33.38 2.61 27.81
C PHE B 263 -32.17 2.10 27.02
N LEU B 264 -31.74 0.89 27.32
CA LEU B 264 -30.63 0.28 26.59
C LEU B 264 -31.15 -0.44 25.37
N LEU B 265 -30.41 -0.36 24.26
CA LEU B 265 -30.79 -1.12 23.07
C LEU B 265 -30.20 -2.51 23.14
N PRO B 266 -30.99 -3.56 22.95
CA PRO B 266 -30.42 -4.92 22.91
C PRO B 266 -29.34 -5.01 21.84
N PRO B 267 -28.16 -5.52 22.20
CA PRO B 267 -27.06 -5.54 21.23
C PRO B 267 -27.42 -6.19 19.89
N GLU B 268 -28.23 -7.26 19.91
CA GLU B 268 -28.57 -7.92 18.65
C GLU B 268 -29.58 -7.13 17.83
N LEU B 269 -30.09 -6.02 18.34
CA LEU B 269 -30.91 -5.15 17.52
C LEU B 269 -30.08 -4.17 16.69
N VAL B 270 -28.88 -3.80 17.17
CA VAL B 270 -28.04 -2.78 16.54
C VAL B 270 -27.04 -3.48 15.62
N LEU B 271 -27.37 -3.56 14.33
CA LEU B 271 -26.46 -4.18 13.37
C LEU B 271 -25.29 -3.26 13.08
N GLU B 272 -24.08 -3.79 13.19
CA GLU B 272 -22.84 -3.05 12.96
C GLU B 272 -22.01 -3.75 11.89
N VAL B 273 -21.01 -3.03 11.37
CA VAL B 273 -20.15 -3.52 10.29
C VAL B 273 -18.69 -3.27 10.67
N PRO B 274 -17.91 -4.29 11.00
CA PRO B 274 -16.46 -4.10 11.12
C PRO B 274 -15.90 -3.65 9.79
N LEU B 275 -14.96 -2.71 9.83
CA LEU B 275 -14.42 -2.13 8.61
C LEU B 275 -13.11 -2.82 8.25
N GLU B 276 -13.03 -3.30 7.01
CA GLU B 276 -11.78 -3.81 6.47
C GLU B 276 -11.56 -3.24 5.07
N HIS B 277 -10.34 -3.37 4.58
CA HIS B 277 -10.05 -2.90 3.24
C HIS B 277 -9.76 -4.09 2.34
N PRO B 278 -10.27 -4.07 1.10
CA PRO B 278 -10.08 -5.22 0.21
C PRO B 278 -8.63 -5.54 -0.11
N THR B 279 -7.72 -4.55 -0.17
CA THR B 279 -6.31 -4.83 -0.46
C THR B 279 -5.35 -4.25 0.57
N LEU B 280 -5.81 -3.71 1.69
CA LEU B 280 -4.89 -3.20 2.73
C LEU B 280 -5.21 -3.96 4.01
N GLU B 281 -4.55 -5.10 4.21
CA GLU B 281 -4.98 -6.02 5.25
C GLU B 281 -4.74 -5.47 6.64
N TRP B 282 -3.82 -4.52 6.80
CA TRP B 282 -3.62 -3.90 8.11
C TRP B 282 -4.81 -3.05 8.54
N PHE B 283 -5.70 -2.68 7.61
CA PHE B 283 -6.82 -1.80 7.92
C PHE B 283 -7.76 -2.45 8.91
N ALA B 284 -7.90 -3.77 8.84
CA ALA B 284 -8.77 -4.47 9.79
C ALA B 284 -8.28 -4.29 11.21
N ALA B 285 -6.96 -4.14 11.39
CA ALA B 285 -6.38 -4.03 12.71
C ALA B 285 -6.61 -2.67 13.35
N LEU B 286 -7.22 -1.73 12.63
CA LEU B 286 -7.58 -0.44 13.23
C LEU B 286 -8.75 -0.57 14.19
N GLY B 287 -9.53 -1.64 14.06
CA GLY B 287 -10.68 -1.84 14.92
C GLY B 287 -11.82 -0.90 14.64
N LEU B 288 -11.93 -0.37 13.44
CA LEU B 288 -13.02 0.53 13.15
C LEU B 288 -14.27 -0.27 12.81
N ARG B 289 -15.41 0.31 13.18
CA ARG B 289 -16.75 -0.20 12.94
C ARG B 289 -17.64 0.98 12.59
N TRP B 290 -18.72 0.72 11.87
CA TRP B 290 -19.82 1.68 11.84
C TRP B 290 -21.11 0.88 11.88
N TYR B 291 -22.23 1.58 12.17
CA TYR B 291 -23.52 0.90 12.30
C TYR B 291 -24.32 0.96 11.00
N ALA B 292 -25.27 0.03 10.87
CA ALA B 292 -26.02 -0.13 9.61
C ALA B 292 -27.05 0.98 9.40
N LEU B 293 -27.75 1.40 10.47
CA LEU B 293 -28.98 2.17 10.32
C LEU B 293 -28.78 3.63 10.65
N PRO B 294 -28.85 4.55 9.67
CA PRO B 294 -28.90 5.98 9.98
C PRO B 294 -30.35 6.37 10.29
N ALA B 295 -30.59 6.78 11.53
CA ALA B 295 -31.95 6.99 12.02
C ALA B 295 -31.99 8.31 12.78
N VAL B 296 -32.43 9.38 12.11
CA VAL B 296 -32.49 10.70 12.72
C VAL B 296 -33.69 10.78 13.65
N SER B 297 -33.45 11.17 14.91
CA SER B 297 -34.47 11.11 15.95
C SER B 297 -34.76 12.44 16.64
N ASN B 298 -34.13 13.54 16.24
CA ASN B 298 -34.30 14.81 16.95
C ASN B 298 -34.92 15.90 16.11
N MET B 299 -35.49 15.60 14.95
CA MET B 299 -36.08 16.61 14.10
C MET B 299 -37.60 16.63 14.27
N LEU B 300 -38.19 17.79 13.95
CA LEU B 300 -39.63 18.01 14.08
C LEU B 300 -40.31 17.83 12.72
N LEU B 301 -41.37 17.01 12.70
CA LEU B 301 -42.17 16.78 11.52
C LEU B 301 -43.36 17.74 11.53
N GLU B 302 -43.49 18.56 10.49
CA GLU B 302 -44.58 19.53 10.40
C GLU B 302 -45.51 19.13 9.26
N ILE B 303 -46.79 18.91 9.57
CA ILE B 303 -47.80 18.61 8.55
C ILE B 303 -49.00 19.53 8.79
N GLY B 304 -49.32 20.35 7.80
CA GLY B 304 -50.50 21.21 7.85
C GLY B 304 -50.68 21.94 9.17
N GLY B 305 -49.61 22.55 9.67
CA GLY B 305 -49.66 23.29 10.91
C GLY B 305 -49.46 22.45 12.16
N LEU B 306 -49.66 21.14 12.07
CA LEU B 306 -49.45 20.29 13.23
C LEU B 306 -47.98 19.95 13.38
N GLU B 307 -47.57 19.70 14.63
CA GLU B 307 -46.16 19.52 14.94
C GLU B 307 -45.97 18.19 15.64
N PHE B 308 -45.06 17.38 15.13
CA PHE B 308 -44.71 16.11 15.74
C PHE B 308 -43.25 16.22 16.20
N PRO B 309 -42.99 16.64 17.43
CA PRO B 309 -41.61 16.81 17.87
C PRO B 309 -40.84 15.50 17.98
N ALA B 310 -41.52 14.35 17.98
CA ALA B 310 -40.84 13.07 17.98
C ALA B 310 -41.38 12.24 16.81
N ALA B 311 -40.58 12.12 15.75
CA ALA B 311 -40.95 11.28 14.61
C ALA B 311 -39.67 10.79 13.94
N PRO B 312 -38.98 9.82 14.56
CA PRO B 312 -37.70 9.35 14.02
C PRO B 312 -37.88 8.67 12.68
N PHE B 313 -36.93 8.94 11.77
CA PHE B 313 -36.93 8.36 10.44
C PHE B 313 -35.54 7.83 10.08
N SER B 314 -35.53 6.85 9.18
CA SER B 314 -34.31 6.11 8.86
C SER B 314 -34.34 5.70 7.40
N GLY B 315 -33.15 5.59 6.81
CA GLY B 315 -32.96 5.13 5.45
C GLY B 315 -31.79 4.18 5.38
N TRP B 316 -30.84 4.46 4.50
CA TRP B 316 -29.55 3.76 4.49
C TRP B 316 -28.48 4.78 4.16
N TYR B 317 -27.24 4.42 4.46
CA TYR B 317 -26.14 5.37 4.35
C TYR B 317 -25.64 5.54 2.92
N MET B 318 -25.17 6.74 2.63
CA MET B 318 -24.24 6.96 1.51
C MET B 318 -22.82 6.92 2.04
N SER B 319 -21.92 6.23 1.31
CA SER B 319 -20.64 5.82 1.90
C SER B 319 -19.79 6.99 2.36
N THR B 320 -19.93 8.17 1.75
CA THR B 320 -19.10 9.31 2.15
C THR B 320 -19.50 9.89 3.51
N GLU B 321 -20.75 9.69 3.97
CA GLU B 321 -21.07 10.17 5.31
C GLU B 321 -20.21 9.47 6.34
N ILE B 322 -20.00 8.18 6.14
CA ILE B 322 -19.18 7.39 7.04
C ILE B 322 -17.70 7.59 6.71
N GLY B 323 -17.36 7.41 5.45
CA GLY B 323 -15.94 7.37 5.08
C GLY B 323 -15.26 8.73 5.17
N THR B 324 -15.92 9.75 4.64
CA THR B 324 -15.30 11.07 4.66
C THR B 324 -15.61 11.82 5.95
N ARG B 325 -16.91 12.06 6.22
CA ARG B 325 -17.26 12.93 7.35
C ARG B 325 -17.02 12.22 8.68
N ASN B 326 -17.64 11.06 8.90
CA ASN B 326 -17.60 10.50 10.25
C ASN B 326 -16.19 10.08 10.62
N LEU B 327 -15.43 9.51 9.71
CA LEU B 327 -14.11 9.03 10.08
C LEU B 327 -12.99 10.03 9.83
N CYS B 328 -13.09 10.93 8.84
CA CYS B 328 -11.98 11.80 8.50
C CYS B 328 -12.11 13.27 8.92
N ASP B 329 -13.30 13.75 9.31
CA ASP B 329 -13.40 15.12 9.82
C ASP B 329 -12.42 15.32 10.98
N PRO B 330 -11.69 16.43 11.01
CA PRO B 330 -10.74 16.64 12.13
C PRO B 330 -11.39 16.59 13.51
N HIS B 331 -12.65 17.01 13.62
CA HIS B 331 -13.37 17.03 14.88
C HIS B 331 -14.20 15.77 15.11
N ARG B 332 -14.05 14.77 14.28
CA ARG B 332 -14.75 13.49 14.46
C ARG B 332 -13.70 12.42 14.75
N TYR B 333 -13.77 11.23 14.16
CA TYR B 333 -12.79 10.20 14.51
C TYR B 333 -11.38 10.57 14.03
N ASN B 334 -11.24 11.39 13.00
CA ASN B 334 -9.97 12.02 12.66
C ASN B 334 -8.86 11.00 12.38
N ILE B 335 -9.18 9.99 11.57
CA ILE B 335 -8.22 8.91 11.34
C ILE B 335 -7.31 9.16 10.14
N LEU B 336 -7.41 10.30 9.46
CA LEU B 336 -6.80 10.44 8.13
C LEU B 336 -5.28 10.29 8.17
N GLU B 337 -4.62 10.97 9.10
CA GLU B 337 -3.16 10.92 9.13
C GLU B 337 -2.67 9.52 9.46
N ASP B 338 -3.33 8.85 10.42
CA ASP B 338 -2.92 7.50 10.77
C ASP B 338 -3.04 6.55 9.59
N VAL B 339 -4.11 6.69 8.81
CA VAL B 339 -4.28 5.84 7.63
C VAL B 339 -3.18 6.12 6.61
N ALA B 340 -2.89 7.40 6.35
CA ALA B 340 -1.89 7.76 5.33
C ALA B 340 -0.49 7.30 5.74
N VAL B 341 -0.20 7.35 7.04
CA VAL B 341 1.09 6.87 7.53
C VAL B 341 1.20 5.36 7.34
N CYS B 342 0.14 4.63 7.69
CA CYS B 342 0.15 3.20 7.41
C CYS B 342 0.30 2.92 5.93
N MET B 343 -0.28 3.74 5.07
CA MET B 343 -0.21 3.54 3.62
C MET B 343 1.17 3.87 3.05
N ASP B 344 2.10 4.33 3.89
CA ASP B 344 3.44 4.71 3.48
C ASP B 344 3.44 5.96 2.61
N LEU B 345 2.44 6.83 2.78
CA LEU B 345 2.43 8.09 2.07
C LEU B 345 3.32 9.12 2.76
N ASP B 346 3.81 10.08 1.98
CA ASP B 346 4.65 11.15 2.50
C ASP B 346 3.73 12.25 3.02
N THR B 347 3.55 12.29 4.34
CA THR B 347 2.64 13.25 4.95
C THR B 347 3.32 14.56 5.32
N ARG B 348 4.58 14.75 4.93
CA ARG B 348 5.27 15.98 5.32
C ARG B 348 4.97 17.15 4.38
N THR B 349 4.40 16.89 3.20
CA THR B 349 4.08 17.92 2.23
C THR B 349 2.66 17.71 1.70
N THR B 350 1.91 18.80 1.55
CA THR B 350 0.53 18.69 1.11
C THR B 350 0.42 18.32 -0.36
N SER B 351 1.41 18.69 -1.17
CA SER B 351 1.28 18.55 -2.62
C SER B 351 1.41 17.11 -3.08
N SER B 352 1.84 16.18 -2.21
CA SER B 352 1.78 14.77 -2.57
C SER B 352 0.35 14.23 -2.56
N LEU B 353 -0.63 15.00 -2.06
CA LEU B 353 -2.04 14.63 -2.00
C LEU B 353 -2.26 13.38 -1.16
N TRP B 354 -1.48 13.26 -0.07
CA TRP B 354 -1.66 12.15 0.85
C TRP B 354 -3.06 12.16 1.47
N LYS B 355 -3.59 13.34 1.76
CA LYS B 355 -4.91 13.41 2.39
C LYS B 355 -5.98 12.85 1.46
N ASP B 356 -5.96 13.28 0.19
CA ASP B 356 -6.89 12.78 -0.81
C ASP B 356 -6.74 11.27 -1.03
N LYS B 357 -5.49 10.80 -1.15
CA LYS B 357 -5.23 9.37 -1.35
C LYS B 357 -5.76 8.53 -0.17
N ALA B 358 -5.47 8.95 1.06
CA ALA B 358 -5.92 8.15 2.19
C ALA B 358 -7.44 8.18 2.32
N ALA B 359 -8.06 9.32 2.02
CA ALA B 359 -9.52 9.41 2.11
C ALA B 359 -10.19 8.50 1.08
N VAL B 360 -9.64 8.39 -0.14
CA VAL B 360 -10.27 7.55 -1.14
C VAL B 360 -10.29 6.09 -0.67
N GLU B 361 -9.19 5.65 -0.02
CA GLU B 361 -9.11 4.27 0.41
C GLU B 361 -10.00 4.01 1.64
N ILE B 362 -10.21 5.02 2.49
CA ILE B 362 -11.14 4.87 3.60
C ILE B 362 -12.56 4.69 3.07
N ASN B 363 -12.89 5.38 1.98
CA ASN B 363 -14.20 5.18 1.38
C ASN B 363 -14.33 3.83 0.70
N VAL B 364 -13.27 3.39 -0.01
CA VAL B 364 -13.25 2.03 -0.56
C VAL B 364 -13.53 1.03 0.54
N ALA B 365 -12.89 1.21 1.69
CA ALA B 365 -13.04 0.27 2.80
C ALA B 365 -14.47 0.23 3.30
N VAL B 366 -15.14 1.39 3.38
CA VAL B 366 -16.50 1.43 3.92
C VAL B 366 -17.44 0.66 3.01
N LEU B 367 -17.32 0.91 1.71
CA LEU B 367 -18.15 0.28 0.69
C LEU B 367 -17.94 -1.22 0.65
N HIS B 368 -16.67 -1.63 0.61
CA HIS B 368 -16.35 -3.04 0.56
C HIS B 368 -16.85 -3.75 1.81
N SER B 369 -16.76 -3.09 2.95
CA SER B 369 -17.15 -3.75 4.19
C SER B 369 -18.66 -3.92 4.28
N TYR B 370 -19.42 -2.90 3.87
CA TYR B 370 -20.88 -3.01 3.89
C TYR B 370 -21.36 -4.00 2.84
N GLN B 371 -20.68 -4.06 1.68
CA GLN B 371 -21.06 -5.04 0.67
C GLN B 371 -20.74 -6.46 1.14
N LEU B 372 -19.58 -6.65 1.74
CA LEU B 372 -19.21 -7.96 2.29
C LEU B 372 -20.24 -8.42 3.32
N ALA B 373 -20.66 -7.50 4.18
CA ALA B 373 -21.60 -7.79 5.25
C ALA B 373 -23.05 -7.82 4.79
N LYS B 374 -23.32 -7.53 3.52
CA LYS B 374 -24.67 -7.52 2.96
C LYS B 374 -25.57 -6.52 3.69
N VAL B 375 -25.05 -5.33 3.93
CA VAL B 375 -25.80 -4.21 4.48
C VAL B 375 -25.88 -3.15 3.39
N THR B 376 -27.10 -2.74 3.05
CA THR B 376 -27.34 -1.72 2.03
C THR B 376 -26.44 -0.51 2.20
N ILE B 377 -25.90 -0.03 1.09
CA ILE B 377 -25.07 1.17 1.08
C ILE B 377 -25.03 1.66 -0.37
N VAL B 378 -24.96 2.99 -0.53
CA VAL B 378 -24.86 3.58 -1.85
C VAL B 378 -23.66 4.52 -1.88
N ASP B 379 -22.91 4.48 -2.98
CA ASP B 379 -21.75 5.35 -3.14
C ASP B 379 -22.18 6.69 -3.72
N HIS B 380 -21.30 7.69 -3.58
CA HIS B 380 -21.65 9.05 -3.94
C HIS B 380 -21.84 9.24 -5.45
N HIS B 381 -21.27 8.34 -6.29
CA HIS B 381 -21.54 8.39 -7.73
C HIS B 381 -22.95 7.89 -8.06
N ALA B 382 -23.35 6.76 -7.48
CA ALA B 382 -24.70 6.26 -7.75
C ALA B 382 -25.76 7.16 -7.10
N ALA B 383 -25.47 7.64 -5.89
CA ALA B 383 -26.44 8.50 -5.19
C ALA B 383 -26.68 9.78 -5.97
N THR B 384 -25.61 10.46 -6.42
CA THR B 384 -25.80 11.75 -7.07
C THR B 384 -26.44 11.57 -8.43
N ALA B 385 -26.25 10.41 -9.06
CA ALA B 385 -26.86 10.16 -10.37
C ALA B 385 -28.35 9.86 -10.26
N SER B 386 -28.76 9.19 -9.19
CA SER B 386 -30.19 9.03 -9.04
C SER B 386 -30.85 10.32 -8.55
N PHE B 387 -30.10 11.21 -7.88
CA PHE B 387 -30.69 12.50 -7.55
C PHE B 387 -30.90 13.34 -8.80
N MET B 388 -30.07 13.16 -9.84
CA MET B 388 -30.31 13.86 -11.10
C MET B 388 -31.64 13.41 -11.72
N LYS B 389 -31.93 12.11 -11.65
CA LYS B 389 -33.22 11.62 -12.12
C LYS B 389 -34.37 12.17 -11.26
N HIS B 390 -34.14 12.28 -9.95
CA HIS B 390 -35.12 12.91 -9.07
C HIS B 390 -35.44 14.31 -9.52
N LEU B 391 -34.40 15.12 -9.78
CA LEU B 391 -34.60 16.48 -10.24
C LEU B 391 -35.45 16.52 -11.49
N GLU B 392 -35.19 15.58 -12.40
CA GLU B 392 -35.93 15.53 -13.66
C GLU B 392 -37.38 15.11 -13.41
N ASN B 393 -37.61 14.07 -12.58
CA ASN B 393 -38.98 13.70 -12.26
C ASN B 393 -39.71 14.86 -11.62
N GLU B 394 -39.03 15.60 -10.73
CA GLU B 394 -39.70 16.65 -9.97
C GLU B 394 -40.03 17.85 -10.86
N GLN B 395 -39.16 18.16 -11.82
CA GLN B 395 -39.47 19.24 -12.76
C GLN B 395 -40.75 18.93 -13.54
N LYS B 396 -40.91 17.68 -13.97
CA LYS B 396 -42.14 17.29 -14.65
C LYS B 396 -43.32 17.33 -13.69
N ALA B 397 -43.14 16.79 -12.49
CA ALA B 397 -44.25 16.67 -11.54
C ALA B 397 -44.69 18.02 -11.00
N ARG B 398 -43.74 18.84 -10.54
CA ARG B 398 -44.08 20.02 -9.76
C ARG B 398 -43.51 21.34 -10.26
N GLY B 399 -42.66 21.31 -11.29
CA GLY B 399 -42.05 22.53 -11.77
C GLY B 399 -40.88 22.99 -10.93
N GLY B 400 -40.03 22.06 -10.53
CA GLY B 400 -38.85 22.39 -9.75
C GLY B 400 -38.70 21.48 -8.55
N CYS B 401 -37.61 21.71 -7.81
CA CYS B 401 -37.24 20.91 -6.67
C CYS B 401 -36.30 21.70 -5.75
N PRO B 402 -36.69 21.89 -4.49
CA PRO B 402 -35.80 22.54 -3.50
C PRO B 402 -34.58 21.68 -3.22
N ALA B 403 -33.40 22.27 -3.41
CA ALA B 403 -32.15 21.55 -3.21
C ALA B 403 -31.08 22.50 -2.68
N ASP B 404 -30.35 22.04 -1.67
CA ASP B 404 -29.32 22.82 -1.02
C ASP B 404 -27.98 22.31 -1.57
N TRP B 405 -27.48 23.01 -2.61
CA TRP B 405 -26.32 22.55 -3.39
C TRP B 405 -25.16 22.09 -2.51
N ALA B 406 -24.80 22.89 -1.52
CA ALA B 406 -23.65 22.55 -0.70
C ALA B 406 -23.84 21.27 0.13
N TRP B 407 -25.10 20.88 0.39
CA TRP B 407 -25.35 19.62 1.08
C TRP B 407 -25.55 18.45 0.12
N ILE B 408 -25.97 18.74 -1.11
CA ILE B 408 -26.16 17.71 -2.13
C ILE B 408 -24.82 17.24 -2.71
N VAL B 409 -23.91 18.17 -3.00
CA VAL B 409 -22.58 17.83 -3.55
C VAL B 409 -21.79 17.05 -2.51
N PRO B 410 -21.25 15.87 -2.87
CA PRO B 410 -20.54 15.04 -1.87
C PRO B 410 -19.28 15.71 -1.36
N PRO B 411 -18.82 15.32 -0.16
CA PRO B 411 -17.64 15.98 0.43
C PRO B 411 -16.30 15.55 -0.15
N ILE B 412 -16.22 14.49 -0.95
CA ILE B 412 -15.06 14.21 -1.78
C ILE B 412 -15.55 14.13 -3.22
N SER B 413 -14.61 14.36 -4.15
CA SER B 413 -14.86 14.16 -5.57
C SER B 413 -16.10 14.90 -6.07
N GLY B 414 -16.38 16.07 -5.48
CA GLY B 414 -17.50 16.91 -5.86
C GLY B 414 -17.76 17.09 -7.35
N SER B 415 -16.81 17.68 -8.11
CA SER B 415 -17.09 17.93 -9.52
C SER B 415 -17.05 16.68 -10.37
N LEU B 416 -16.69 15.54 -9.79
CA LEU B 416 -16.81 14.28 -10.51
C LEU B 416 -18.25 13.77 -10.52
N THR B 417 -19.14 14.32 -9.69
CA THR B 417 -20.53 13.92 -9.71
C THR B 417 -21.36 14.91 -10.50
N PRO B 418 -22.49 14.49 -11.08
CA PRO B 418 -23.25 15.40 -11.95
C PRO B 418 -23.93 16.55 -11.21
N VAL B 419 -24.21 16.40 -9.91
CA VAL B 419 -24.90 17.47 -9.20
C VAL B 419 -24.04 18.72 -9.06
N PHE B 420 -22.71 18.56 -9.08
CA PHE B 420 -21.83 19.72 -9.00
C PHE B 420 -22.14 20.73 -10.10
N HIS B 421 -22.44 20.23 -11.31
CA HIS B 421 -22.63 21.06 -12.48
C HIS B 421 -24.07 21.45 -12.69
N GLN B 422 -24.89 21.31 -11.65
CA GLN B 422 -26.31 21.61 -11.67
C GLN B 422 -26.57 22.77 -10.72
N GLU B 423 -27.01 23.91 -11.24
CA GLU B 423 -27.52 24.96 -10.39
C GLU B 423 -28.80 24.49 -9.70
N MET B 424 -29.05 25.05 -8.51
CA MET B 424 -30.17 24.61 -7.66
C MET B 424 -30.79 25.82 -6.97
N VAL B 425 -32.07 25.70 -6.63
CA VAL B 425 -32.83 26.74 -5.94
C VAL B 425 -33.24 26.18 -4.59
N ASN B 426 -32.82 26.83 -3.52
CA ASN B 426 -33.10 26.37 -2.17
C ASN B 426 -34.24 27.19 -1.57
N TYR B 427 -35.25 26.50 -1.05
CA TYR B 427 -36.41 27.15 -0.46
C TYR B 427 -37.13 26.12 0.39
N PHE B 428 -38.08 26.61 1.18
CA PHE B 428 -38.77 25.82 2.20
C PHE B 428 -40.21 25.54 1.78
N LEU B 429 -40.52 24.26 1.57
CA LEU B 429 -41.88 23.79 1.34
C LEU B 429 -42.35 22.98 2.54
N SER B 430 -43.67 23.00 2.78
CA SER B 430 -44.30 22.25 3.84
C SER B 430 -45.31 21.25 3.27
N PRO B 431 -45.42 20.03 3.85
CA PRO B 431 -44.78 19.45 5.03
C PRO B 431 -43.26 19.38 5.00
N ALA B 432 -42.69 19.31 6.19
CA ALA B 432 -41.25 19.49 6.31
C ALA B 432 -40.74 18.85 7.57
N PHE B 433 -39.48 18.47 7.54
CA PHE B 433 -38.70 18.19 8.73
C PHE B 433 -37.95 19.47 9.06
N ARG B 434 -38.05 19.92 10.31
CA ARG B 434 -37.41 21.13 10.78
C ARG B 434 -36.47 20.79 11.92
N TYR B 435 -35.44 21.60 12.11
CA TYR B 435 -34.64 21.47 13.32
C TYR B 435 -35.42 22.00 14.51
N GLN B 436 -35.06 21.56 15.71
CA GLN B 436 -35.71 22.08 16.90
C GLN B 436 -34.68 22.16 18.01
N PRO B 437 -34.91 22.97 19.04
CA PRO B 437 -33.92 23.07 20.11
C PRO B 437 -33.83 21.78 20.91
N ASP B 438 -32.66 21.56 21.48
CA ASP B 438 -32.48 20.45 22.39
C ASP B 438 -33.35 20.65 23.63
N PRO B 439 -33.98 19.59 24.12
CA PRO B 439 -34.86 19.73 25.29
C PRO B 439 -34.15 19.87 26.63
N TRP B 440 -32.84 20.06 26.68
CA TRP B 440 -32.21 20.35 27.98
C TRP B 440 -31.65 21.79 28.10
N LYS C 27 36.31 -44.40 -0.78
CA LYS C 27 35.45 -43.23 -0.93
C LYS C 27 34.18 -43.38 -0.09
N PHE C 28 34.35 -43.29 1.23
CA PHE C 28 33.24 -43.01 2.13
C PHE C 28 33.31 -41.55 2.50
N PRO C 29 32.34 -40.71 2.10
CA PRO C 29 32.45 -39.27 2.33
C PRO C 29 32.66 -38.92 3.80
N ARG C 30 33.60 -38.03 4.05
CA ARG C 30 33.85 -37.50 5.39
C ARG C 30 32.89 -36.36 5.69
N VAL C 31 32.26 -36.40 6.87
CA VAL C 31 31.23 -35.44 7.21
C VAL C 31 31.57 -34.81 8.56
N LYS C 32 31.63 -33.48 8.59
CA LYS C 32 32.08 -32.76 9.75
C LYS C 32 30.97 -31.90 10.32
N ASN C 33 30.88 -31.86 11.65
CA ASN C 33 30.12 -30.86 12.38
C ASN C 33 31.06 -29.75 12.83
N TRP C 34 30.82 -28.53 12.35
CA TRP C 34 31.75 -27.44 12.56
C TRP C 34 31.59 -26.73 13.90
N GLU C 35 30.50 -27.00 14.61
CA GLU C 35 30.33 -26.46 15.96
C GLU C 35 31.10 -27.28 16.98
N VAL C 36 31.11 -28.60 16.80
CA VAL C 36 31.70 -29.51 17.77
C VAL C 36 33.07 -29.97 17.30
N GLY C 37 33.24 -30.02 15.97
CA GLY C 37 34.45 -30.56 15.38
C GLY C 37 34.43 -32.06 15.18
N SER C 38 33.28 -32.69 15.38
CA SER C 38 33.16 -34.13 15.27
C SER C 38 33.13 -34.58 13.82
N ILE C 39 33.66 -35.77 13.59
CA ILE C 39 33.77 -36.38 12.26
C ILE C 39 33.07 -37.73 12.28
N THR C 40 32.21 -37.96 11.28
CA THR C 40 31.70 -39.29 10.95
C THR C 40 31.99 -39.59 9.48
N TYR C 41 31.79 -40.85 9.09
CA TYR C 41 31.87 -41.29 7.72
C TYR C 41 30.54 -41.91 7.32
N ASP C 42 30.02 -41.51 6.16
CA ASP C 42 28.74 -42.02 5.67
C ASP C 42 29.02 -43.24 4.80
N THR C 43 28.78 -44.44 5.35
CA THR C 43 28.88 -45.67 4.61
C THR C 43 27.58 -46.06 3.92
N LEU C 44 26.46 -45.44 4.29
CA LEU C 44 25.17 -45.76 3.71
C LEU C 44 25.00 -45.23 2.30
N SER C 45 25.70 -44.15 1.93
CA SER C 45 25.53 -43.57 0.59
C SER C 45 25.90 -44.55 -0.51
N ALA C 46 26.75 -45.54 -0.23
CA ALA C 46 27.04 -46.60 -1.20
C ALA C 46 25.79 -47.33 -1.68
N GLN C 47 24.80 -47.51 -0.81
CA GLN C 47 23.52 -48.14 -1.12
C GLN C 47 22.65 -47.34 -2.08
N ALA C 48 23.04 -46.13 -2.49
CA ALA C 48 22.12 -45.28 -3.23
C ALA C 48 21.66 -45.96 -4.51
N GLN C 49 20.34 -46.19 -4.59
CA GLN C 49 19.75 -46.88 -5.73
C GLN C 49 19.79 -46.01 -6.99
N GLN C 50 18.72 -45.26 -7.24
CA GLN C 50 18.66 -44.44 -8.45
C GLN C 50 19.62 -43.25 -8.30
N ASP C 51 19.64 -42.39 -9.32
CA ASP C 51 20.63 -41.33 -9.43
C ASP C 51 19.99 -39.97 -9.21
N GLY C 52 20.71 -39.08 -8.53
CA GLY C 52 20.32 -37.71 -8.34
C GLY C 52 20.83 -36.79 -9.45
N PRO C 53 20.69 -35.49 -9.26
CA PRO C 53 20.84 -34.55 -10.39
C PRO C 53 22.26 -34.02 -10.60
N CYS C 54 23.18 -34.30 -9.68
CA CYS C 54 24.49 -33.65 -9.65
C CYS C 54 25.50 -34.45 -10.47
N THR C 55 26.54 -33.78 -10.94
CA THR C 55 27.69 -34.40 -11.59
C THR C 55 28.98 -33.77 -11.10
N PRO C 56 30.14 -34.39 -11.38
CA PRO C 56 31.41 -33.71 -11.08
C PRO C 56 31.52 -32.34 -11.71
N ARG C 57 30.82 -32.10 -12.82
CA ARG C 57 30.87 -30.80 -13.46
C ARG C 57 30.06 -29.75 -12.70
N ARG C 58 28.91 -30.10 -12.13
CA ARG C 58 28.12 -29.08 -11.44
C ARG C 58 27.12 -29.70 -10.49
N CYS C 59 26.92 -29.00 -9.37
CA CYS C 59 26.00 -29.40 -8.31
C CYS C 59 24.63 -28.74 -8.51
N LEU C 60 23.58 -29.56 -8.52
CA LEU C 60 22.20 -29.10 -8.65
C LEU C 60 21.40 -29.40 -7.39
N GLY C 61 22.07 -29.46 -6.23
CA GLY C 61 21.38 -29.74 -4.98
C GLY C 61 20.25 -28.77 -4.64
N SER C 62 20.33 -27.54 -5.11
CA SER C 62 19.35 -26.53 -4.72
C SER C 62 18.05 -26.59 -5.52
N LEU C 63 17.97 -27.42 -6.57
CA LEU C 63 16.74 -27.48 -7.37
C LEU C 63 15.66 -28.27 -6.63
N VAL C 64 14.43 -27.74 -6.65
CA VAL C 64 13.30 -28.39 -6.01
C VAL C 64 12.93 -29.70 -6.72
N PHE C 65 12.61 -29.61 -8.01
CA PHE C 65 12.31 -30.79 -8.82
C PHE C 65 13.42 -31.01 -9.82
N PRO C 66 14.27 -32.03 -9.65
CA PRO C 66 15.18 -32.40 -10.75
C PRO C 66 14.39 -33.11 -11.84
N ARG C 67 14.49 -32.61 -13.07
CA ARG C 67 13.71 -33.13 -14.19
C ARG C 67 14.19 -34.52 -14.62
N ALA C 79 8.78 -54.08 -18.41
CA ALA C 79 9.89 -54.94 -18.01
C ALA C 79 9.49 -55.85 -16.86
N PRO C 80 9.12 -57.09 -17.18
CA PRO C 80 8.83 -58.06 -16.11
C PRO C 80 10.04 -58.37 -15.23
N GLU C 81 11.25 -58.38 -15.82
CA GLU C 81 12.45 -58.72 -15.08
C GLU C 81 12.94 -57.59 -14.19
N GLN C 82 12.74 -56.34 -14.62
CA GLN C 82 13.24 -55.21 -13.84
C GLN C 82 12.48 -55.09 -12.52
N LEU C 83 11.16 -55.32 -12.55
CA LEU C 83 10.37 -55.34 -11.32
C LEU C 83 10.90 -56.39 -10.35
N LEU C 84 11.38 -57.51 -10.88
CA LEU C 84 11.84 -58.60 -10.03
C LEU C 84 12.98 -58.15 -9.12
N SER C 85 14.02 -57.53 -9.70
CA SER C 85 15.21 -57.17 -8.93
C SER C 85 14.89 -56.22 -7.80
N GLN C 86 14.05 -55.22 -8.07
CA GLN C 86 13.62 -54.32 -7.00
C GLN C 86 12.89 -55.09 -5.90
N ALA C 87 11.99 -56.01 -6.28
CA ALA C 87 11.21 -56.74 -5.29
C ALA C 87 12.11 -57.61 -4.43
N ARG C 88 13.09 -58.27 -5.05
CA ARG C 88 14.05 -59.09 -4.31
C ARG C 88 14.81 -58.25 -3.29
N ASP C 89 15.33 -57.09 -3.69
CA ASP C 89 16.17 -56.29 -2.82
C ASP C 89 15.42 -55.85 -1.57
N PHE C 90 14.15 -55.51 -1.71
CA PHE C 90 13.36 -55.08 -0.56
C PHE C 90 13.11 -56.23 0.41
N ILE C 91 12.85 -57.44 -0.12
CA ILE C 91 12.58 -58.58 0.76
C ILE C 91 13.81 -58.88 1.60
N ASN C 92 14.99 -58.71 1.02
CA ASN C 92 16.23 -58.94 1.77
C ASN C 92 16.39 -57.90 2.86
N GLN C 93 16.10 -56.63 2.56
CA GLN C 93 16.09 -55.59 3.57
C GLN C 93 15.17 -55.96 4.73
N TYR C 94 13.93 -56.30 4.42
CA TYR C 94 12.95 -56.56 5.46
C TYR C 94 13.39 -57.69 6.37
N TYR C 95 13.78 -58.83 5.79
CA TYR C 95 14.11 -59.98 6.63
C TYR C 95 15.39 -59.75 7.40
N SER C 96 16.37 -59.11 6.77
CA SER C 96 17.52 -58.60 7.52
C SER C 96 17.08 -57.69 8.67
N SER C 97 16.09 -56.83 8.42
CA SER C 97 15.63 -55.91 9.45
C SER C 97 14.92 -56.61 10.61
N ILE C 98 14.39 -57.80 10.40
CA ILE C 98 13.75 -58.53 11.48
C ILE C 98 14.64 -59.67 11.99
N LYS C 99 15.93 -59.64 11.66
CA LYS C 99 16.90 -60.63 12.13
C LYS C 99 16.57 -62.06 11.67
N ARG C 100 15.82 -62.19 10.58
CA ARG C 100 15.43 -63.50 10.05
C ARG C 100 15.83 -63.63 8.59
N SER C 101 17.09 -63.32 8.28
CA SER C 101 17.61 -63.39 6.93
C SER C 101 18.29 -64.73 6.71
N GLY C 102 17.98 -65.38 5.59
CA GLY C 102 18.33 -66.76 5.37
C GLY C 102 17.29 -67.74 5.85
N SER C 103 16.35 -67.31 6.68
CA SER C 103 15.31 -68.16 7.22
C SER C 103 14.49 -68.82 6.11
N GLN C 104 13.76 -69.86 6.50
CA GLN C 104 12.81 -70.48 5.57
C GLN C 104 11.73 -69.48 5.16
N ALA C 105 11.22 -68.72 6.13
CA ALA C 105 10.28 -67.66 5.80
C ALA C 105 10.85 -66.74 4.73
N HIS C 106 12.15 -66.43 4.82
CA HIS C 106 12.80 -65.61 3.80
C HIS C 106 12.65 -66.24 2.42
N GLU C 107 12.93 -67.54 2.32
CA GLU C 107 12.96 -68.19 1.01
C GLU C 107 11.57 -68.39 0.42
N GLN C 108 10.56 -68.61 1.27
CA GLN C 108 9.21 -68.79 0.75
C GLN C 108 8.70 -67.51 0.14
N ARG C 109 8.92 -66.39 0.84
CA ARG C 109 8.54 -65.09 0.31
C ARG C 109 9.16 -64.83 -1.06
N LEU C 110 10.44 -65.19 -1.23
CA LEU C 110 11.14 -64.91 -2.48
C LEU C 110 10.50 -65.64 -3.65
N GLN C 111 10.32 -66.95 -3.52
CA GLN C 111 9.75 -67.72 -4.63
C GLN C 111 8.27 -67.42 -4.79
N GLU C 112 7.60 -67.00 -3.72
CA GLU C 112 6.20 -66.60 -3.86
C GLU C 112 6.06 -65.29 -4.62
N VAL C 113 7.00 -64.37 -4.45
CA VAL C 113 7.02 -63.17 -5.30
C VAL C 113 7.27 -63.55 -6.75
N GLU C 114 8.30 -64.37 -6.99
CA GLU C 114 8.62 -64.85 -8.32
C GLU C 114 7.38 -65.38 -9.04
N ALA C 115 6.64 -66.29 -8.39
CA ALA C 115 5.50 -66.94 -9.02
C ALA C 115 4.34 -65.98 -9.22
N GLU C 116 4.16 -65.04 -8.28
CA GLU C 116 3.03 -64.10 -8.38
C GLU C 116 3.26 -63.12 -9.52
N VAL C 117 4.49 -62.68 -9.75
CA VAL C 117 4.73 -61.84 -10.92
C VAL C 117 4.70 -62.66 -12.20
N ALA C 118 5.13 -63.94 -12.14
CA ALA C 118 5.03 -64.82 -13.30
C ALA C 118 3.58 -65.13 -13.65
N ALA C 119 2.69 -65.20 -12.65
CA ALA C 119 1.28 -65.46 -12.89
C ALA C 119 0.48 -64.20 -13.21
N THR C 120 0.81 -63.05 -12.60
CA THR C 120 -0.02 -61.87 -12.75
C THR C 120 0.70 -60.62 -13.23
N GLY C 121 2.03 -60.60 -13.25
CA GLY C 121 2.78 -59.42 -13.68
C GLY C 121 3.16 -58.48 -12.56
N THR C 122 2.49 -58.55 -11.42
CA THR C 122 2.84 -57.75 -10.26
C THR C 122 2.88 -58.72 -9.08
N TYR C 123 2.88 -58.20 -7.86
CA TYR C 123 2.76 -59.07 -6.69
C TYR C 123 2.26 -58.25 -5.52
N GLN C 124 1.75 -58.94 -4.51
CA GLN C 124 1.12 -58.30 -3.37
C GLN C 124 2.06 -58.27 -2.17
N LEU C 125 2.12 -57.13 -1.49
CA LEU C 125 2.86 -57.00 -0.24
C LEU C 125 2.05 -57.58 0.93
N ARG C 126 2.75 -58.30 1.82
CA ARG C 126 2.17 -58.63 3.12
C ARG C 126 1.99 -57.35 3.94
N GLU C 127 0.99 -57.36 4.82
CA GLU C 127 0.69 -56.16 5.59
C GLU C 127 1.88 -55.67 6.39
N SER C 128 2.69 -56.59 6.89
CA SER C 128 3.85 -56.20 7.68
C SER C 128 4.95 -55.60 6.79
N GLU C 129 5.17 -56.19 5.60
CA GLU C 129 6.09 -55.60 4.64
C GLU C 129 5.62 -54.21 4.23
N LEU C 130 4.31 -54.03 4.07
CA LEU C 130 3.75 -52.72 3.75
C LEU C 130 3.99 -51.72 4.89
N VAL C 131 3.82 -52.15 6.14
CA VAL C 131 4.10 -51.26 7.26
C VAL C 131 5.57 -50.86 7.28
N PHE C 132 6.45 -51.87 7.25
CA PHE C 132 7.88 -51.61 7.21
C PHE C 132 8.27 -50.72 6.03
N GLY C 133 7.65 -50.97 4.88
CA GLY C 133 7.97 -50.21 3.68
C GLY C 133 7.56 -48.75 3.79
N ALA C 134 6.40 -48.49 4.39
CA ALA C 134 5.95 -47.12 4.61
C ALA C 134 6.86 -46.37 5.59
N LYS C 135 7.26 -47.02 6.70
CA LYS C 135 8.13 -46.36 7.66
C LYS C 135 9.51 -46.10 7.06
N GLN C 136 10.04 -47.05 6.29
CA GLN C 136 11.34 -46.85 5.65
C GLN C 136 11.30 -45.67 4.70
N ALA C 137 10.21 -45.55 3.93
CA ALA C 137 10.13 -44.46 2.96
C ALA C 137 10.14 -43.12 3.66
N TRP C 138 9.53 -43.02 4.84
CA TRP C 138 9.65 -41.77 5.60
C TRP C 138 11.06 -41.59 6.12
N ARG C 139 11.62 -42.65 6.72
CA ARG C 139 12.98 -42.63 7.25
C ARG C 139 14.00 -42.25 6.18
N ASN C 140 13.74 -42.59 4.92
CA ASN C 140 14.68 -42.29 3.86
C ASN C 140 14.44 -40.93 3.19
N ALA C 141 13.45 -40.16 3.61
CA ALA C 141 13.18 -38.88 2.96
C ALA C 141 14.21 -37.83 3.37
N PRO C 142 15.10 -37.41 2.46
CA PRO C 142 16.21 -36.53 2.87
C PRO C 142 15.79 -35.13 3.27
N ARG C 143 14.65 -34.64 2.81
CA ARG C 143 14.20 -33.29 3.08
C ARG C 143 13.30 -33.18 4.32
N CYS C 144 13.13 -34.25 5.10
CA CYS C 144 12.24 -34.22 6.24
C CYS C 144 13.06 -34.07 7.52
N VAL C 145 12.85 -32.93 8.22
CA VAL C 145 13.51 -32.70 9.51
C VAL C 145 12.83 -33.44 10.64
N GLY C 146 11.70 -34.11 10.39
CA GLY C 146 10.90 -34.69 11.46
C GLY C 146 11.13 -36.17 11.67
N ARG C 147 12.24 -36.70 11.18
CA ARG C 147 12.44 -38.15 11.12
C ARG C 147 12.81 -38.79 12.46
N ILE C 148 13.04 -38.02 13.53
CA ILE C 148 13.15 -38.64 14.85
C ILE C 148 11.92 -39.49 15.15
N GLN C 149 10.81 -39.24 14.46
CA GLN C 149 9.53 -39.87 14.72
C GLN C 149 9.27 -41.10 13.85
N TRP C 150 10.24 -41.53 13.03
CA TRP C 150 9.93 -42.37 11.88
C TRP C 150 9.36 -43.73 12.26
N GLY C 151 9.72 -44.26 13.43
CA GLY C 151 9.19 -45.56 13.81
C GLY C 151 7.76 -45.55 14.34
N LYS C 152 7.22 -44.39 14.65
CA LYS C 152 5.87 -44.24 15.16
C LYS C 152 5.04 -43.65 14.02
N LEU C 153 4.47 -44.54 13.21
CA LEU C 153 3.67 -44.18 12.04
C LEU C 153 2.50 -45.16 11.97
N GLN C 154 1.29 -44.63 11.85
CA GLN C 154 0.08 -45.44 11.79
C GLN C 154 -0.26 -45.72 10.34
N VAL C 155 -0.14 -46.97 9.93
CA VAL C 155 -0.37 -47.38 8.54
C VAL C 155 -1.78 -47.92 8.41
N PHE C 156 -2.56 -47.32 7.51
CA PHE C 156 -3.94 -47.75 7.22
C PHE C 156 -3.96 -48.39 5.85
N ASP C 157 -4.28 -49.69 5.81
CA ASP C 157 -4.28 -50.46 4.58
C ASP C 157 -5.61 -50.25 3.85
N ALA C 158 -5.58 -49.49 2.76
CA ALA C 158 -6.75 -49.21 1.93
C ALA C 158 -6.67 -49.84 0.55
N ARG C 159 -5.86 -50.90 0.39
CA ARG C 159 -5.64 -51.51 -0.92
C ARG C 159 -6.87 -52.22 -1.48
N ASP C 160 -7.98 -52.29 -0.74
CA ASP C 160 -9.19 -52.87 -1.25
C ASP C 160 -10.19 -51.81 -1.72
N CYS C 161 -9.72 -50.60 -1.98
CA CYS C 161 -10.61 -49.45 -2.08
C CYS C 161 -11.48 -49.53 -3.33
N ARG C 162 -12.80 -49.43 -3.14
CA ARG C 162 -13.78 -49.53 -4.21
C ARG C 162 -13.64 -48.37 -5.19
N SER C 163 -14.31 -47.25 -4.89
CA SER C 163 -14.36 -46.11 -5.78
C SER C 163 -13.88 -44.87 -5.02
N ALA C 164 -14.19 -43.70 -5.58
CA ALA C 164 -13.86 -42.45 -4.90
C ALA C 164 -14.64 -42.29 -3.59
N GLN C 165 -15.84 -42.87 -3.52
CA GLN C 165 -16.61 -42.77 -2.28
C GLN C 165 -15.93 -43.56 -1.16
N GLU C 166 -15.40 -44.74 -1.47
CA GLU C 166 -14.62 -45.46 -0.47
C GLU C 166 -13.30 -44.76 -0.21
N MET C 167 -12.69 -44.22 -1.26
CA MET C 167 -11.52 -43.36 -1.09
C MET C 167 -11.82 -42.24 -0.10
N PHE C 168 -12.92 -41.52 -0.35
CA PHE C 168 -13.30 -40.42 0.53
C PHE C 168 -13.53 -40.90 1.96
N THR C 169 -14.01 -42.13 2.13
CA THR C 169 -14.26 -42.68 3.47
C THR C 169 -12.96 -43.06 4.18
N TYR C 170 -12.01 -43.64 3.45
CA TYR C 170 -10.67 -43.84 4.02
C TYR C 170 -10.04 -42.51 4.43
N ILE C 171 -10.16 -41.49 3.58
CA ILE C 171 -9.46 -40.23 3.82
C ILE C 171 -10.01 -39.53 5.05
N CYS C 172 -11.34 -39.59 5.24
CA CYS C 172 -11.94 -38.96 6.42
C CYS C 172 -11.62 -39.74 7.69
N ASN C 173 -11.47 -41.06 7.60
CA ASN C 173 -10.98 -41.82 8.75
C ASN C 173 -9.54 -41.42 9.09
N HIS C 174 -8.68 -41.32 8.06
CA HIS C 174 -7.33 -40.79 8.26
C HIS C 174 -7.38 -39.46 8.98
N ILE C 175 -8.12 -38.49 8.44
CA ILE C 175 -8.16 -37.16 9.04
C ILE C 175 -8.66 -37.21 10.48
N LYS C 176 -9.73 -37.98 10.71
CA LYS C 176 -10.23 -38.14 12.08
C LYS C 176 -9.17 -38.74 13.00
N TYR C 177 -8.54 -39.83 12.57
CA TYR C 177 -7.52 -40.45 13.43
C TYR C 177 -6.31 -39.53 13.64
N ALA C 178 -5.80 -38.92 12.56
CA ALA C 178 -4.55 -38.16 12.69
C ALA C 178 -4.76 -36.90 13.52
N THR C 179 -5.95 -36.31 13.44
CA THR C 179 -6.19 -35.05 14.13
C THR C 179 -6.37 -35.28 15.64
N ASN C 180 -7.32 -36.14 16.00
CA ASN C 180 -7.41 -36.63 17.37
C ASN C 180 -7.52 -35.47 18.37
N ARG C 181 -8.41 -34.53 18.04
CA ARG C 181 -8.76 -33.41 18.93
C ARG C 181 -7.56 -32.50 19.21
N GLY C 182 -6.60 -32.44 18.27
CA GLY C 182 -5.46 -31.56 18.42
C GLY C 182 -4.20 -32.24 18.92
N ASN C 183 -4.30 -33.45 19.45
CA ASN C 183 -3.09 -34.21 19.80
C ASN C 183 -2.72 -35.03 18.58
N LEU C 184 -1.90 -34.42 17.70
CA LEU C 184 -1.66 -34.99 16.39
C LEU C 184 -0.89 -36.31 16.48
N ARG C 185 -1.26 -37.26 15.59
CA ARG C 185 -0.65 -38.57 15.47
C ARG C 185 -0.29 -38.84 14.00
N SER C 186 0.95 -39.26 13.76
CA SER C 186 1.39 -39.55 12.40
C SER C 186 0.62 -40.73 11.80
N ALA C 187 0.41 -40.68 10.48
CA ALA C 187 -0.41 -41.67 9.82
C ALA C 187 -0.15 -41.66 8.31
N ILE C 188 -0.46 -42.80 7.68
CA ILE C 188 -0.46 -42.91 6.22
C ILE C 188 -1.55 -43.90 5.85
N THR C 189 -2.20 -43.65 4.71
CA THR C 189 -3.21 -44.55 4.14
C THR C 189 -2.76 -44.95 2.75
N VAL C 190 -2.71 -46.26 2.49
CA VAL C 190 -2.11 -46.78 1.26
C VAL C 190 -3.22 -47.35 0.37
N PHE C 191 -3.47 -46.69 -0.75
CA PHE C 191 -4.46 -47.10 -1.74
C PHE C 191 -3.84 -48.06 -2.73
N PRO C 192 -4.65 -48.70 -3.60
CA PRO C 192 -4.09 -49.78 -4.41
C PRO C 192 -3.02 -49.32 -5.38
N GLN C 193 -2.09 -50.23 -5.66
CA GLN C 193 -0.97 -49.94 -6.53
C GLN C 193 -1.43 -49.93 -7.99
N ARG C 194 -0.52 -49.55 -8.88
CA ARG C 194 -0.82 -49.54 -10.30
C ARG C 194 -0.46 -50.89 -10.92
N CYS C 195 -1.00 -51.11 -12.12
CA CYS C 195 -0.66 -52.21 -13.00
C CYS C 195 -1.30 -51.90 -14.35
N PRO C 196 -0.88 -52.56 -15.44
CA PRO C 196 -1.39 -52.18 -16.77
C PRO C 196 -2.88 -52.46 -16.98
N GLY C 197 -3.34 -52.27 -18.21
CA GLY C 197 -4.72 -52.50 -18.61
C GLY C 197 -5.70 -51.42 -18.20
N ARG C 198 -5.57 -50.94 -16.96
CA ARG C 198 -6.43 -49.92 -16.42
C ARG C 198 -5.61 -49.01 -15.52
N GLY C 199 -6.17 -47.85 -15.20
CA GLY C 199 -5.40 -46.76 -14.65
C GLY C 199 -4.97 -46.80 -13.20
N ASP C 200 -5.21 -45.68 -12.50
CA ASP C 200 -4.54 -45.37 -11.24
C ASP C 200 -5.50 -44.67 -10.27
N PHE C 201 -5.16 -44.75 -8.99
CA PHE C 201 -5.82 -43.98 -7.95
C PHE C 201 -4.99 -42.72 -7.69
N ARG C 202 -5.62 -41.55 -7.81
CA ARG C 202 -4.92 -40.28 -7.56
C ARG C 202 -5.78 -39.35 -6.73
N ILE C 203 -5.12 -38.58 -5.86
CA ILE C 203 -5.72 -37.45 -5.18
C ILE C 203 -5.19 -36.19 -5.85
N TRP C 204 -6.09 -35.41 -6.45
CA TRP C 204 -5.66 -34.27 -7.26
C TRP C 204 -5.14 -33.11 -6.41
N ASN C 205 -5.67 -32.92 -5.20
CA ASN C 205 -5.17 -31.87 -4.33
C ASN C 205 -3.76 -32.22 -3.84
N SER C 206 -2.93 -31.18 -3.67
CA SER C 206 -1.57 -31.43 -3.19
C SER C 206 -1.55 -31.74 -1.69
N GLN C 207 -2.55 -31.28 -0.95
CA GLN C 207 -2.72 -31.62 0.45
C GLN C 207 -4.18 -31.89 0.73
N LEU C 208 -4.43 -32.68 1.78
CA LEU C 208 -5.80 -32.96 2.17
C LEU C 208 -6.53 -31.70 2.60
N VAL C 209 -5.82 -30.75 3.20
CA VAL C 209 -6.37 -29.45 3.57
C VAL C 209 -5.64 -28.39 2.77
N ARG C 210 -6.38 -27.61 1.98
CA ARG C 210 -5.81 -26.52 1.19
C ARG C 210 -6.81 -25.38 1.14
N TYR C 211 -6.33 -24.15 1.31
CA TYR C 211 -7.17 -22.98 1.16
C TYR C 211 -7.28 -22.56 -0.30
N ALA C 212 -8.44 -22.05 -0.68
CA ALA C 212 -8.66 -21.66 -2.07
C ALA C 212 -7.81 -20.46 -2.45
N GLY C 213 -7.51 -20.36 -3.74
CA GLY C 213 -6.87 -19.19 -4.31
C GLY C 213 -7.64 -18.71 -5.52
N TYR C 214 -8.24 -17.52 -5.44
CA TYR C 214 -9.05 -16.95 -6.50
C TYR C 214 -8.31 -15.79 -7.16
N ARG C 215 -8.26 -15.78 -8.49
CA ARG C 215 -7.69 -14.63 -9.19
C ARG C 215 -8.77 -13.59 -9.47
N GLN C 216 -8.35 -12.34 -9.59
CA GLN C 216 -9.25 -11.20 -9.59
C GLN C 216 -9.22 -10.48 -10.93
N GLN C 217 -10.23 -9.62 -11.14
CA GLN C 217 -10.14 -8.58 -12.16
C GLN C 217 -9.04 -7.59 -11.82
N ASP C 218 -8.55 -7.61 -10.59
CA ASP C 218 -7.32 -6.93 -10.18
C ASP C 218 -6.07 -7.65 -10.67
N GLY C 219 -6.20 -8.86 -11.23
CA GLY C 219 -5.07 -9.70 -11.54
C GLY C 219 -4.44 -10.38 -10.35
N SER C 220 -4.64 -9.86 -9.13
CA SER C 220 -4.06 -10.44 -7.93
C SER C 220 -4.86 -11.66 -7.49
N VAL C 221 -4.44 -12.26 -6.38
CA VAL C 221 -5.06 -13.47 -5.85
C VAL C 221 -5.56 -13.20 -4.44
N ARG C 222 -6.80 -13.60 -4.18
CA ARG C 222 -7.34 -13.64 -2.83
C ARG C 222 -7.34 -15.10 -2.36
N GLY C 223 -6.76 -15.34 -1.19
CA GLY C 223 -6.54 -16.69 -0.72
C GLY C 223 -5.09 -17.11 -0.90
N ASP C 224 -4.85 -18.41 -1.02
CA ASP C 224 -3.50 -18.92 -1.17
C ASP C 224 -3.12 -18.92 -2.65
N PRO C 225 -2.17 -18.10 -3.09
CA PRO C 225 -1.77 -18.12 -4.51
C PRO C 225 -1.21 -19.46 -4.96
N ALA C 226 -0.68 -20.29 -4.07
CA ALA C 226 -0.21 -21.62 -4.45
C ALA C 226 -1.31 -22.52 -4.97
N ASN C 227 -2.57 -22.23 -4.64
CA ASN C 227 -3.67 -23.14 -4.95
C ASN C 227 -4.63 -22.55 -6.00
N VAL C 228 -4.13 -21.68 -6.86
CA VAL C 228 -4.95 -21.12 -7.93
C VAL C 228 -5.34 -22.20 -8.93
N GLU C 229 -4.42 -23.11 -9.24
CA GLU C 229 -4.69 -24.15 -10.22
C GLU C 229 -5.73 -25.16 -9.71
N ILE C 230 -5.53 -25.70 -8.51
CA ILE C 230 -6.48 -26.65 -7.96
C ILE C 230 -7.83 -25.98 -7.68
N THR C 231 -7.83 -24.68 -7.38
CA THR C 231 -9.10 -23.98 -7.15
C THR C 231 -9.89 -23.86 -8.44
N GLU C 232 -9.20 -23.61 -9.56
CA GLU C 232 -9.86 -23.66 -10.86
C GLU C 232 -10.44 -25.04 -11.14
N LEU C 233 -9.68 -26.09 -10.83
CA LEU C 233 -10.14 -27.46 -11.10
C LEU C 233 -11.36 -27.81 -10.25
N CYS C 234 -11.38 -27.37 -9.00
CA CYS C 234 -12.52 -27.62 -8.14
C CYS C 234 -13.76 -26.88 -8.65
N ILE C 235 -13.60 -25.61 -9.03
CA ILE C 235 -14.73 -24.85 -9.54
C ILE C 235 -15.29 -25.50 -10.80
N GLN C 236 -14.40 -25.96 -11.68
CA GLN C 236 -14.88 -26.47 -12.97
C GLN C 236 -15.55 -27.83 -12.81
N HIS C 237 -15.05 -28.69 -11.93
CA HIS C 237 -15.68 -29.96 -11.65
C HIS C 237 -16.80 -29.84 -10.63
N GLY C 238 -17.44 -28.68 -10.54
CA GLY C 238 -18.67 -28.58 -9.78
C GLY C 238 -18.67 -27.61 -8.61
N TRP C 239 -17.56 -27.47 -7.91
CA TRP C 239 -17.57 -26.70 -6.66
C TRP C 239 -17.96 -25.26 -6.91
N THR C 240 -19.00 -24.82 -6.24
CA THR C 240 -19.33 -23.40 -6.23
C THR C 240 -18.45 -22.68 -5.21
N PRO C 241 -17.78 -21.60 -5.57
CA PRO C 241 -16.69 -21.07 -4.77
C PRO C 241 -17.14 -20.11 -3.68
N GLY C 242 -16.27 -19.95 -2.68
CA GLY C 242 -16.42 -18.91 -1.69
C GLY C 242 -15.74 -17.63 -2.14
N ASN C 243 -15.53 -16.73 -1.16
CA ASN C 243 -14.80 -15.50 -1.45
C ASN C 243 -13.97 -15.03 -0.27
N GLY C 244 -13.51 -15.97 0.56
CA GLY C 244 -12.68 -15.63 1.70
C GLY C 244 -11.21 -15.88 1.42
N ARG C 245 -10.38 -15.41 2.36
CA ARG C 245 -8.95 -15.67 2.35
C ARG C 245 -8.59 -17.08 2.79
N PHE C 246 -9.50 -17.79 3.45
CA PHE C 246 -9.18 -19.11 4.00
C PHE C 246 -10.30 -20.11 3.73
N ASP C 247 -10.80 -20.14 2.50
CA ASP C 247 -11.85 -21.08 2.13
C ASP C 247 -11.24 -22.46 1.87
N VAL C 248 -11.67 -23.46 2.64
CA VAL C 248 -11.08 -24.79 2.52
C VAL C 248 -11.61 -25.44 1.24
N LEU C 249 -10.69 -25.90 0.40
CA LEU C 249 -11.07 -26.50 -0.88
C LEU C 249 -11.71 -27.87 -0.66
N PRO C 250 -12.59 -28.28 -1.56
CA PRO C 250 -13.01 -29.68 -1.59
C PRO C 250 -11.88 -30.58 -2.08
N LEU C 251 -12.07 -31.88 -1.89
CA LEU C 251 -11.14 -32.87 -2.40
C LEU C 251 -11.58 -33.35 -3.78
N LEU C 252 -10.63 -33.44 -4.69
CA LEU C 252 -10.88 -33.96 -6.05
C LEU C 252 -10.20 -35.32 -6.14
N LEU C 253 -10.98 -36.37 -5.90
CA LEU C 253 -10.48 -37.74 -5.81
C LEU C 253 -10.78 -38.49 -7.11
N GLN C 254 -9.85 -39.34 -7.51
CA GLN C 254 -9.90 -39.97 -8.84
C GLN C 254 -9.63 -41.46 -8.70
N ALA C 255 -10.67 -42.27 -8.91
CA ALA C 255 -10.55 -43.71 -9.01
C ALA C 255 -10.12 -44.08 -10.44
N PRO C 256 -9.66 -45.32 -10.65
CA PRO C 256 -9.12 -45.67 -11.98
C PRO C 256 -10.13 -45.51 -13.10
N ASP C 257 -9.73 -44.74 -14.13
CA ASP C 257 -10.36 -44.66 -15.43
C ASP C 257 -11.65 -43.85 -15.44
N GLU C 258 -12.11 -43.38 -14.30
CA GLU C 258 -13.23 -42.46 -14.37
C GLU C 258 -12.74 -41.04 -14.10
N PRO C 259 -13.49 -40.03 -14.55
CA PRO C 259 -13.17 -38.64 -14.19
C PRO C 259 -13.14 -38.47 -12.68
N PRO C 260 -12.50 -37.43 -12.18
CA PRO C 260 -12.41 -37.26 -10.73
C PRO C 260 -13.72 -36.72 -10.17
N GLU C 261 -14.09 -37.22 -8.99
CA GLU C 261 -15.32 -36.81 -8.34
C GLU C 261 -15.02 -35.82 -7.22
N LEU C 262 -15.86 -34.78 -7.13
CA LEU C 262 -15.68 -33.73 -6.14
C LEU C 262 -16.30 -34.16 -4.82
N PHE C 263 -15.61 -33.89 -3.71
CA PHE C 263 -16.07 -34.26 -2.39
C PHE C 263 -15.78 -33.12 -1.43
N LEU C 264 -16.73 -32.83 -0.53
CA LEU C 264 -16.58 -31.76 0.45
C LEU C 264 -16.23 -32.33 1.81
N LEU C 265 -15.20 -31.79 2.43
CA LEU C 265 -14.82 -32.21 3.77
C LEU C 265 -15.81 -31.61 4.77
N PRO C 266 -16.34 -32.39 5.70
CA PRO C 266 -17.20 -31.81 6.75
C PRO C 266 -16.42 -30.81 7.56
N PRO C 267 -17.00 -29.62 7.83
CA PRO C 267 -16.22 -28.59 8.55
C PRO C 267 -15.72 -29.03 9.91
N GLU C 268 -16.51 -29.84 10.63
CA GLU C 268 -16.11 -30.33 11.94
C GLU C 268 -14.93 -31.30 11.84
N LEU C 269 -14.62 -31.78 10.64
CA LEU C 269 -13.45 -32.63 10.43
C LEU C 269 -12.16 -31.82 10.35
N VAL C 270 -12.20 -30.61 9.80
CA VAL C 270 -11.00 -29.83 9.48
C VAL C 270 -10.71 -28.91 10.65
N LEU C 271 -9.80 -29.34 11.53
CA LEU C 271 -9.45 -28.53 12.70
C LEU C 271 -8.58 -27.35 12.29
N GLU C 272 -8.92 -26.16 12.77
CA GLU C 272 -8.25 -24.94 12.37
C GLU C 272 -7.89 -24.08 13.58
N VAL C 273 -6.79 -23.35 13.45
CA VAL C 273 -6.28 -22.54 14.56
C VAL C 273 -6.34 -21.07 14.16
N PRO C 274 -7.25 -20.28 14.73
CA PRO C 274 -7.18 -18.83 14.52
C PRO C 274 -5.95 -18.28 15.22
N LEU C 275 -5.32 -17.30 14.58
CA LEU C 275 -4.00 -16.86 15.03
C LEU C 275 -4.13 -15.56 15.81
N GLU C 276 -3.59 -15.54 17.02
CA GLU C 276 -3.52 -14.34 17.84
C GLU C 276 -2.11 -14.26 18.40
N HIS C 277 -1.76 -13.08 18.88
CA HIS C 277 -0.42 -12.85 19.39
C HIS C 277 -0.48 -12.65 20.91
N PRO C 278 0.45 -13.23 21.67
CA PRO C 278 0.33 -13.19 23.12
C PRO C 278 0.34 -11.79 23.71
N THR C 279 0.91 -10.79 23.04
CA THR C 279 0.96 -9.45 23.60
C THR C 279 0.48 -8.36 22.65
N LEU C 280 0.48 -8.61 21.34
CA LEU C 280 0.01 -7.65 20.34
C LEU C 280 -1.47 -7.88 20.14
N GLU C 281 -2.30 -7.04 20.80
CA GLU C 281 -3.74 -7.29 20.81
C GLU C 281 -4.32 -7.21 19.41
N TRP C 282 -3.73 -6.39 18.54
CA TRP C 282 -4.30 -6.16 17.22
C TRP C 282 -4.10 -7.32 16.25
N PHE C 283 -3.21 -8.27 16.57
CA PHE C 283 -2.89 -9.34 15.61
C PHE C 283 -4.11 -10.20 15.31
N ALA C 284 -4.91 -10.49 16.32
CA ALA C 284 -6.11 -11.32 16.13
C ALA C 284 -7.02 -10.72 15.08
N ALA C 285 -7.13 -9.38 15.05
CA ALA C 285 -8.05 -8.73 14.13
C ALA C 285 -7.59 -8.83 12.68
N LEU C 286 -6.34 -9.24 12.44
CA LEU C 286 -5.94 -9.48 11.06
C LEU C 286 -6.67 -10.66 10.45
N GLY C 287 -7.33 -11.48 11.28
CA GLY C 287 -8.14 -12.58 10.79
C GLY C 287 -7.35 -13.74 10.19
N LEU C 288 -6.11 -13.93 10.60
CA LEU C 288 -5.31 -15.03 10.06
C LEU C 288 -5.71 -16.36 10.72
N ARG C 289 -5.64 -17.43 9.94
CA ARG C 289 -5.90 -18.77 10.44
C ARG C 289 -4.95 -19.72 9.72
N TRP C 290 -4.76 -20.91 10.30
CA TRP C 290 -4.21 -22.04 9.57
C TRP C 290 -4.81 -23.32 10.12
N TYR C 291 -4.54 -24.43 9.44
CA TYR C 291 -5.13 -25.70 9.82
C TYR C 291 -4.13 -26.54 10.60
N ALA C 292 -4.65 -27.55 11.30
CA ALA C 292 -3.86 -28.37 12.22
C ALA C 292 -3.01 -29.41 11.48
N LEU C 293 -3.53 -29.97 10.39
CA LEU C 293 -3.02 -31.23 9.87
C LEU C 293 -2.28 -31.05 8.56
N PRO C 294 -0.94 -31.12 8.56
CA PRO C 294 -0.21 -31.16 7.28
C PRO C 294 -0.28 -32.57 6.75
N ALA C 295 -0.92 -32.75 5.60
CA ALA C 295 -1.19 -34.09 5.08
C ALA C 295 -0.95 -34.07 3.57
N VAL C 296 0.26 -34.47 3.17
CA VAL C 296 0.64 -34.46 1.77
C VAL C 296 -0.06 -35.60 1.05
N SER C 297 -0.76 -35.27 -0.05
CA SER C 297 -1.61 -36.23 -0.75
C SER C 297 -1.25 -36.44 -2.21
N ASN C 298 -0.10 -35.95 -2.67
CA ASN C 298 0.18 -35.97 -4.11
C ASN C 298 1.51 -36.61 -4.45
N MET C 299 2.13 -37.31 -3.50
CA MET C 299 3.39 -37.99 -3.76
C MET C 299 3.15 -39.49 -3.96
N LEU C 300 4.07 -40.11 -4.70
CA LEU C 300 4.00 -41.53 -4.99
C LEU C 300 4.89 -42.28 -4.01
N LEU C 301 4.40 -43.40 -3.51
CA LEU C 301 5.12 -44.26 -2.58
C LEU C 301 5.59 -45.50 -3.33
N GLU C 302 6.89 -45.80 -3.23
CA GLU C 302 7.51 -46.91 -3.93
C GLU C 302 8.11 -47.87 -2.91
N ILE C 303 7.72 -49.14 -2.99
CA ILE C 303 8.18 -50.22 -2.10
C ILE C 303 8.50 -51.44 -2.94
N GLY C 304 9.75 -51.90 -2.90
CA GLY C 304 10.19 -53.05 -3.65
C GLY C 304 9.72 -53.11 -5.09
N GLY C 305 9.92 -52.04 -5.85
CA GLY C 305 9.47 -51.99 -7.22
C GLY C 305 7.99 -51.79 -7.41
N LEU C 306 7.20 -51.84 -6.34
CA LEU C 306 5.78 -51.50 -6.41
C LEU C 306 5.61 -50.01 -6.21
N GLU C 307 4.54 -49.47 -6.79
CA GLU C 307 4.35 -48.03 -6.85
C GLU C 307 2.91 -47.68 -6.50
N PHE C 308 2.73 -46.82 -5.50
CA PHE C 308 1.41 -46.45 -5.00
C PHE C 308 1.18 -44.97 -5.24
N PRO C 309 0.48 -44.58 -6.31
CA PRO C 309 0.37 -43.16 -6.64
C PRO C 309 -0.56 -42.37 -5.72
N ALA C 310 -1.32 -43.04 -4.86
CA ALA C 310 -2.15 -42.37 -3.85
C ALA C 310 -1.86 -43.03 -2.52
N ALA C 311 -1.13 -42.31 -1.66
CA ALA C 311 -0.75 -42.81 -0.34
C ALA C 311 -0.54 -41.62 0.57
N PRO C 312 -1.62 -40.95 0.97
CA PRO C 312 -1.47 -39.71 1.74
C PRO C 312 -0.93 -39.98 3.13
N PHE C 313 -0.05 -39.10 3.58
CA PHE C 313 0.57 -39.20 4.90
C PHE C 313 0.48 -37.87 5.62
N SER C 314 0.60 -37.91 6.95
CA SER C 314 0.39 -36.71 7.74
C SER C 314 1.23 -36.76 9.00
N GLY C 315 1.56 -35.58 9.50
CA GLY C 315 2.27 -35.47 10.76
C GLY C 315 1.73 -34.33 11.58
N TRP C 316 2.63 -33.44 11.99
CA TRP C 316 2.24 -32.16 12.56
C TRP C 316 3.25 -31.11 12.09
N TYR C 317 2.92 -29.85 12.32
CA TYR C 317 3.69 -28.77 11.74
C TYR C 317 4.89 -28.37 12.61
N MET C 318 5.97 -28.00 11.93
CA MET C 318 6.99 -27.12 12.49
C MET C 318 6.53 -25.69 12.26
N SER C 319 6.66 -24.84 13.30
CA SER C 319 6.01 -23.53 13.24
C SER C 319 6.51 -22.67 12.06
N THR C 320 7.77 -22.84 11.62
CA THR C 320 8.26 -22.00 10.54
C THR C 320 7.60 -22.32 9.20
N GLU C 321 7.09 -23.55 9.03
CA GLU C 321 6.35 -23.84 7.82
C GLU C 321 5.16 -22.91 7.68
N ILE C 322 4.46 -22.68 8.79
CA ILE C 322 3.30 -21.81 8.77
C ILE C 322 3.73 -20.35 8.87
N GLY C 323 4.48 -20.01 9.93
CA GLY C 323 4.76 -18.61 10.22
C GLY C 323 5.67 -17.95 9.19
N THR C 324 6.62 -18.70 8.64
CA THR C 324 7.56 -18.08 7.71
C THR C 324 7.21 -18.35 6.24
N ARG C 325 7.01 -19.61 5.84
CA ARG C 325 6.82 -19.87 4.41
C ARG C 325 5.40 -19.58 3.94
N ASN C 326 4.37 -20.13 4.63
CA ASN C 326 3.02 -20.00 4.10
C ASN C 326 2.49 -18.58 4.24
N LEU C 327 2.82 -17.91 5.34
CA LEU C 327 2.30 -16.57 5.57
C LEU C 327 3.23 -15.47 5.05
N CYS C 328 4.53 -15.72 5.02
CA CYS C 328 5.46 -14.65 4.63
C CYS C 328 6.15 -14.80 3.29
N ASP C 329 6.06 -15.94 2.60
CA ASP C 329 6.67 -15.98 1.28
C ASP C 329 6.03 -14.92 0.39
N PRO C 330 6.79 -14.25 -0.47
CA PRO C 330 6.20 -13.22 -1.35
C PRO C 330 5.16 -13.78 -2.29
N HIS C 331 5.23 -15.06 -2.63
CA HIS C 331 4.30 -15.69 -3.54
C HIS C 331 3.24 -16.50 -2.81
N ARG C 332 3.16 -16.38 -1.49
CA ARG C 332 2.11 -16.98 -0.68
C ARG C 332 1.24 -15.85 -0.10
N TYR C 333 0.91 -15.88 1.19
CA TYR C 333 0.05 -14.83 1.74
C TYR C 333 0.77 -13.49 1.84
N ASN C 334 2.10 -13.49 2.04
CA ASN C 334 2.91 -12.28 1.89
C ASN C 334 2.41 -11.16 2.82
N ILE C 335 2.30 -11.50 4.11
CA ILE C 335 1.69 -10.62 5.12
C ILE C 335 2.72 -9.79 5.85
N LEU C 336 4.01 -9.91 5.51
CA LEU C 336 5.09 -9.34 6.32
C LEU C 336 4.93 -7.84 6.48
N GLU C 337 4.66 -7.12 5.39
CA GLU C 337 4.56 -5.69 5.46
C GLU C 337 3.32 -5.25 6.25
N ASP C 338 2.23 -6.00 6.12
CA ASP C 338 1.02 -5.75 6.89
C ASP C 338 1.31 -5.77 8.39
N VAL C 339 2.01 -6.80 8.85
CA VAL C 339 2.34 -6.91 10.28
C VAL C 339 3.30 -5.81 10.69
N ALA C 340 4.32 -5.53 9.86
CA ALA C 340 5.25 -4.46 10.18
C ALA C 340 4.56 -3.12 10.33
N VAL C 341 3.62 -2.82 9.44
CA VAL C 341 2.85 -1.58 9.55
C VAL C 341 2.10 -1.54 10.88
N CYS C 342 1.56 -2.68 11.29
CA CYS C 342 0.85 -2.76 12.55
C CYS C 342 1.77 -2.61 13.76
N MET C 343 3.01 -3.12 13.65
CA MET C 343 3.98 -2.95 14.73
C MET C 343 4.63 -1.58 14.72
N ASP C 344 4.23 -0.70 13.79
CA ASP C 344 4.81 0.64 13.64
C ASP C 344 6.33 0.58 13.45
N LEU C 345 6.78 -0.33 12.61
CA LEU C 345 8.19 -0.37 12.25
C LEU C 345 8.46 0.56 11.07
N ASP C 346 9.72 0.94 10.91
CA ASP C 346 10.14 1.79 9.81
C ASP C 346 10.41 0.93 8.58
N THR C 347 9.44 0.89 7.67
CA THR C 347 9.56 0.05 6.48
C THR C 347 10.24 0.74 5.31
N ARG C 348 10.77 1.95 5.52
CA ARG C 348 11.35 2.70 4.41
C ARG C 348 12.83 2.40 4.19
N THR C 349 13.46 1.65 5.09
CA THR C 349 14.86 1.27 4.95
C THR C 349 15.03 -0.19 5.34
N THR C 350 15.90 -0.91 4.61
CA THR C 350 16.11 -2.33 4.95
C THR C 350 16.90 -2.51 6.23
N SER C 351 17.73 -1.54 6.58
CA SER C 351 18.66 -1.80 7.66
C SER C 351 18.06 -1.64 9.05
N SER C 352 16.77 -1.28 9.16
CA SER C 352 16.07 -1.41 10.43
C SER C 352 15.65 -2.85 10.73
N LEU C 353 15.80 -3.77 9.78
CA LEU C 353 15.45 -5.19 9.97
C LEU C 353 13.99 -5.35 10.38
N TRP C 354 13.13 -4.48 9.83
CA TRP C 354 11.70 -4.59 10.09
C TRP C 354 11.13 -5.90 9.55
N LYS C 355 11.67 -6.38 8.42
CA LYS C 355 11.26 -7.68 7.91
C LYS C 355 11.55 -8.79 8.92
N ASP C 356 12.75 -8.74 9.52
CA ASP C 356 13.14 -9.74 10.51
C ASP C 356 12.29 -9.63 11.77
N LYS C 357 12.05 -8.41 12.26
CA LYS C 357 11.26 -8.28 13.49
C LYS C 357 9.84 -8.76 13.27
N ALA C 358 9.24 -8.43 12.12
CA ALA C 358 7.86 -8.85 11.87
C ALA C 358 7.77 -10.37 11.73
N ALA C 359 8.73 -10.97 11.01
CA ALA C 359 8.71 -12.42 10.84
C ALA C 359 8.73 -13.14 12.19
N VAL C 360 9.61 -12.69 13.09
CA VAL C 360 9.73 -13.34 14.41
C VAL C 360 8.40 -13.30 15.17
N GLU C 361 7.67 -12.17 15.10
CA GLU C 361 6.45 -12.06 15.87
C GLU C 361 5.33 -12.88 15.25
N ILE C 362 5.31 -13.02 13.93
CA ILE C 362 4.36 -13.93 13.28
C ILE C 362 4.61 -15.37 13.73
N ASN C 363 5.89 -15.77 13.82
CA ASN C 363 6.19 -17.11 14.32
C ASN C 363 5.84 -17.26 15.80
N VAL C 364 6.03 -16.21 16.60
CA VAL C 364 5.58 -16.23 18.00
C VAL C 364 4.07 -16.42 18.05
N ALA C 365 3.34 -15.68 17.22
CA ALA C 365 1.89 -15.82 17.17
C ALA C 365 1.47 -17.24 16.81
N VAL C 366 2.14 -17.87 15.85
CA VAL C 366 1.77 -19.21 15.43
C VAL C 366 2.00 -20.20 16.56
N LEU C 367 3.18 -20.14 17.19
CA LEU C 367 3.47 -21.02 18.33
C LEU C 367 2.46 -20.82 19.45
N HIS C 368 2.17 -19.57 19.83
CA HIS C 368 1.27 -19.31 20.94
C HIS C 368 -0.15 -19.75 20.63
N SER C 369 -0.60 -19.50 19.40
CA SER C 369 -1.97 -19.83 19.02
C SER C 369 -2.19 -21.34 19.01
N TYR C 370 -1.22 -22.10 18.49
CA TYR C 370 -1.36 -23.55 18.46
C TYR C 370 -1.33 -24.13 19.87
N GLN C 371 -0.38 -23.69 20.70
CA GLN C 371 -0.29 -24.20 22.07
C GLN C 371 -1.55 -23.86 22.85
N LEU C 372 -2.03 -22.62 22.73
CA LEU C 372 -3.22 -22.23 23.47
C LEU C 372 -4.41 -23.08 23.07
N ALA C 373 -4.50 -23.47 21.80
CA ALA C 373 -5.57 -24.34 21.29
C ALA C 373 -5.25 -25.81 21.43
N LYS C 374 -4.09 -26.17 22.00
CA LYS C 374 -3.73 -27.56 22.26
C LYS C 374 -3.65 -28.38 20.98
N VAL C 375 -3.17 -27.74 19.92
CA VAL C 375 -2.83 -28.43 18.67
C VAL C 375 -1.32 -28.63 18.64
N THR C 376 -0.90 -29.87 18.43
CA THR C 376 0.52 -30.22 18.36
C THR C 376 1.25 -29.33 17.37
N ILE C 377 2.37 -28.75 17.81
CA ILE C 377 3.25 -27.95 16.98
C ILE C 377 4.64 -28.03 17.59
N VAL C 378 5.67 -27.78 16.77
CA VAL C 378 7.04 -27.83 17.24
C VAL C 378 7.82 -26.63 16.66
N ASP C 379 8.59 -25.95 17.49
CA ASP C 379 9.33 -24.82 16.95
C ASP C 379 10.60 -25.35 16.26
N HIS C 380 11.26 -24.46 15.53
CA HIS C 380 12.40 -24.91 14.72
C HIS C 380 13.65 -25.18 15.56
N HIS C 381 13.72 -24.66 16.78
CA HIS C 381 14.84 -25.01 17.65
C HIS C 381 14.70 -26.44 18.17
N ALA C 382 13.52 -26.76 18.73
CA ALA C 382 13.28 -28.13 19.18
C ALA C 382 13.41 -29.12 18.03
N ALA C 383 12.91 -28.76 16.85
CA ALA C 383 12.87 -29.71 15.74
C ALA C 383 14.27 -29.99 15.20
N THR C 384 15.10 -28.95 15.07
CA THR C 384 16.46 -29.20 14.59
C THR C 384 17.29 -29.92 15.65
N ALA C 385 17.04 -29.67 16.94
CA ALA C 385 17.75 -30.42 17.97
C ALA C 385 17.36 -31.90 17.95
N SER C 386 16.09 -32.19 17.62
CA SER C 386 15.67 -33.58 17.49
CA SER C 386 15.69 -33.59 17.50
C SER C 386 16.28 -34.24 16.26
N PHE C 387 16.49 -33.46 15.19
CA PHE C 387 17.10 -34.06 14.01
C PHE C 387 18.58 -34.34 14.23
N MET C 388 19.27 -33.51 15.03
CA MET C 388 20.64 -33.86 15.40
C MET C 388 20.68 -35.22 16.11
N LYS C 389 19.74 -35.45 17.02
CA LYS C 389 19.66 -36.75 17.69
C LYS C 389 19.38 -37.86 16.70
N HIS C 390 18.46 -37.62 15.77
CA HIS C 390 18.18 -38.62 14.73
C HIS C 390 19.44 -38.95 13.92
N LEU C 391 20.28 -37.95 13.62
CA LEU C 391 21.49 -38.22 12.86
C LEU C 391 22.43 -39.15 13.63
N GLU C 392 22.59 -38.89 14.93
CA GLU C 392 23.41 -39.78 15.75
C GLU C 392 22.85 -41.20 15.77
N ASN C 393 21.54 -41.34 15.99
CA ASN C 393 20.91 -42.66 16.02
C ASN C 393 21.08 -43.38 14.68
N GLU C 394 20.97 -42.63 13.57
CA GLU C 394 21.08 -43.27 12.27
C GLU C 394 22.52 -43.64 11.96
N GLN C 395 23.48 -42.85 12.45
CA GLN C 395 24.88 -43.23 12.30
C GLN C 395 25.15 -44.61 12.89
N LYS C 396 24.51 -44.95 14.01
CA LYS C 396 24.71 -46.28 14.58
C LYS C 396 23.88 -47.34 13.87
N ALA C 397 22.63 -47.02 13.55
CA ALA C 397 21.73 -48.00 12.94
C ALA C 397 22.24 -48.43 11.56
N ARG C 398 22.48 -47.46 10.68
CA ARG C 398 22.77 -47.75 9.28
C ARG C 398 24.08 -47.16 8.77
N GLY C 399 24.87 -46.53 9.64
CA GLY C 399 26.11 -45.92 9.20
C GLY C 399 25.98 -44.60 8.47
N GLY C 400 24.82 -43.96 8.53
CA GLY C 400 24.64 -42.68 7.90
C GLY C 400 23.19 -42.28 7.87
N CYS C 401 22.91 -41.22 7.12
CA CYS C 401 21.55 -40.73 6.98
C CYS C 401 21.48 -39.73 5.82
N PRO C 402 20.64 -39.99 4.82
CA PRO C 402 20.49 -39.03 3.71
C PRO C 402 19.74 -37.77 4.16
N ALA C 403 20.35 -36.62 3.90
CA ALA C 403 19.80 -35.37 4.39
C ALA C 403 20.12 -34.26 3.41
N ASP C 404 19.14 -33.40 3.18
CA ASP C 404 19.22 -32.34 2.19
C ASP C 404 19.32 -31.02 2.94
N TRP C 405 20.55 -30.54 3.07
CA TRP C 405 20.88 -29.41 3.95
C TRP C 405 19.93 -28.24 3.75
N ALA C 406 19.66 -27.87 2.49
CA ALA C 406 18.86 -26.68 2.21
C ALA C 406 17.44 -26.80 2.77
N TRP C 407 16.91 -28.03 2.88
CA TRP C 407 15.57 -28.21 3.42
C TRP C 407 15.57 -28.58 4.90
N ILE C 408 16.70 -29.02 5.43
CA ILE C 408 16.81 -29.29 6.86
C ILE C 408 16.97 -27.99 7.64
N VAL C 409 17.82 -27.08 7.16
CA VAL C 409 18.02 -25.80 7.86
C VAL C 409 16.74 -24.95 7.77
N PRO C 410 16.22 -24.47 8.90
CA PRO C 410 14.98 -23.64 8.89
C PRO C 410 15.12 -22.38 8.07
N PRO C 411 14.02 -21.79 7.61
CA PRO C 411 14.05 -20.57 6.80
C PRO C 411 14.15 -19.26 7.58
N ILE C 412 14.13 -19.29 8.91
CA ILE C 412 14.57 -18.16 9.71
C ILE C 412 15.59 -18.67 10.70
N SER C 413 16.51 -17.81 11.12
CA SER C 413 17.49 -18.13 12.16
C SER C 413 18.29 -19.40 11.84
N GLY C 414 18.58 -19.66 10.57
CA GLY C 414 19.35 -20.83 10.16
C GLY C 414 20.52 -21.18 11.06
N SER C 415 21.48 -20.26 11.21
CA SER C 415 22.71 -20.57 11.94
C SER C 415 22.51 -20.54 13.44
N LEU C 416 21.30 -20.21 13.91
CA LEU C 416 21.00 -20.35 15.32
C LEU C 416 20.60 -21.78 15.70
N THR C 417 20.44 -22.67 14.72
CA THR C 417 20.08 -24.06 14.94
C THR C 417 21.26 -24.96 14.61
N PRO C 418 21.37 -26.13 15.26
CA PRO C 418 22.62 -26.91 15.13
C PRO C 418 22.79 -27.56 13.76
N VAL C 419 21.72 -27.76 13.00
CA VAL C 419 21.85 -28.39 11.70
C VAL C 419 22.57 -27.49 10.70
N PHE C 420 22.58 -26.17 10.94
CA PHE C 420 23.30 -25.28 10.04
C PHE C 420 24.78 -25.64 9.97
N HIS C 421 25.38 -25.95 11.11
CA HIS C 421 26.79 -26.27 11.18
C HIS C 421 27.09 -27.75 10.89
N GLN C 422 26.08 -28.54 10.50
CA GLN C 422 26.22 -29.97 10.24
C GLN C 422 26.34 -30.22 8.74
N GLU C 423 27.50 -30.72 8.30
CA GLU C 423 27.60 -31.20 6.93
C GLU C 423 26.69 -32.40 6.73
N MET C 424 26.12 -32.52 5.53
CA MET C 424 25.14 -33.54 5.22
C MET C 424 25.42 -34.14 3.84
N VAL C 425 25.05 -35.41 3.68
CA VAL C 425 25.15 -36.13 2.42
C VAL C 425 23.75 -36.49 1.96
N ASN C 426 23.43 -36.18 0.71
CA ASN C 426 22.11 -36.37 0.15
C ASN C 426 22.17 -37.42 -0.95
N TYR C 427 21.29 -38.43 -0.85
CA TYR C 427 21.21 -39.52 -1.83
C TYR C 427 19.86 -40.20 -1.70
N PHE C 428 19.52 -41.01 -2.71
CA PHE C 428 18.20 -41.63 -2.82
C PHE C 428 18.24 -43.08 -2.36
N LEU C 429 17.59 -43.38 -1.23
CA LEU C 429 17.38 -44.76 -0.83
C LEU C 429 16.01 -45.23 -1.30
N SER C 430 15.78 -46.55 -1.22
CA SER C 430 14.45 -47.10 -1.45
C SER C 430 14.10 -48.06 -0.33
N PRO C 431 12.81 -48.16 0.10
CA PRO C 431 11.58 -47.46 -0.30
C PRO C 431 11.64 -45.92 -0.17
N ALA C 432 10.82 -45.22 -0.95
CA ALA C 432 10.88 -43.77 -1.00
C ALA C 432 9.52 -43.17 -1.33
N PHE C 433 9.37 -41.88 -1.01
CA PHE C 433 8.32 -41.03 -1.55
C PHE C 433 8.91 -40.24 -2.73
N ARG C 434 8.17 -40.16 -3.84
CA ARG C 434 8.61 -39.38 -5.00
C ARG C 434 7.55 -38.36 -5.39
N TYR C 435 7.98 -37.27 -6.01
CA TYR C 435 7.04 -36.44 -6.74
C TYR C 435 6.60 -37.17 -7.99
N GLN C 436 5.51 -36.72 -8.59
CA GLN C 436 4.94 -37.41 -9.73
C GLN C 436 4.19 -36.40 -10.58
N PRO C 437 4.00 -36.68 -11.88
CA PRO C 437 3.30 -35.72 -12.73
C PRO C 437 1.88 -35.51 -12.22
N ASP C 438 1.35 -34.31 -12.49
CA ASP C 438 -0.05 -34.05 -12.20
C ASP C 438 -0.92 -35.05 -12.98
N PRO C 439 -2.11 -35.39 -12.45
CA PRO C 439 -2.94 -36.38 -13.16
C PRO C 439 -3.42 -35.87 -14.50
N TRP C 440 -3.70 -34.57 -14.59
CA TRP C 440 -4.13 -33.97 -15.84
C TRP C 440 -2.94 -33.76 -16.80
N PHE D 28 21.61 -28.75 -20.65
CA PHE D 28 21.64 -27.50 -19.88
C PHE D 28 20.65 -27.47 -18.72
N PRO D 29 21.15 -27.22 -17.51
CA PRO D 29 20.27 -27.21 -16.33
C PRO D 29 19.23 -26.10 -16.37
N ARG D 30 17.97 -26.49 -16.24
CA ARG D 30 16.87 -25.54 -16.09
C ARG D 30 16.80 -25.05 -14.65
N VAL D 31 16.66 -23.74 -14.47
CA VAL D 31 16.78 -23.08 -13.18
C VAL D 31 15.58 -22.15 -12.98
N LYS D 32 14.86 -22.32 -11.87
CA LYS D 32 13.62 -21.60 -11.61
C LYS D 32 13.78 -20.61 -10.46
N ASN D 33 13.13 -19.46 -10.59
CA ASN D 33 12.86 -18.58 -9.46
C ASN D 33 11.43 -18.82 -9.00
N TRP D 34 11.25 -19.13 -7.72
CA TRP D 34 9.94 -19.53 -7.21
C TRP D 34 9.11 -18.34 -6.75
N GLU D 35 9.75 -17.19 -6.54
CA GLU D 35 8.99 -16.00 -6.18
C GLU D 35 8.28 -15.42 -7.40
N VAL D 36 8.93 -15.49 -8.55
CA VAL D 36 8.46 -14.89 -9.79
C VAL D 36 7.88 -15.92 -10.75
N GLY D 37 8.30 -17.18 -10.67
CA GLY D 37 7.88 -18.20 -11.61
C GLY D 37 8.78 -18.33 -12.83
N SER D 38 9.83 -17.52 -12.92
CA SER D 38 10.62 -17.43 -14.14
C SER D 38 11.71 -18.52 -14.20
N ILE D 39 12.13 -18.81 -15.42
CA ILE D 39 12.99 -19.95 -15.71
C ILE D 39 14.12 -19.52 -16.65
N THR D 40 15.36 -19.89 -16.30
CA THR D 40 16.52 -19.74 -17.19
C THR D 40 17.23 -21.08 -17.32
N TYR D 41 18.17 -21.14 -18.26
CA TYR D 41 19.07 -22.27 -18.42
C TYR D 41 20.49 -21.80 -18.25
N ASP D 42 21.25 -22.49 -17.40
CA ASP D 42 22.65 -22.13 -17.11
C ASP D 42 23.53 -22.82 -18.14
N THR D 43 23.70 -22.18 -19.31
CA THR D 43 24.61 -22.69 -20.33
C THR D 43 26.07 -22.54 -19.94
N LEU D 44 26.37 -21.67 -18.98
CA LEU D 44 27.78 -21.43 -18.65
C LEU D 44 28.38 -22.63 -17.92
N SER D 45 27.58 -23.37 -17.16
CA SER D 45 28.07 -24.54 -16.43
C SER D 45 28.72 -25.57 -17.34
N ALA D 46 28.36 -25.60 -18.63
CA ALA D 46 28.94 -26.56 -19.55
C ALA D 46 30.43 -26.36 -19.72
N GLN D 47 30.93 -25.16 -19.43
CA GLN D 47 32.35 -24.85 -19.52
C GLN D 47 33.09 -25.05 -18.20
N ALA D 48 32.51 -25.80 -17.27
CA ALA D 48 33.16 -26.05 -16.00
C ALA D 48 34.41 -26.90 -16.24
N GLN D 49 35.56 -26.36 -15.86
CA GLN D 49 36.85 -27.02 -16.01
C GLN D 49 37.07 -28.04 -14.90
N GLN D 50 37.52 -27.57 -13.73
CA GLN D 50 37.79 -28.47 -12.63
C GLN D 50 36.50 -29.11 -12.13
N ASP D 51 36.60 -30.36 -11.71
CA ASP D 51 35.45 -31.12 -11.25
C ASP D 51 35.22 -30.89 -9.77
N GLY D 52 33.94 -30.92 -9.38
CA GLY D 52 33.53 -30.70 -8.02
C GLY D 52 33.37 -31.99 -7.24
N PRO D 53 32.74 -31.91 -6.07
CA PRO D 53 32.66 -33.07 -5.18
C PRO D 53 31.48 -34.01 -5.42
N CYS D 54 30.50 -33.61 -6.22
CA CYS D 54 29.28 -34.39 -6.33
C CYS D 54 29.36 -35.40 -7.46
N THR D 55 28.50 -36.42 -7.36
CA THR D 55 28.33 -37.48 -8.34
C THR D 55 26.85 -37.73 -8.47
N PRO D 56 26.41 -38.50 -9.48
CA PRO D 56 25.00 -38.92 -9.51
C PRO D 56 24.61 -39.78 -8.32
N ARG D 57 25.59 -40.37 -7.62
CA ARG D 57 25.27 -41.24 -6.49
C ARG D 57 24.91 -40.43 -5.25
N ARG D 58 25.56 -39.28 -5.03
CA ARG D 58 25.26 -38.45 -3.87
C ARG D 58 25.82 -37.03 -4.07
N CYS D 59 25.13 -36.06 -3.47
CA CYS D 59 25.50 -34.64 -3.50
C CYS D 59 26.25 -34.26 -2.23
N LEU D 60 27.37 -33.55 -2.41
CA LEU D 60 28.20 -33.08 -1.31
C LEU D 60 28.31 -31.57 -1.29
N GLY D 61 27.28 -30.90 -1.81
CA GLY D 61 27.31 -29.44 -1.85
C GLY D 61 27.49 -28.77 -0.51
N SER D 62 27.07 -29.43 0.57
CA SER D 62 27.08 -28.78 1.89
C SER D 62 28.43 -28.87 2.60
N LEU D 63 29.37 -29.63 2.06
CA LEU D 63 30.69 -29.74 2.68
C LEU D 63 31.49 -28.45 2.47
N VAL D 64 32.17 -28.01 3.52
CA VAL D 64 32.90 -26.74 3.46
C VAL D 64 34.15 -26.86 2.59
N PHE D 65 34.96 -27.89 2.81
CA PHE D 65 36.14 -28.17 2.00
C PHE D 65 35.94 -29.48 1.27
N PRO D 66 35.59 -29.48 -0.02
CA PRO D 66 35.45 -30.74 -0.75
C PRO D 66 36.78 -31.47 -0.95
N ARG D 67 37.90 -30.80 -0.72
CA ARG D 67 39.18 -31.20 -1.30
C ARG D 67 40.28 -31.38 -0.26
N ALA D 79 53.81 -30.04 -16.38
CA ALA D 79 52.79 -30.46 -17.33
C ALA D 79 52.55 -29.36 -18.35
N PRO D 80 53.47 -29.22 -19.32
CA PRO D 80 53.42 -28.05 -20.21
C PRO D 80 52.14 -27.96 -21.03
N GLU D 81 51.61 -29.10 -21.50
CA GLU D 81 50.38 -29.10 -22.30
C GLU D 81 49.19 -28.58 -21.50
N GLN D 82 49.07 -29.00 -20.24
CA GLN D 82 47.92 -28.58 -19.44
C GLN D 82 48.00 -27.10 -19.08
N LEU D 83 49.21 -26.58 -18.82
CA LEU D 83 49.33 -25.15 -18.54
C LEU D 83 48.97 -24.33 -19.78
N LEU D 84 49.39 -24.80 -20.95
CA LEU D 84 49.11 -24.09 -22.19
C LEU D 84 47.61 -23.95 -22.45
N SER D 85 46.87 -25.05 -22.30
CA SER D 85 45.44 -24.97 -22.58
C SER D 85 44.73 -24.05 -21.61
N GLN D 86 45.19 -23.98 -20.36
CA GLN D 86 44.65 -23.01 -19.41
C GLN D 86 45.05 -21.58 -19.79
N ALA D 87 46.31 -21.38 -20.16
CA ALA D 87 46.78 -20.06 -20.56
C ALA D 87 46.02 -19.55 -21.79
N ARG D 88 45.88 -20.41 -22.81
CA ARG D 88 45.16 -20.02 -24.02
C ARG D 88 43.71 -19.65 -23.70
N ASP D 89 43.02 -20.47 -22.90
CA ASP D 89 41.66 -20.13 -22.56
C ASP D 89 41.59 -18.78 -21.86
N PHE D 90 42.57 -18.48 -21.01
CA PHE D 90 42.56 -17.21 -20.30
C PHE D 90 42.74 -16.03 -21.25
N ILE D 91 43.76 -16.11 -22.13
CA ILE D 91 43.99 -15.08 -23.13
C ILE D 91 42.73 -14.86 -23.98
N ASN D 92 42.04 -15.95 -24.34
CA ASN D 92 40.80 -15.82 -25.08
C ASN D 92 39.76 -15.07 -24.27
N GLN D 93 39.68 -15.36 -22.97
CA GLN D 93 38.77 -14.65 -22.08
C GLN D 93 39.10 -13.16 -22.08
N TYR D 94 40.39 -12.83 -22.01
CA TYR D 94 40.77 -11.43 -22.00
C TYR D 94 40.41 -10.74 -23.30
N TYR D 95 40.68 -11.38 -24.44
CA TYR D 95 40.42 -10.67 -25.69
C TYR D 95 38.93 -10.58 -25.99
N SER D 96 38.11 -11.47 -25.42
CA SER D 96 36.67 -11.27 -25.51
C SER D 96 36.22 -10.08 -24.66
N SER D 97 36.82 -9.91 -23.47
CA SER D 97 36.34 -8.86 -22.58
C SER D 97 36.51 -7.48 -23.18
N ILE D 98 37.54 -7.29 -24.02
CA ILE D 98 37.77 -6.00 -24.68
C ILE D 98 37.23 -6.00 -26.12
N LYS D 99 36.40 -6.97 -26.47
CA LYS D 99 35.79 -7.05 -27.81
C LYS D 99 36.84 -7.04 -28.92
N ARG D 100 37.94 -7.76 -28.72
CA ARG D 100 38.96 -7.84 -29.76
C ARG D 100 39.39 -9.28 -30.03
N SER D 101 38.47 -10.23 -29.83
CA SER D 101 38.74 -11.63 -30.16
C SER D 101 39.11 -11.79 -31.63
N GLY D 102 40.15 -12.58 -31.89
CA GLY D 102 40.56 -12.89 -33.24
C GLY D 102 41.40 -11.82 -33.92
N SER D 103 41.67 -10.71 -33.24
CA SER D 103 42.47 -9.64 -33.81
C SER D 103 43.93 -10.09 -33.91
N GLN D 104 44.74 -9.25 -34.57
CA GLN D 104 46.17 -9.52 -34.66
C GLN D 104 46.80 -9.55 -33.27
N ALA D 105 46.45 -8.57 -32.42
CA ALA D 105 47.00 -8.53 -31.08
C ALA D 105 46.63 -9.77 -30.27
N HIS D 106 45.50 -10.41 -30.60
CA HIS D 106 45.08 -11.63 -29.91
C HIS D 106 45.94 -12.82 -30.32
N GLU D 107 46.04 -13.07 -31.63
CA GLU D 107 46.94 -14.10 -32.16
C GLU D 107 48.37 -13.92 -31.66
N GLN D 108 48.86 -12.68 -31.71
CA GLN D 108 50.26 -12.46 -31.33
C GLN D 108 50.49 -12.75 -29.86
N ARG D 109 49.55 -12.35 -29.00
CA ARG D 109 49.70 -12.60 -27.58
C ARG D 109 49.66 -14.10 -27.27
N LEU D 110 48.78 -14.84 -27.93
CA LEU D 110 48.76 -16.30 -27.79
C LEU D 110 50.08 -16.91 -28.23
N GLN D 111 50.56 -16.53 -29.43
CA GLN D 111 51.87 -16.98 -29.88
C GLN D 111 52.96 -16.60 -28.89
N GLU D 112 52.85 -15.41 -28.31
CA GLU D 112 53.82 -14.97 -27.32
C GLU D 112 53.81 -15.86 -26.09
N VAL D 113 52.63 -16.21 -25.59
CA VAL D 113 52.55 -17.03 -24.40
C VAL D 113 53.05 -18.45 -24.69
N GLU D 114 52.71 -18.97 -25.86
CA GLU D 114 53.15 -20.32 -26.22
C GLU D 114 54.67 -20.39 -26.33
N ALA D 115 55.32 -19.32 -26.79
CA ALA D 115 56.77 -19.35 -26.88
C ALA D 115 57.40 -19.36 -25.49
N GLU D 116 56.86 -18.56 -24.57
CA GLU D 116 57.49 -18.46 -23.26
C GLU D 116 57.35 -19.76 -22.48
N VAL D 117 56.19 -20.40 -22.59
CA VAL D 117 56.00 -21.70 -21.93
C VAL D 117 56.97 -22.73 -22.50
N ALA D 118 57.18 -22.72 -23.82
CA ALA D 118 58.10 -23.68 -24.42
C ALA D 118 59.54 -23.45 -23.97
N ALA D 119 59.90 -22.20 -23.67
CA ALA D 119 61.28 -21.85 -23.30
C ALA D 119 61.54 -22.05 -21.82
N THR D 120 60.65 -21.55 -20.98
CA THR D 120 60.87 -21.51 -19.54
C THR D 120 59.98 -22.46 -18.77
N GLY D 121 59.00 -23.08 -19.41
CA GLY D 121 58.01 -23.85 -18.70
C GLY D 121 56.94 -23.03 -18.00
N THR D 122 56.98 -21.69 -18.11
CA THR D 122 55.97 -20.82 -17.50
C THR D 122 55.84 -19.55 -18.35
N TYR D 123 55.13 -18.54 -17.84
CA TYR D 123 55.01 -17.28 -18.55
C TYR D 123 54.61 -16.20 -17.56
N GLN D 124 54.59 -14.94 -18.04
CA GLN D 124 54.19 -13.81 -17.21
C GLN D 124 52.96 -13.13 -17.79
N LEU D 125 52.06 -12.72 -16.89
CA LEU D 125 50.92 -11.92 -17.28
C LEU D 125 51.34 -10.49 -17.60
N ARG D 126 50.75 -9.93 -18.65
CA ARG D 126 50.79 -8.48 -18.81
C ARG D 126 50.06 -7.82 -17.64
N GLU D 127 50.39 -6.55 -17.36
CA GLU D 127 49.69 -5.82 -16.30
C GLU D 127 48.17 -5.90 -16.48
N SER D 128 47.70 -5.68 -17.71
CA SER D 128 46.27 -5.61 -17.98
CA SER D 128 46.26 -5.61 -17.99
C SER D 128 45.58 -6.96 -17.78
N GLU D 129 46.28 -8.05 -18.09
CA GLU D 129 45.76 -9.39 -17.89
C GLU D 129 45.63 -9.72 -16.40
N LEU D 130 46.56 -9.21 -15.58
CA LEU D 130 46.44 -9.42 -14.15
C LEU D 130 45.20 -8.72 -13.59
N VAL D 131 44.99 -7.45 -13.95
CA VAL D 131 43.82 -6.72 -13.45
C VAL D 131 42.54 -7.45 -13.83
N PHE D 132 42.40 -7.76 -15.13
CA PHE D 132 41.26 -8.52 -15.60
C PHE D 132 41.12 -9.87 -14.88
N GLY D 133 42.23 -10.59 -14.70
CA GLY D 133 42.16 -11.92 -14.10
C GLY D 133 41.77 -11.90 -12.62
N ALA D 134 42.22 -10.89 -11.86
CA ALA D 134 41.78 -10.80 -10.48
C ALA D 134 40.29 -10.48 -10.41
N LYS D 135 39.80 -9.57 -11.26
CA LYS D 135 38.37 -9.31 -11.31
C LYS D 135 37.58 -10.56 -11.68
N GLN D 136 38.08 -11.35 -12.64
CA GLN D 136 37.39 -12.54 -13.06
C GLN D 136 37.29 -13.57 -11.96
N ALA D 137 38.35 -13.71 -11.16
CA ALA D 137 38.36 -14.67 -10.07
C ALA D 137 37.28 -14.33 -9.03
N TRP D 138 37.10 -13.04 -8.76
CA TRP D 138 36.00 -12.58 -7.91
C TRP D 138 34.65 -12.89 -8.54
N ARG D 139 34.50 -12.58 -9.83
CA ARG D 139 33.23 -12.81 -10.52
C ARG D 139 32.84 -14.29 -10.53
N ASN D 140 33.84 -15.18 -10.51
CA ASN D 140 33.62 -16.62 -10.52
C ASN D 140 33.49 -17.24 -9.12
N ALA D 141 33.60 -16.45 -8.04
CA ALA D 141 33.56 -17.09 -6.72
C ALA D 141 32.13 -17.47 -6.36
N PRO D 142 31.81 -18.77 -6.29
CA PRO D 142 30.41 -19.17 -6.11
C PRO D 142 29.83 -18.79 -4.74
N ARG D 143 30.65 -18.70 -3.70
CA ARG D 143 30.16 -18.44 -2.36
C ARG D 143 30.11 -16.96 -1.97
N CYS D 144 30.39 -16.00 -2.89
CA CYS D 144 30.38 -14.57 -2.59
C CYS D 144 29.05 -13.96 -3.02
N VAL D 145 28.29 -13.41 -2.07
CA VAL D 145 27.06 -12.70 -2.38
C VAL D 145 27.30 -11.26 -2.85
N GLY D 146 28.51 -10.72 -2.66
CA GLY D 146 28.77 -9.35 -3.04
C GLY D 146 29.33 -9.12 -4.43
N ARG D 147 29.07 -10.03 -5.37
CA ARG D 147 29.72 -9.95 -6.68
C ARG D 147 29.07 -8.94 -7.63
N ILE D 148 28.01 -8.22 -7.24
CA ILE D 148 27.57 -7.11 -8.08
C ILE D 148 28.70 -6.10 -8.25
N GLN D 149 29.64 -6.06 -7.32
CA GLN D 149 30.77 -5.14 -7.34
C GLN D 149 31.97 -5.63 -8.17
N TRP D 150 31.89 -6.79 -8.83
CA TRP D 150 33.12 -7.47 -9.25
C TRP D 150 33.97 -6.62 -10.20
N GLY D 151 33.37 -5.71 -10.96
CA GLY D 151 34.16 -4.88 -11.84
C GLY D 151 34.84 -3.69 -11.19
N LYS D 152 34.50 -3.39 -9.94
CA LYS D 152 35.09 -2.27 -9.21
C LYS D 152 36.05 -2.85 -8.17
N LEU D 153 37.27 -3.10 -8.61
CA LEU D 153 38.28 -3.74 -7.77
C LEU D 153 39.60 -3.07 -8.06
N GLN D 154 40.23 -2.50 -7.03
CA GLN D 154 41.55 -1.92 -7.18
C GLN D 154 42.59 -3.03 -7.06
N VAL D 155 43.42 -3.17 -8.08
CA VAL D 155 44.40 -4.26 -8.18
C VAL D 155 45.78 -3.66 -7.97
N PHE D 156 46.45 -4.03 -6.88
CA PHE D 156 47.82 -3.60 -6.63
C PHE D 156 48.80 -4.69 -7.10
N ASP D 157 49.69 -4.31 -8.01
CA ASP D 157 50.67 -5.23 -8.56
C ASP D 157 51.89 -5.24 -7.66
N ALA D 158 52.05 -6.28 -6.87
CA ALA D 158 53.23 -6.42 -6.04
C ALA D 158 54.12 -7.58 -6.50
N ARG D 159 54.13 -7.88 -7.81
CA ARG D 159 54.93 -9.00 -8.32
C ARG D 159 56.43 -8.79 -8.25
N ASP D 160 56.90 -7.56 -8.02
CA ASP D 160 58.33 -7.35 -7.84
C ASP D 160 58.75 -7.34 -6.38
N CYS D 161 57.86 -7.78 -5.48
CA CYS D 161 58.17 -7.86 -4.06
C CYS D 161 59.29 -8.87 -3.81
N ARG D 162 60.17 -8.55 -2.88
CA ARG D 162 61.34 -9.39 -2.70
C ARG D 162 61.64 -9.83 -1.28
N SER D 163 60.93 -9.33 -0.27
CA SER D 163 61.24 -9.71 1.10
C SER D 163 59.98 -9.62 1.93
N ALA D 164 60.05 -10.15 3.16
CA ALA D 164 58.92 -10.02 4.07
C ALA D 164 58.66 -8.56 4.39
N GLN D 165 59.72 -7.76 4.54
CA GLN D 165 59.56 -6.34 4.82
C GLN D 165 58.82 -5.63 3.70
N GLU D 166 59.19 -5.90 2.45
CA GLU D 166 58.46 -5.30 1.34
C GLU D 166 57.02 -5.79 1.32
N MET D 167 56.81 -7.06 1.66
CA MET D 167 55.46 -7.59 1.82
C MET D 167 54.66 -6.74 2.78
N PHE D 168 55.27 -6.38 3.92
CA PHE D 168 54.53 -5.69 4.96
C PHE D 168 54.13 -4.29 4.50
N THR D 169 54.99 -3.64 3.71
CA THR D 169 54.69 -2.31 3.19
C THR D 169 53.55 -2.37 2.19
N TYR D 170 53.59 -3.35 1.28
CA TYR D 170 52.48 -3.57 0.37
C TYR D 170 51.16 -3.78 1.12
N ILE D 171 51.22 -4.51 2.24
CA ILE D 171 49.98 -4.83 2.96
C ILE D 171 49.45 -3.61 3.68
N CYS D 172 50.33 -2.80 4.27
CA CYS D 172 49.88 -1.59 4.95
C CYS D 172 49.30 -0.58 3.96
N ASN D 173 49.92 -0.43 2.78
CA ASN D 173 49.33 0.41 1.74
C ASN D 173 47.94 -0.10 1.33
N HIS D 174 47.76 -1.43 1.30
CA HIS D 174 46.47 -1.99 0.95
C HIS D 174 45.43 -1.63 2.02
N ILE D 175 45.78 -1.84 3.29
CA ILE D 175 44.86 -1.60 4.39
C ILE D 175 44.47 -0.14 4.43
N LYS D 176 45.44 0.73 4.17
CA LYS D 176 45.16 2.15 4.16
C LYS D 176 44.26 2.51 2.99
N TYR D 177 44.60 2.03 1.79
CA TYR D 177 43.78 2.33 0.63
C TYR D 177 42.33 1.81 0.82
N ALA D 178 42.20 0.58 1.30
CA ALA D 178 40.89 -0.07 1.33
C ALA D 178 40.01 0.50 2.43
N THR D 179 40.60 0.77 3.60
CA THR D 179 39.87 1.32 4.72
C THR D 179 39.38 2.72 4.41
N ASN D 180 40.28 3.58 3.92
CA ASN D 180 39.91 4.90 3.45
C ASN D 180 39.04 5.60 4.50
N ARG D 181 39.53 5.51 5.75
CA ARG D 181 38.90 6.02 6.96
C ARG D 181 37.39 5.75 7.02
N GLY D 182 36.96 4.57 6.60
CA GLY D 182 35.59 4.13 6.76
C GLY D 182 34.80 4.07 5.47
N ASN D 183 35.26 4.74 4.42
CA ASN D 183 34.61 4.63 3.12
C ASN D 183 35.33 3.54 2.32
N LEU D 184 34.96 2.30 2.60
CA LEU D 184 35.75 1.15 2.20
C LEU D 184 35.78 0.98 0.68
N ARG D 185 36.96 0.62 0.16
CA ARG D 185 37.17 0.36 -1.25
C ARG D 185 37.74 -1.03 -1.45
N SER D 186 37.13 -1.81 -2.34
CA SER D 186 37.60 -3.15 -2.59
C SER D 186 38.97 -3.14 -3.25
N ALA D 187 39.82 -4.07 -2.85
CA ALA D 187 41.21 -4.04 -3.29
C ALA D 187 41.81 -5.44 -3.18
N ILE D 188 42.78 -5.72 -4.05
CA ILE D 188 43.59 -6.91 -3.96
C ILE D 188 45.04 -6.54 -4.28
N THR D 189 45.97 -7.10 -3.51
CA THR D 189 47.40 -6.96 -3.75
C THR D 189 47.92 -8.34 -4.15
N VAL D 190 48.61 -8.45 -5.28
CA VAL D 190 49.02 -9.76 -5.73
C VAL D 190 50.55 -9.81 -5.76
N PHE D 191 51.09 -10.65 -4.91
CA PHE D 191 52.48 -10.92 -4.69
C PHE D 191 52.99 -11.90 -5.75
N PRO D 192 54.30 -12.15 -5.83
CA PRO D 192 54.83 -12.96 -6.94
C PRO D 192 54.22 -14.35 -7.05
N GLN D 193 54.06 -14.79 -8.30
CA GLN D 193 53.54 -16.12 -8.57
C GLN D 193 54.48 -17.22 -8.09
N ARG D 194 53.91 -18.40 -7.87
CA ARG D 194 54.69 -19.59 -7.62
C ARG D 194 55.56 -19.94 -8.82
N CYS D 195 56.79 -20.35 -8.57
CA CYS D 195 57.62 -20.83 -9.65
C CYS D 195 58.55 -21.90 -9.13
N PRO D 196 59.00 -22.82 -9.99
CA PRO D 196 59.83 -23.93 -9.50
C PRO D 196 61.22 -23.43 -9.11
N GLY D 197 61.78 -24.08 -8.09
CA GLY D 197 63.10 -23.70 -7.62
C GLY D 197 63.15 -22.56 -6.64
N ARG D 198 62.01 -22.19 -6.05
CA ARG D 198 61.90 -21.14 -5.05
C ARG D 198 60.59 -21.33 -4.30
N GLY D 199 60.63 -21.13 -2.99
CA GLY D 199 59.42 -21.23 -2.21
C GLY D 199 58.44 -20.09 -2.48
N ASP D 200 57.22 -20.26 -1.95
CA ASP D 200 56.11 -19.34 -2.13
C ASP D 200 56.16 -18.19 -1.13
N PHE D 201 55.69 -17.02 -1.56
CA PHE D 201 55.18 -16.05 -0.61
C PHE D 201 53.89 -16.58 0.05
N ARG D 202 53.77 -16.39 1.36
CA ARG D 202 52.54 -16.74 2.07
C ARG D 202 52.27 -15.77 3.21
N ILE D 203 51.00 -15.41 3.37
CA ILE D 203 50.50 -14.78 4.59
C ILE D 203 49.91 -15.89 5.46
N TRP D 204 50.46 -16.08 6.66
CA TRP D 204 49.97 -17.17 7.48
C TRP D 204 48.58 -16.87 8.07
N ASN D 205 48.29 -15.61 8.35
CA ASN D 205 46.99 -15.26 8.93
C ASN D 205 45.88 -15.48 7.89
N SER D 206 44.71 -15.94 8.38
CA SER D 206 43.58 -16.15 7.49
C SER D 206 42.96 -14.84 7.02
N GLN D 207 43.03 -13.78 7.84
CA GLN D 207 42.63 -12.44 7.45
C GLN D 207 43.67 -11.45 7.93
N LEU D 208 43.72 -10.28 7.29
CA LEU D 208 44.70 -9.28 7.73
C LEU D 208 44.39 -8.76 9.12
N VAL D 209 43.10 -8.68 9.49
CA VAL D 209 42.70 -8.26 10.82
C VAL D 209 41.94 -9.42 11.45
N ARG D 210 42.44 -9.93 12.58
CA ARG D 210 41.86 -11.03 13.35
C ARG D 210 42.07 -10.75 14.82
N TYR D 211 41.07 -11.07 15.64
CA TYR D 211 41.24 -10.88 17.06
C TYR D 211 41.86 -12.12 17.69
N ALA D 212 42.73 -11.91 18.68
CA ALA D 212 43.39 -13.02 19.32
C ALA D 212 42.40 -13.93 20.04
N GLY D 213 42.71 -15.22 20.07
CA GLY D 213 41.94 -16.16 20.87
C GLY D 213 42.86 -16.92 21.79
N TYR D 214 42.77 -16.65 23.09
CA TYR D 214 43.70 -17.18 24.08
C TYR D 214 43.09 -18.38 24.80
N ARG D 215 43.70 -19.55 24.65
CA ARG D 215 43.28 -20.71 25.43
C ARG D 215 43.41 -20.43 26.91
N GLN D 216 42.46 -20.93 27.68
CA GLN D 216 42.40 -20.67 29.11
C GLN D 216 42.78 -21.90 29.92
N GLN D 217 42.96 -21.67 31.22
CA GLN D 217 43.22 -22.76 32.16
C GLN D 217 42.18 -23.86 32.01
N ASP D 218 40.91 -23.48 31.86
CA ASP D 218 39.76 -24.38 31.92
C ASP D 218 39.47 -25.10 30.61
N GLY D 219 40.39 -25.10 29.65
CA GLY D 219 40.06 -25.52 28.31
C GLY D 219 39.19 -24.55 27.55
N SER D 220 38.83 -23.40 28.14
CA SER D 220 38.02 -22.39 27.48
C SER D 220 38.91 -21.43 26.68
N VAL D 221 38.33 -20.35 26.16
CA VAL D 221 39.04 -19.41 25.29
C VAL D 221 38.59 -18.00 25.65
N ARG D 222 39.56 -17.08 25.72
CA ARG D 222 39.28 -15.65 25.80
C ARG D 222 39.63 -15.00 24.47
N GLY D 223 38.68 -14.28 23.89
CA GLY D 223 38.84 -13.72 22.56
C GLY D 223 38.13 -14.54 21.51
N ASP D 224 38.71 -14.67 20.32
CA ASP D 224 38.02 -15.34 19.23
C ASP D 224 38.47 -16.79 19.16
N PRO D 225 37.58 -17.76 19.33
CA PRO D 225 38.00 -19.17 19.25
C PRO D 225 38.45 -19.60 17.86
N ALA D 226 37.97 -18.92 16.81
CA ALA D 226 38.40 -19.25 15.46
C ALA D 226 39.89 -19.04 15.26
N ASN D 227 40.54 -18.31 16.16
CA ASN D 227 41.91 -17.84 15.97
C ASN D 227 42.85 -18.37 17.04
N VAL D 228 42.50 -19.48 17.68
CA VAL D 228 43.38 -20.06 18.69
C VAL D 228 44.69 -20.54 18.06
N GLU D 229 44.61 -21.19 16.90
CA GLU D 229 45.81 -21.77 16.31
C GLU D 229 46.77 -20.68 15.83
N ILE D 230 46.25 -19.69 15.09
CA ILE D 230 47.10 -18.60 14.61
C ILE D 230 47.62 -17.79 15.80
N THR D 231 46.84 -17.67 16.88
CA THR D 231 47.34 -16.97 18.06
C THR D 231 48.55 -17.68 18.66
N GLU D 232 48.49 -19.01 18.74
CA GLU D 232 49.59 -19.76 19.35
C GLU D 232 50.82 -19.76 18.47
N LEU D 233 50.65 -19.55 17.17
CA LEU D 233 51.79 -19.41 16.28
C LEU D 233 52.48 -18.06 16.50
N CYS D 234 51.70 -17.00 16.69
CA CYS D 234 52.28 -15.69 16.92
C CYS D 234 53.08 -15.66 18.22
N ILE D 235 52.52 -16.20 19.30
CA ILE D 235 53.26 -16.29 20.56
C ILE D 235 54.56 -17.03 20.35
N GLN D 236 54.47 -18.21 19.74
CA GLN D 236 55.63 -19.05 19.52
C GLN D 236 56.68 -18.34 18.67
N HIS D 237 56.24 -17.43 17.81
CA HIS D 237 57.16 -16.65 16.98
C HIS D 237 57.50 -15.30 17.59
N GLY D 238 57.25 -15.12 18.89
CA GLY D 238 57.81 -14.01 19.65
C GLY D 238 56.86 -12.89 20.02
N TRP D 239 55.61 -12.91 19.58
CA TRP D 239 54.69 -11.84 19.91
C TRP D 239 54.37 -11.83 21.41
N THR D 240 54.49 -10.66 22.03
CA THR D 240 54.04 -10.53 23.41
C THR D 240 52.51 -10.44 23.43
N PRO D 241 51.82 -11.43 23.98
CA PRO D 241 50.36 -11.47 23.91
C PRO D 241 49.73 -10.43 24.80
N GLY D 242 48.41 -10.29 24.64
CA GLY D 242 47.58 -9.50 25.52
C GLY D 242 46.70 -10.39 26.38
N ASN D 243 45.68 -9.76 26.98
CA ASN D 243 44.70 -10.54 27.72
C ASN D 243 43.28 -10.00 27.54
N GLY D 244 43.01 -9.37 26.40
CA GLY D 244 41.70 -8.85 26.11
C GLY D 244 40.89 -9.73 25.16
N ARG D 245 39.63 -9.33 24.96
CA ARG D 245 38.71 -10.04 24.09
C ARG D 245 38.86 -9.64 22.62
N PHE D 246 39.45 -8.48 22.35
CA PHE D 246 39.54 -7.93 21.00
C PHE D 246 40.94 -7.41 20.73
N ASP D 247 41.94 -8.25 21.01
CA ASP D 247 43.33 -7.92 20.73
C ASP D 247 43.65 -8.25 19.28
N VAL D 248 44.04 -7.23 18.50
CA VAL D 248 44.37 -7.44 17.10
C VAL D 248 45.68 -8.22 17.00
N LEU D 249 45.66 -9.29 16.19
CA LEU D 249 46.84 -10.13 16.03
C LEU D 249 47.89 -9.47 15.13
N PRO D 250 49.18 -9.76 15.37
CA PRO D 250 50.21 -9.32 14.43
C PRO D 250 50.17 -10.19 13.17
N LEU D 251 50.94 -9.78 12.18
CA LEU D 251 51.00 -10.55 10.95
C LEU D 251 52.23 -11.44 10.93
N LEU D 252 52.06 -12.66 10.40
CA LEU D 252 53.17 -13.57 10.14
C LEU D 252 53.29 -13.68 8.63
N LEU D 253 54.36 -13.09 8.09
CA LEU D 253 54.60 -13.03 6.66
C LEU D 253 55.76 -13.96 6.32
N GLN D 254 55.56 -14.76 5.29
CA GLN D 254 56.57 -15.72 4.84
C GLN D 254 57.07 -15.27 3.48
N ALA D 255 58.35 -14.92 3.42
CA ALA D 255 59.02 -14.73 2.15
C ALA D 255 59.59 -16.06 1.68
N PRO D 256 59.88 -16.20 0.37
CA PRO D 256 60.35 -17.49 -0.15
C PRO D 256 61.54 -18.05 0.62
N ASP D 257 61.38 -19.30 1.08
CA ASP D 257 62.44 -20.12 1.69
C ASP D 257 62.91 -19.56 3.03
N GLU D 258 62.02 -18.89 3.73
CA GLU D 258 62.27 -18.23 4.99
C GLU D 258 61.18 -18.64 5.97
N PRO D 259 61.50 -18.74 7.26
CA PRO D 259 60.44 -18.90 8.25
C PRO D 259 59.60 -17.64 8.32
N PRO D 260 58.37 -17.73 8.82
CA PRO D 260 57.54 -16.52 8.89
C PRO D 260 58.21 -15.48 9.77
N GLU D 261 57.92 -14.23 9.46
CA GLU D 261 58.41 -13.09 10.22
C GLU D 261 57.22 -12.29 10.77
N LEU D 262 57.37 -11.79 11.99
CA LEU D 262 56.29 -11.14 12.71
C LEU D 262 56.33 -9.63 12.50
N PHE D 263 55.18 -9.04 12.15
CA PHE D 263 55.03 -7.60 11.96
C PHE D 263 53.76 -7.13 12.68
N LEU D 264 53.91 -6.16 13.57
CA LEU D 264 52.77 -5.58 14.25
C LEU D 264 52.08 -4.56 13.36
N LEU D 265 50.77 -4.61 13.33
CA LEU D 265 50.08 -3.57 12.56
C LEU D 265 49.96 -2.29 13.40
N PRO D 266 50.21 -1.13 12.81
CA PRO D 266 50.01 0.13 13.53
C PRO D 266 48.56 0.29 13.95
N PRO D 267 48.29 0.47 15.24
CA PRO D 267 46.90 0.63 15.68
C PRO D 267 46.09 1.64 14.89
N GLU D 268 46.70 2.72 14.41
CA GLU D 268 45.96 3.74 13.65
C GLU D 268 45.55 3.25 12.27
N LEU D 269 46.10 2.14 11.81
CA LEU D 269 45.75 1.55 10.53
C LEU D 269 44.54 0.63 10.62
N VAL D 270 44.24 0.09 11.81
CA VAL D 270 43.18 -0.89 11.99
C VAL D 270 41.94 -0.22 12.55
N LEU D 271 41.03 0.18 11.66
CA LEU D 271 39.81 0.86 12.08
C LEU D 271 38.81 -0.13 12.67
N GLU D 272 38.34 0.16 13.89
CA GLU D 272 37.39 -0.67 14.61
C GLU D 272 36.14 0.12 14.96
N VAL D 273 35.05 -0.60 15.17
CA VAL D 273 33.76 0.02 15.45
C VAL D 273 33.29 -0.49 16.81
N PRO D 274 33.15 0.38 17.80
CA PRO D 274 32.52 -0.01 19.07
C PRO D 274 31.05 -0.28 18.87
N LEU D 275 30.53 -1.32 19.50
CA LEU D 275 29.16 -1.72 19.28
C LEU D 275 28.23 -1.12 20.33
N GLU D 276 27.17 -0.48 19.85
CA GLU D 276 26.10 -0.03 20.71
C GLU D 276 24.78 -0.23 19.98
N HIS D 277 23.69 -0.24 20.75
CA HIS D 277 22.36 -0.44 20.18
C HIS D 277 21.57 0.86 20.21
N PRO D 278 20.76 1.14 19.18
CA PRO D 278 20.07 2.44 19.14
C PRO D 278 19.14 2.71 20.30
N THR D 279 18.44 1.69 20.82
CA THR D 279 17.52 1.89 21.92
C THR D 279 17.78 0.93 23.08
N LEU D 280 18.88 0.20 23.08
CA LEU D 280 19.22 -0.68 24.21
C LEU D 280 20.52 -0.14 24.80
N GLU D 281 20.41 0.81 25.72
CA GLU D 281 21.58 1.57 26.15
C GLU D 281 22.57 0.70 26.91
N TRP D 282 22.10 -0.35 27.61
CA TRP D 282 23.03 -1.21 28.31
C TRP D 282 23.94 -1.97 27.36
N PHE D 283 23.58 -2.06 26.07
CA PHE D 283 24.34 -2.87 25.13
C PHE D 283 25.78 -2.38 24.99
N ALA D 284 25.98 -1.05 25.02
CA ALA D 284 27.34 -0.55 24.90
C ALA D 284 28.21 -1.07 26.02
N ALA D 285 27.61 -1.39 27.16
CA ALA D 285 28.36 -1.87 28.32
C ALA D 285 28.84 -3.30 28.15
N LEU D 286 28.37 -4.04 27.14
CA LEU D 286 28.93 -5.35 26.83
C LEU D 286 30.39 -5.23 26.39
N GLY D 287 30.80 -4.07 25.89
CA GLY D 287 32.18 -3.90 25.49
C GLY D 287 32.54 -4.59 24.19
N LEU D 288 31.58 -4.70 23.28
CA LEU D 288 31.79 -5.34 22.00
C LEU D 288 32.32 -4.34 20.98
N ARG D 289 33.15 -4.85 20.07
CA ARG D 289 33.62 -4.12 18.89
C ARG D 289 33.87 -5.12 17.78
N TRP D 290 33.92 -4.61 16.55
CA TRP D 290 34.46 -5.39 15.44
C TRP D 290 35.29 -4.46 14.56
N TYR D 291 36.03 -5.05 13.64
CA TYR D 291 36.89 -4.24 12.80
C TYR D 291 36.22 -3.92 11.46
N ALA D 292 36.73 -2.87 10.82
CA ALA D 292 36.05 -2.36 9.64
C ALA D 292 36.29 -3.22 8.41
N LEU D 293 37.47 -3.83 8.30
CA LEU D 293 37.96 -4.28 7.01
C LEU D 293 38.05 -5.81 6.95
N PRO D 294 37.17 -6.47 6.19
CA PRO D 294 37.28 -7.92 5.95
C PRO D 294 38.28 -8.17 4.83
N ALA D 295 39.39 -8.78 5.16
CA ALA D 295 40.49 -8.94 4.20
C ALA D 295 41.03 -10.36 4.29
N VAL D 296 40.57 -11.23 3.38
CA VAL D 296 40.99 -12.64 3.35
C VAL D 296 42.40 -12.73 2.78
N SER D 297 43.32 -13.33 3.55
CA SER D 297 44.72 -13.32 3.18
C SER D 297 45.32 -14.71 2.95
N ASN D 298 44.53 -15.79 3.02
CA ASN D 298 45.11 -17.13 2.97
C ASN D 298 44.65 -17.95 1.76
N MET D 299 43.99 -17.34 0.78
CA MET D 299 43.58 -18.10 -0.40
C MET D 299 44.54 -17.90 -1.57
N LEU D 300 44.51 -18.84 -2.50
CA LEU D 300 45.35 -18.85 -3.68
C LEU D 300 44.58 -18.30 -4.86
N LEU D 301 45.19 -17.37 -5.58
CA LEU D 301 44.61 -16.82 -6.80
C LEU D 301 45.21 -17.52 -8.01
N GLU D 302 44.36 -18.04 -8.89
CA GLU D 302 44.77 -18.80 -10.06
C GLU D 302 44.27 -18.10 -11.32
N ILE D 303 45.19 -17.81 -12.24
CA ILE D 303 44.91 -17.01 -13.43
C ILE D 303 45.68 -17.63 -14.59
N GLY D 304 44.97 -18.17 -15.58
CA GLY D 304 45.62 -18.77 -16.73
C GLY D 304 46.60 -19.88 -16.42
N GLY D 305 46.32 -20.69 -15.40
CA GLY D 305 47.25 -21.73 -14.98
C GLY D 305 48.40 -21.24 -14.12
N LEU D 306 48.54 -19.94 -13.90
CA LEU D 306 49.53 -19.45 -12.96
C LEU D 306 48.91 -19.37 -11.57
N GLU D 307 49.72 -19.56 -10.55
CA GLU D 307 49.25 -19.65 -9.18
C GLU D 307 49.91 -18.55 -8.35
N PHE D 308 49.09 -17.79 -7.63
CA PHE D 308 49.59 -16.74 -6.73
C PHE D 308 49.17 -17.10 -5.31
N PRO D 309 50.02 -17.75 -4.53
CA PRO D 309 49.59 -18.20 -3.20
C PRO D 309 49.46 -17.10 -2.18
N ALA D 310 49.97 -15.90 -2.43
CA ALA D 310 49.71 -14.74 -1.57
C ALA D 310 49.09 -13.64 -2.40
N ALA D 311 47.80 -13.37 -2.15
CA ALA D 311 47.10 -12.33 -2.87
C ALA D 311 45.91 -11.88 -2.04
N PRO D 312 46.16 -11.20 -0.92
CA PRO D 312 45.05 -10.81 -0.03
C PRO D 312 44.08 -9.87 -0.73
N PHE D 313 42.78 -10.10 -0.51
CA PHE D 313 41.74 -9.24 -1.07
C PHE D 313 40.78 -8.79 0.02
N SER D 314 40.09 -7.69 -0.23
CA SER D 314 39.21 -7.13 0.78
C SER D 314 38.09 -6.33 0.14
N GLY D 315 36.93 -6.33 0.81
CA GLY D 315 35.81 -5.49 0.43
C GLY D 315 35.24 -4.83 1.66
N TRP D 316 33.94 -5.02 1.91
CA TRP D 316 33.32 -4.58 3.16
C TRP D 316 32.34 -5.66 3.64
N TYR D 317 31.91 -5.51 4.89
CA TYR D 317 31.16 -6.56 5.55
C TYR D 317 29.70 -6.51 5.18
N MET D 318 29.09 -7.69 5.10
CA MET D 318 27.65 -7.83 5.26
C MET D 318 27.35 -8.07 6.74
N SER D 319 26.34 -7.37 7.28
CA SER D 319 26.20 -7.28 8.73
C SER D 319 25.96 -8.63 9.38
N THR D 320 25.29 -9.57 8.71
CA THR D 320 25.08 -10.86 9.35
C THR D 320 26.38 -11.60 9.59
N GLU D 321 27.47 -11.25 8.89
CA GLU D 321 28.73 -11.95 9.18
C GLU D 321 29.20 -11.63 10.58
N ILE D 322 29.04 -10.38 10.98
CA ILE D 322 29.47 -9.95 12.30
C ILE D 322 28.41 -10.29 13.35
N GLY D 323 27.17 -9.89 13.08
CA GLY D 323 26.13 -9.96 14.11
C GLY D 323 25.66 -11.38 14.37
N THR D 324 25.45 -12.16 13.32
CA THR D 324 24.96 -13.52 13.47
C THR D 324 26.11 -14.50 13.66
N ARG D 325 27.02 -14.61 12.69
CA ARG D 325 28.03 -15.66 12.75
C ARG D 325 29.12 -15.36 13.77
N ASN D 326 29.82 -14.22 13.65
CA ASN D 326 30.98 -14.02 14.52
C ASN D 326 30.58 -13.83 15.98
N LEU D 327 29.46 -13.17 16.24
CA LEU D 327 29.07 -12.93 17.63
C LEU D 327 28.07 -13.95 18.19
N CYS D 328 27.30 -14.66 17.36
CA CYS D 328 26.33 -15.61 17.91
C CYS D 328 26.60 -17.08 17.61
N ASP D 329 27.57 -17.42 16.76
CA ASP D 329 27.91 -18.84 16.64
C ASP D 329 28.36 -19.35 18.01
N PRO D 330 27.91 -20.53 18.43
CA PRO D 330 28.28 -21.03 19.76
C PRO D 330 29.77 -21.28 19.90
N HIS D 331 30.47 -21.59 18.79
CA HIS D 331 31.91 -21.79 18.78
C HIS D 331 32.68 -20.49 18.49
N ARG D 332 32.02 -19.34 18.58
CA ARG D 332 32.67 -18.05 18.43
C ARG D 332 32.44 -17.23 19.70
N TYR D 333 32.04 -15.96 19.58
CA TYR D 333 31.92 -15.15 20.80
C TYR D 333 30.69 -15.55 21.61
N ASN D 334 29.67 -16.13 20.97
CA ASN D 334 28.62 -16.84 21.69
C ASN D 334 27.94 -15.96 22.73
N ILE D 335 27.47 -14.79 22.31
CA ILE D 335 26.88 -13.80 23.21
C ILE D 335 25.36 -13.90 23.31
N LEU D 336 24.75 -14.89 22.64
CA LEU D 336 23.31 -14.83 22.38
C LEU D 336 22.51 -14.94 23.67
N GLU D 337 22.90 -15.84 24.57
CA GLU D 337 22.13 -16.00 25.80
C GLU D 337 22.30 -14.81 26.72
N ASP D 338 23.46 -14.16 26.69
CA ASP D 338 23.68 -13.03 27.59
C ASP D 338 22.86 -11.82 27.16
N VAL D 339 22.84 -11.54 25.86
CA VAL D 339 21.99 -10.46 25.35
C VAL D 339 20.53 -10.72 25.71
N ALA D 340 20.08 -11.95 25.47
CA ALA D 340 18.68 -12.33 25.71
C ALA D 340 18.27 -12.08 27.16
N VAL D 341 19.11 -12.52 28.11
CA VAL D 341 18.82 -12.28 29.53
C VAL D 341 18.78 -10.79 29.81
N CYS D 342 19.78 -10.04 29.31
CA CYS D 342 19.76 -8.59 29.44
C CYS D 342 18.48 -7.97 28.87
N MET D 343 17.92 -8.56 27.80
CA MET D 343 16.66 -8.07 27.24
C MET D 343 15.44 -8.54 28.02
N ASP D 344 15.66 -9.34 29.07
CA ASP D 344 14.60 -9.90 29.91
C ASP D 344 13.68 -10.83 29.13
N LEU D 345 14.27 -11.63 28.24
CA LEU D 345 13.49 -12.64 27.54
C LEU D 345 13.42 -13.92 28.37
N ASP D 346 12.41 -14.73 28.09
CA ASP D 346 12.27 -16.01 28.79
C ASP D 346 13.16 -17.04 28.11
N THR D 347 14.36 -17.22 28.63
CA THR D 347 15.34 -18.11 28.02
C THR D 347 15.20 -19.56 28.48
N ARG D 348 14.09 -19.92 29.11
CA ARG D 348 13.89 -21.28 29.61
C ARG D 348 13.01 -22.14 28.73
N THR D 349 12.54 -21.62 27.59
CA THR D 349 11.88 -22.44 26.59
C THR D 349 12.25 -21.92 25.20
N THR D 350 12.48 -22.87 24.28
CA THR D 350 12.80 -22.49 22.91
C THR D 350 11.63 -21.79 22.24
N SER D 351 10.40 -22.12 22.63
CA SER D 351 9.21 -21.68 21.92
C SER D 351 8.89 -20.21 22.13
N SER D 352 9.60 -19.49 23.01
CA SER D 352 9.45 -18.05 23.04
C SER D 352 10.26 -17.35 21.94
N LEU D 353 11.15 -18.09 21.26
CA LEU D 353 11.97 -17.54 20.19
C LEU D 353 12.86 -16.42 20.71
N TRP D 354 13.33 -16.57 21.95
CA TRP D 354 14.28 -15.60 22.49
C TRP D 354 15.58 -15.59 21.69
N LYS D 355 16.03 -16.75 21.23
CA LYS D 355 17.24 -16.80 20.39
C LYS D 355 17.06 -15.94 19.15
N ASP D 356 15.91 -16.07 18.48
CA ASP D 356 15.62 -15.27 17.30
C ASP D 356 15.51 -13.79 17.65
N LYS D 357 14.93 -13.46 18.82
CA LYS D 357 14.76 -12.05 19.16
C LYS D 357 16.09 -11.40 19.51
N ALA D 358 16.94 -12.08 20.30
CA ALA D 358 18.21 -11.47 20.65
C ALA D 358 19.11 -11.32 19.43
N ALA D 359 19.11 -12.32 18.54
CA ALA D 359 19.92 -12.26 17.34
C ALA D 359 19.55 -11.07 16.46
N VAL D 360 18.25 -10.85 16.24
CA VAL D 360 17.82 -9.69 15.46
C VAL D 360 18.39 -8.40 16.06
N GLU D 361 18.26 -8.22 17.39
CA GLU D 361 18.76 -6.97 18.00
C GLU D 361 20.29 -6.86 17.89
N ILE D 362 21.01 -7.98 17.91
CA ILE D 362 22.46 -7.89 17.79
C ILE D 362 22.82 -7.43 16.40
N ASN D 363 22.07 -7.91 15.40
CA ASN D 363 22.26 -7.46 14.04
C ASN D 363 21.88 -6.00 13.88
N VAL D 364 20.83 -5.54 14.60
CA VAL D 364 20.50 -4.12 14.60
C VAL D 364 21.65 -3.30 15.17
N ALA D 365 22.23 -3.74 16.29
CA ALA D 365 23.35 -2.98 16.87
C ALA D 365 24.52 -2.85 15.90
N VAL D 366 24.89 -3.94 15.24
CA VAL D 366 26.03 -3.91 14.31
C VAL D 366 25.80 -2.88 13.22
N LEU D 367 24.62 -2.91 12.61
CA LEU D 367 24.30 -1.98 11.52
C LEU D 367 24.29 -0.55 12.02
N HIS D 368 23.60 -0.32 13.15
CA HIS D 368 23.54 1.01 13.70
C HIS D 368 24.93 1.53 14.03
N SER D 369 25.80 0.66 14.53
CA SER D 369 27.11 1.10 15.00
C SER D 369 28.03 1.43 13.83
N TYR D 370 28.02 0.60 12.78
CA TYR D 370 28.83 0.91 11.60
C TYR D 370 28.30 2.18 10.91
N GLN D 371 26.99 2.34 10.82
CA GLN D 371 26.44 3.55 10.21
C GLN D 371 26.76 4.79 11.05
N LEU D 372 26.68 4.68 12.37
CA LEU D 372 27.04 5.80 13.24
C LEU D 372 28.49 6.20 13.05
N ALA D 373 29.37 5.22 12.99
CA ALA D 373 30.81 5.43 12.88
C ALA D 373 31.25 5.73 11.45
N LYS D 374 30.31 5.76 10.50
CA LYS D 374 30.61 6.06 9.09
C LYS D 374 31.58 5.04 8.49
N VAL D 375 31.35 3.77 8.80
CA VAL D 375 32.05 2.66 8.18
C VAL D 375 31.05 1.94 7.29
N THR D 376 31.42 1.76 6.01
CA THR D 376 30.63 1.01 5.05
C THR D 376 30.19 -0.34 5.63
N ILE D 377 28.90 -0.63 5.49
CA ILE D 377 28.40 -1.96 5.80
C ILE D 377 27.15 -2.13 4.97
N VAL D 378 26.76 -3.38 4.74
CA VAL D 378 25.55 -3.67 3.99
C VAL D 378 24.76 -4.75 4.73
N ASP D 379 23.44 -4.55 4.84
CA ASP D 379 22.61 -5.55 5.50
C ASP D 379 22.24 -6.64 4.52
N HIS D 380 21.75 -7.78 5.04
CA HIS D 380 21.54 -8.96 4.21
C HIS D 380 20.38 -8.80 3.24
N HIS D 381 19.47 -7.85 3.48
CA HIS D 381 18.39 -7.62 2.52
C HIS D 381 18.88 -6.86 1.32
N ALA D 382 19.73 -5.85 1.54
CA ALA D 382 20.23 -5.09 0.42
C ALA D 382 21.21 -5.92 -0.38
N ALA D 383 22.05 -6.71 0.32
CA ALA D 383 23.07 -7.52 -0.35
C ALA D 383 22.47 -8.62 -1.22
N THR D 384 21.45 -9.32 -0.70
CA THR D 384 20.83 -10.36 -1.52
C THR D 384 20.01 -9.78 -2.65
N ALA D 385 19.47 -8.57 -2.48
CA ALA D 385 18.75 -7.95 -3.59
C ALA D 385 19.72 -7.51 -4.68
N SER D 386 20.91 -7.05 -4.30
CA SER D 386 21.88 -6.69 -5.32
C SER D 386 22.46 -7.92 -5.99
N PHE D 387 22.58 -9.04 -5.26
CA PHE D 387 23.03 -10.27 -5.90
C PHE D 387 22.02 -10.77 -6.94
N MET D 388 20.70 -10.61 -6.70
CA MET D 388 19.72 -10.98 -7.72
C MET D 388 19.93 -10.18 -9.01
N LYS D 389 20.25 -8.89 -8.89
CA LYS D 389 20.58 -8.11 -10.09
C LYS D 389 21.86 -8.64 -10.75
N HIS D 390 22.83 -9.07 -9.94
CA HIS D 390 24.04 -9.67 -10.50
C HIS D 390 23.70 -10.91 -11.32
N LEU D 391 22.85 -11.79 -10.78
CA LEU D 391 22.43 -12.99 -11.51
C LEU D 391 21.81 -12.60 -12.84
N GLU D 392 20.97 -11.57 -12.85
CA GLU D 392 20.32 -11.15 -14.08
C GLU D 392 21.33 -10.56 -15.05
N ASN D 393 22.30 -9.77 -14.57
CA ASN D 393 23.37 -9.27 -15.43
C ASN D 393 24.17 -10.43 -16.03
N GLU D 394 24.54 -11.40 -15.20
CA GLU D 394 25.41 -12.48 -15.63
C GLU D 394 24.72 -13.43 -16.59
N GLN D 395 23.44 -13.72 -16.38
CA GLN D 395 22.68 -14.48 -17.37
C GLN D 395 22.80 -13.83 -18.75
N LYS D 396 22.60 -12.51 -18.83
CA LYS D 396 22.74 -11.84 -20.12
C LYS D 396 24.17 -11.89 -20.63
N ALA D 397 25.14 -11.62 -19.74
CA ALA D 397 26.53 -11.47 -20.16
C ALA D 397 27.15 -12.82 -20.56
N ARG D 398 26.93 -13.87 -19.76
CA ARG D 398 27.59 -15.14 -19.98
C ARG D 398 26.65 -16.35 -20.02
N GLY D 399 25.35 -16.16 -19.77
CA GLY D 399 24.43 -17.28 -19.80
C GLY D 399 24.47 -18.15 -18.57
N GLY D 400 24.92 -17.60 -17.45
CA GLY D 400 24.89 -18.32 -16.20
C GLY D 400 25.75 -17.62 -15.16
N CYS D 401 25.75 -18.20 -13.98
CA CYS D 401 26.50 -17.70 -12.83
C CYS D 401 26.66 -18.83 -11.83
N PRO D 402 27.89 -19.25 -11.53
CA PRO D 402 28.08 -20.27 -10.50
C PRO D 402 27.75 -19.68 -9.13
N ALA D 403 26.88 -20.35 -8.40
CA ALA D 403 26.49 -19.86 -7.09
C ALA D 403 26.24 -21.03 -6.16
N ASP D 404 26.71 -20.88 -4.93
CA ASP D 404 26.58 -21.89 -3.89
C ASP D 404 25.43 -21.43 -2.97
N TRP D 405 24.25 -22.03 -3.15
CA TRP D 405 23.03 -21.59 -2.48
C TRP D 405 23.23 -21.48 -0.95
N ALA D 406 23.79 -22.53 -0.36
CA ALA D 406 23.94 -22.54 1.10
C ALA D 406 24.77 -21.39 1.62
N TRP D 407 25.71 -20.89 0.83
CA TRP D 407 26.52 -19.77 1.27
C TRP D 407 25.94 -18.42 0.86
N ILE D 408 25.11 -18.39 -0.20
CA ILE D 408 24.52 -17.12 -0.63
C ILE D 408 23.34 -16.72 0.26
N VAL D 409 22.56 -17.69 0.73
CA VAL D 409 21.43 -17.40 1.64
C VAL D 409 21.98 -16.99 3.00
N PRO D 410 21.53 -15.86 3.57
CA PRO D 410 22.10 -15.39 4.84
C PRO D 410 21.77 -16.34 5.98
N PRO D 411 22.51 -16.27 7.09
CA PRO D 411 22.29 -17.18 8.22
C PRO D 411 21.08 -16.85 9.08
N ILE D 412 20.50 -15.67 8.97
CA ILE D 412 19.19 -15.41 9.56
C ILE D 412 18.27 -14.98 8.45
N SER D 413 16.98 -15.24 8.63
CA SER D 413 15.91 -14.70 7.78
C SER D 413 16.02 -15.17 6.33
N GLY D 414 16.55 -16.36 6.13
CA GLY D 414 16.82 -16.85 4.78
C GLY D 414 15.73 -16.67 3.75
N SER D 415 14.52 -17.16 4.05
CA SER D 415 13.43 -17.06 3.10
C SER D 415 12.84 -15.66 3.01
N LEU D 416 13.22 -14.78 3.92
CA LEU D 416 12.83 -13.39 3.74
C LEU D 416 13.66 -12.70 2.67
N THR D 417 14.75 -13.33 2.21
CA THR D 417 15.52 -12.70 1.16
C THR D 417 15.21 -13.36 -0.18
N PRO D 418 15.42 -12.65 -1.30
CA PRO D 418 15.02 -13.20 -2.60
C PRO D 418 15.91 -14.33 -3.10
N VAL D 419 17.14 -14.45 -2.61
CA VAL D 419 17.99 -15.53 -3.08
C VAL D 419 17.50 -16.89 -2.56
N PHE D 420 16.72 -16.91 -1.48
CA PHE D 420 16.22 -18.17 -0.95
C PHE D 420 15.42 -18.93 -2.00
N HIS D 421 14.58 -18.21 -2.74
CA HIS D 421 13.67 -18.81 -3.69
C HIS D 421 14.25 -18.94 -5.10
N GLN D 422 15.55 -18.68 -5.27
CA GLN D 422 16.23 -18.79 -6.57
C GLN D 422 17.06 -20.07 -6.59
N GLU D 423 16.69 -21.01 -7.45
CA GLU D 423 17.55 -22.17 -7.67
C GLU D 423 18.91 -21.73 -8.23
N MET D 424 19.96 -22.45 -7.85
CA MET D 424 21.31 -22.08 -8.25
C MET D 424 22.07 -23.31 -8.71
N VAL D 425 23.06 -23.07 -9.58
CA VAL D 425 23.94 -24.11 -10.09
C VAL D 425 25.33 -23.80 -9.63
N ASN D 426 25.98 -24.76 -8.99
CA ASN D 426 27.31 -24.55 -8.43
C ASN D 426 28.34 -25.27 -9.28
N TYR D 427 29.39 -24.55 -9.71
CA TYR D 427 30.46 -25.13 -10.52
C TYR D 427 31.69 -24.23 -10.47
N PHE D 428 32.80 -24.76 -10.97
CA PHE D 428 34.11 -24.11 -10.90
C PHE D 428 34.49 -23.51 -12.26
N LEU D 429 34.71 -22.20 -12.29
CA LEU D 429 35.38 -21.56 -13.42
C LEU D 429 36.72 -20.97 -12.96
N SER D 430 37.60 -20.76 -13.94
CA SER D 430 38.90 -20.13 -13.80
C SER D 430 38.99 -18.88 -14.67
N PRO D 431 39.65 -17.81 -14.21
CA PRO D 431 40.35 -17.57 -12.94
C PRO D 431 39.50 -17.82 -11.69
N ALA D 432 40.17 -18.17 -10.59
CA ALA D 432 39.48 -18.56 -9.37
C ALA D 432 40.31 -18.18 -8.16
N PHE D 433 39.62 -18.01 -7.04
CA PHE D 433 40.24 -18.06 -5.72
C PHE D 433 40.01 -19.46 -5.16
N ARG D 434 41.07 -20.07 -4.65
CA ARG D 434 41.02 -21.45 -4.18
C ARG D 434 41.57 -21.51 -2.77
N TYR D 435 41.00 -22.41 -1.98
CA TYR D 435 41.60 -22.77 -0.72
C TYR D 435 42.88 -23.55 -0.97
N GLN D 436 43.79 -23.48 0.00
CA GLN D 436 45.11 -24.10 -0.10
C GLN D 436 45.54 -24.50 1.31
N PRO D 437 46.38 -25.53 1.46
CA PRO D 437 46.74 -25.99 2.81
C PRO D 437 47.45 -24.89 3.58
N ASP D 438 47.41 -25.04 4.90
CA ASP D 438 48.12 -24.11 5.77
C ASP D 438 49.63 -24.31 5.65
N PRO D 439 50.41 -23.23 5.65
CA PRO D 439 51.83 -23.32 5.35
C PRO D 439 52.62 -24.13 6.36
N TRP D 440 52.04 -24.46 7.50
CA TRP D 440 52.75 -25.15 8.58
C TRP D 440 52.31 -26.61 8.74
CHA HEM E . -11.68 33.29 -8.93
CHB HEM E . -7.52 31.16 -7.66
CHC HEM E . -5.28 35.48 -8.26
CHD HEM E . -9.53 37.63 -9.21
C1A HEM E . -10.77 32.30 -8.61
C2A HEM E . -11.00 30.87 -8.55
C3A HEM E . -9.84 30.31 -8.20
C4A HEM E . -8.85 31.33 -8.02
CMA HEM E . -9.61 28.79 -8.02
CAA HEM E . -12.29 30.06 -8.83
CBA HEM E . -13.08 30.70 -9.97
CGA HEM E . -13.46 29.71 -11.04
O1A HEM E . -13.20 28.50 -10.87
O2A HEM E . -14.03 30.17 -12.07
C1B HEM E . -6.55 32.15 -7.67
C2B HEM E . -5.19 32.00 -7.24
C3B HEM E . -4.55 33.19 -7.38
C4B HEM E . -5.50 34.14 -7.94
CMB HEM E . -4.56 30.71 -6.69
CAB HEM E . -3.06 33.40 -7.02
CBB HEM E . -2.45 34.60 -7.07
C1C HEM E . -6.20 36.44 -8.63
C2C HEM E . -5.93 37.81 -9.04
C3C HEM E . -7.12 38.40 -9.32
C4C HEM E . -8.17 37.42 -9.07
CMC HEM E . -4.52 38.44 -9.16
CAC HEM E . -7.41 39.85 -9.77
CBC HEM E . -6.56 40.86 -9.68
C1D HEM E . -10.50 36.64 -9.27
C2D HEM E . -11.89 36.79 -9.65
C3D HEM E . -12.46 35.59 -9.56
C4D HEM E . -11.46 34.63 -9.12
CMD HEM E . -12.60 38.08 -10.09
CAD HEM E . -13.92 35.23 -9.88
CBD HEM E . -14.00 34.94 -11.37
CGD HEM E . -15.01 33.86 -11.65
O1D HEM E . -15.42 33.16 -10.69
O2D HEM E . -15.40 33.71 -12.84
NA HEM E . -9.46 32.55 -8.29
NB HEM E . -6.71 33.46 -8.09
NC HEM E . -7.57 36.25 -8.66
ND HEM E . -10.28 35.31 -8.95
FE HEM E . -8.55 34.47 -8.22
N1 H4B F . -16.64 26.62 -8.41
C2 H4B F . -15.63 26.90 -9.27
N2 H4B F . -14.43 27.28 -8.76
N3 H4B F . -15.83 26.82 -10.61
C4 H4B F . -17.03 26.45 -11.12
O4 H4B F . -17.23 26.36 -12.36
C4A H4B F . -18.05 26.16 -10.25
C8A H4B F . -17.85 26.25 -8.88
N5 H4B F . -19.26 25.80 -10.71
N8 H4B F . -18.86 25.98 -8.01
C6 H4B F . -20.39 26.13 -9.87
C7 H4B F . -20.17 25.53 -8.47
C9 H4B F . -21.68 25.69 -10.54
O9 H4B F . -21.45 24.59 -11.44
C10 H4B F . -22.75 25.31 -9.53
C11 H4B F . -23.99 24.83 -10.27
O10 H4B F . -23.09 26.43 -8.69
C02 XVA G . -6.55 31.52 -10.98
C03 XVA G . -6.08 32.82 -11.09
C04 XVA G . -6.91 33.80 -11.60
C05 XVA G . -8.19 33.47 -12.00
C06 XVA G . -8.62 32.16 -11.88
C07 XVA G . -6.46 35.21 -11.74
C11 XVA G . -11.24 31.21 -14.47
C12 XVA G . -12.32 32.08 -14.41
C13 XVA G . -13.52 31.70 -15.00
C14 XVA G . -13.64 30.48 -15.64
C15 XVA G . -12.54 29.61 -15.70
C16 XVA G . -11.34 29.99 -15.11
C21 XVA G . -10.01 31.81 -12.33
C22 XVA G . -9.91 31.58 -13.83
C23 XVA G . -12.64 28.27 -16.39
C24 XVA G . -13.82 27.45 -15.86
C26 XVA G . -14.62 27.57 -13.60
C27 XVA G . -13.52 25.59 -14.38
F08 XVA G . -6.58 35.56 -13.06
F09 XVA G . -5.16 35.35 -11.35
F12 XVA G . -12.22 33.27 -13.79
F13 XVA G . -14.57 32.54 -14.95
N01 XVA G . -7.80 31.22 -11.38
N02 XVA G . -5.76 30.54 -10.49
N25 XVA G . -13.55 27.05 -14.46
C1 BTB H . -2.26 1.44 -20.86
O1 BTB H . -3.47 1.44 -21.62
C2 BTB H . -1.96 0.02 -20.44
C3 BTB H . -2.65 -0.31 -19.13
O3 BTB H . -3.01 -1.70 -19.05
C4 BTB H . -2.51 -0.89 -21.55
O4 BTB H . -1.86 -2.16 -21.63
N BTB H . -0.50 -0.10 -20.30
C5 BTB H . 0.01 0.92 -19.37
C6 BTB H . 0.75 0.25 -18.21
O6 BTB H . -0.14 -0.60 -17.49
C7 BTB H . 0.15 0.04 -21.61
C8 BTB H . 1.62 -0.39 -21.52
O8 BTB H . 1.70 -1.59 -20.75
C1 BTB I . -19.19 0.67 -21.82
O1 BTB I . -17.95 0.05 -22.19
C2 BTB I . -18.93 1.83 -20.87
C3 BTB I . -17.60 2.47 -21.22
O3 BTB I . -17.46 3.71 -20.53
C4 BTB I . -20.01 2.89 -21.09
O4 BTB I . -19.52 4.20 -20.81
N BTB I . -18.86 1.39 -19.45
C5 BTB I . -18.86 -0.08 -19.29
C6 BTB I . -17.66 -0.42 -18.43
O6 BTB I . -16.54 0.26 -19.00
C7 BTB I . -19.90 1.98 -18.58
C8 BTB I . -19.24 2.97 -17.62
O8 BTB I . -17.82 2.94 -17.80
C1 BTB J . -13.15 51.92 -42.18
O1 BTB J . -13.96 50.73 -42.26
C2 BTB J . -12.23 51.83 -40.97
C3 BTB J . -12.48 50.55 -40.19
O3 BTB J . -13.83 50.45 -39.69
C4 BTB J . -10.78 51.74 -41.44
O4 BTB J . -9.95 51.33 -40.35
N BTB J . -12.40 53.04 -40.10
C5 BTB J . -13.82 53.46 -40.06
C6 BTB J . -14.06 54.49 -38.96
O6 BTB J . -13.54 53.99 -37.72
C7 BTB J . -11.60 54.18 -40.60
C8 BTB J . -10.62 54.67 -39.54
O8 BTB J . -10.77 53.92 -38.33
C1 GOL K . 4.64 57.20 -12.01
O1 GOL K . 3.81 56.64 -11.04
C2 GOL K . 4.09 56.74 -13.35
O2 GOL K . 2.71 57.05 -13.38
C3 GOL K . 4.28 55.24 -13.42
O3 GOL K . 3.32 54.69 -14.28
CL CL L . -8.66 27.83 -16.26
GD GD M . -0.44 -2.61 -19.38
ZN ZN N . -28.56 32.63 -0.74
CHA HEM O . -30.00 14.60 4.76
CHB HEM O . -28.90 10.64 2.20
CHC HEM O . -33.19 8.73 3.46
CHD HEM O . -34.59 13.02 5.33
C1A HEM O . -29.30 13.67 4.05
C2A HEM O . -27.87 13.70 3.79
C3A HEM O . -27.55 12.61 3.09
C4A HEM O . -28.77 11.84 2.89
CMA HEM O . -26.16 12.21 2.56
CAA HEM O . -26.95 14.83 4.27
CBA HEM O . -26.22 14.22 5.46
CGA HEM O . -25.49 15.23 6.31
O1A HEM O . -24.25 15.33 6.17
O2A HEM O . -26.15 15.90 7.15
C1B HEM O . -29.95 9.76 2.34
C2B HEM O . -30.03 8.42 1.82
C3B HEM O . -31.19 7.89 2.13
C4B HEM O . -31.93 8.88 2.90
CMB HEM O . -28.94 7.69 0.99
CAB HEM O . -31.57 6.45 1.70
CBB HEM O . -32.82 5.99 1.61
C1C HEM O . -33.93 9.72 4.11
C2C HEM O . -35.26 9.54 4.67
C3C HEM O . -35.66 10.73 5.21
C4C HEM O . -34.60 11.69 4.97
CMC HEM O . -36.00 8.18 4.65
CAC HEM O . -36.98 11.11 5.92
CBC HEM O . -38.15 10.47 5.76
C1D HEM O . -33.46 13.81 5.38
C2D HEM O . -33.34 15.11 5.99
C3D HEM O . -32.08 15.53 5.83
C4D HEM O . -31.34 14.52 5.12
CMD HEM O . -34.45 15.88 6.71
CAD HEM O . -31.53 16.88 6.35
CBD HEM O . -30.93 16.61 7.71
CGD HEM O . -29.87 17.67 7.96
O1D HEM O . -30.22 18.88 7.94
O2D HEM O . -28.69 17.30 8.17
NA HEM O . -29.81 12.51 3.50
NB HEM O . -31.15 10.01 2.99
NC HEM O . -33.57 11.03 4.30
ND HEM O . -32.21 13.49 4.86
FE HEM O . -31.77 11.87 3.64
N1 H4B P . -23.11 18.93 3.59
C2 H4B P . -23.56 17.83 4.25
N2 H4B P . -24.17 16.81 3.58
N3 H4B P . -23.41 17.75 5.61
C4 H4B P . -22.83 18.74 6.30
O4 H4B P . -22.69 18.68 7.55
C4A H4B P . -22.37 19.85 5.63
C8A H4B P . -22.51 19.95 4.25
N5 H4B P . -21.78 20.83 6.32
N8 H4B P . -22.05 21.05 3.59
C6 H4B P . -21.82 22.16 5.75
C7 H4B P . -21.35 22.14 4.29
C9 H4B P . -21.05 23.08 6.68
O9 H4B P . -19.86 22.46 7.20
C10 H4B P . -20.67 24.38 5.99
C11 H4B P . -20.09 25.32 7.03
O10 H4B P . -21.85 24.94 5.40
C02 XVA Q . -28.70 9.17 5.55
C03 XVA Q . -30.03 8.78 5.84
C04 XVA Q . -30.81 9.60 6.65
C05 XVA Q . -30.28 10.77 7.16
C06 XVA Q . -28.98 11.11 6.86
C07 XVA Q . -32.21 9.25 6.99
C11 XVA Q . -27.71 13.46 9.55
C12 XVA Q . -28.79 14.33 9.77
C13 XVA Q . -28.63 15.52 10.47
C14 XVA Q . -27.38 15.88 10.95
C15 XVA Q . -26.31 15.02 10.75
C16 XVA Q . -26.46 13.83 10.05
C21 XVA Q . -28.43 12.41 7.43
C22 XVA Q . -27.84 12.14 8.80
C23 XVA Q . -24.95 15.42 11.27
C24 XVA Q . -24.29 16.26 10.16
C26 XVA Q . -21.99 16.35 9.52
C27 XVA Q . -22.90 14.25 10.12
F08 XVA Q . -32.32 9.36 8.35
F09 XVA Q . -32.52 7.97 6.67
F12 XVA Q . -30.03 14.03 9.32
F13 XVA Q . -29.68 16.33 10.65
N01 XVA Q . -28.21 10.32 6.06
N02 XVA Q . -27.90 8.40 4.77
N25 XVA Q . -23.21 15.53 9.46
C1 BTB R . -1.25 -9.53 -2.78
O1 BTB R . -2.23 -10.14 -3.63
C2 BTB R . -1.85 -8.37 -1.99
C3 BTB R . -2.14 -7.16 -2.90
O3 BTB R . -2.78 -6.09 -2.17
C4 BTB R . -3.15 -8.80 -1.33
O4 BTB R . -3.79 -7.62 -0.85
N BTB R . -0.90 -7.94 -0.93
C5 BTB R . 0.23 -7.24 -1.56
C6 BTB R . 0.51 -5.88 -0.96
O6 BTB R . 0.93 -6.03 0.39
C7 BTB R . -0.46 -9.02 -0.02
C8 BTB R . -1.00 -8.84 1.40
O8 BTB R . -0.57 -7.59 1.98
C1 BTB S . -45.98 9.52 38.19
O1 BTB S . -47.28 10.13 38.13
C2 BTB S . -45.04 9.98 37.06
C3 BTB S . -43.69 9.28 37.15
O3 BTB S . -43.64 8.41 38.29
C4 BTB S . -45.67 9.64 35.71
O4 BTB S . -46.37 8.40 35.77
N BTB S . -44.80 11.44 37.14
C5 BTB S . -44.83 11.89 38.56
C6 BTB S . -43.40 12.26 38.93
O6 BTB S . -42.78 12.65 37.69
C7 BTB S . -45.84 12.14 36.37
C8 BTB S . -45.30 13.49 35.92
O8 BTB S . -43.92 13.48 36.26
C1 GOL T . 3.32 15.96 13.14
O1 GOL T . 3.66 15.73 11.78
C2 GOL T . 2.18 16.97 13.21
O2 GOL T . 1.38 16.69 14.34
C3 GOL T . 1.35 16.91 11.93
O3 GOL T . 0.19 17.71 12.07
CL CL U . -24.14 9.94 10.48
GD GD V . -2.13 -6.02 0.39
C1 BTB W . 5.71 1.47 -1.17
O1 BTB W . 4.58 0.81 -1.73
C2 BTB W . 6.58 0.38 -0.62
C3 BTB W . 5.65 -0.48 0.20
O3 BTB W . 6.29 -1.73 0.48
C4 BTB W . 7.13 -0.41 -1.80
O4 BTB W . 6.45 -1.66 -1.90
N BTB W . 7.67 0.89 0.23
C5 BTB W . 8.00 2.29 -0.06
C6 BTB W . 8.70 2.83 1.18
O6 BTB W . 8.09 2.19 2.29
C7 BTB W . 8.92 0.12 0.00
C8 BTB W . 9.27 -0.81 1.16
O8 BTB W . 8.08 -1.42 1.69
CHA HEM X . 9.27 -32.75 4.21
CHB HEM X . 8.67 -31.71 8.92
CHC HEM X . 6.27 -35.91 9.37
CHD HEM X . 7.62 -37.30 4.90
C1A HEM X . 9.22 -32.03 5.40
C2A HEM X . 9.52 -30.63 5.59
C3A HEM X . 9.34 -30.35 6.90
C4A HEM X . 8.94 -31.56 7.57
CMA HEM X . 9.54 -28.98 7.59
CAA HEM X . 9.92 -29.61 4.50
CBA HEM X . 8.66 -28.79 4.21
CGA HEM X . 8.53 -28.26 2.80
O1A HEM X . 9.59 -28.14 2.14
O2A HEM X . 7.41 -27.95 2.33
C1B HEM X . 7.94 -32.73 9.47
C2B HEM X . 7.43 -32.82 10.83
C3B HEM X . 6.78 -33.97 10.96
C4B HEM X . 6.84 -34.68 9.68
CMB HEM X . 7.60 -31.77 11.95
CAB HEM X . 6.09 -34.42 12.28
CBB HEM X . 5.52 -35.62 12.41
C1C HEM X . 6.37 -36.65 8.20
C2C HEM X . 5.73 -37.92 7.91
C3C HEM X . 6.10 -38.30 6.66
C4C HEM X . 7.00 -37.30 6.14
CMC HEM X . 4.78 -38.62 8.90
CAC HEM X . 5.73 -39.57 5.86
CBC HEM X . 5.35 -40.71 6.46
C1D HEM X . 8.14 -36.16 4.31
C2D HEM X . 8.53 -36.02 2.93
C3D HEM X . 9.00 -34.78 2.76
C4D HEM X . 8.90 -34.07 4.01
CMD HEM X . 8.45 -37.11 1.83
CAD HEM X . 9.50 -34.17 1.44
CBD HEM X . 8.28 -33.48 0.83
CGD HEM X . 8.63 -32.14 0.24
O1D HEM X . 9.63 -31.50 0.66
O2D HEM X . 7.87 -31.71 -0.67
NA HEM X . 8.87 -32.56 6.63
NB HEM X . 7.56 -33.88 8.81
NC HEM X . 7.14 -36.31 7.09
ND HEM X . 8.37 -34.95 4.95
FE HEM X . 8.25 -34.57 6.97
N1 H4B Y . 13.00 -25.67 2.21
C2 H4B Y . 11.70 -25.99 2.43
N2 H4B Y . 11.33 -26.53 3.63
N3 H4B Y . 10.78 -25.78 1.45
C4 H4B Y . 11.14 -25.24 0.26
O4 H4B Y . 10.32 -25.04 -0.67
C4A H4B Y . 12.47 -24.92 0.05
C8A H4B Y . 13.41 -25.13 1.05
N5 H4B Y . 12.84 -24.39 -1.14
N8 H4B Y . 14.71 -24.82 0.84
C6 H4B Y . 14.21 -24.60 -1.55
C7 H4B Y . 15.16 -24.21 -0.41
C9 H4B Y . 14.45 -23.85 -2.87
O9 H4B Y . 13.80 -22.57 -2.88
C10 H4B Y . 15.93 -23.67 -3.11
C11 H4B Y . 16.14 -22.97 -4.45
O10 H4B Y . 16.57 -24.94 -3.07
C02 XVA Z . 5.16 -31.39 7.89
C03 XVA Z . 4.65 -32.69 7.86
C04 XVA Z . 4.46 -33.34 6.64
C05 XVA Z . 4.79 -32.68 5.47
C06 XVA Z . 5.30 -31.39 5.54
C07 XVA Z . 3.91 -34.72 6.59
C11 XVA Z . 4.65 -29.69 2.21
C12 XVA Z . 5.30 -30.34 1.18
C13 XVA Z . 5.55 -29.68 -0.01
C14 XVA Z . 5.14 -28.36 -0.18
C15 XVA Z . 4.48 -27.70 0.85
C16 XVA Z . 4.24 -28.37 2.04
C21 XVA Z . 5.66 -30.68 4.25
C22 XVA Z . 4.36 -30.39 3.52
C23 XVA Z . 4.02 -26.27 0.71
C24 XVA Z . 5.13 -25.49 0.02
C26 XVA Z . 7.50 -25.53 0.03
C27 XVA Z . 6.33 -24.48 1.82
F08 XVA Z . 2.97 -34.74 5.56
F09 XVA Z . 3.33 -35.03 7.78
F12 XVA Z . 5.70 -31.63 1.34
F13 XVA Z . 6.18 -30.32 -1.00
N01 XVA Z . 5.47 -30.79 6.74
N02 XVA Z . 5.36 -30.72 9.06
N25 XVA Z . 6.32 -25.59 0.87
C1 BTB AA . -2.17 -0.65 12.68
O1 BTB AA . -2.41 -0.14 11.37
C2 BTB AA . -1.80 0.51 13.62
C3 BTB AA . -0.29 0.71 13.68
O3 BTB AA . 0.07 1.77 14.59
C4 BTB AA . -2.37 1.82 13.06
O4 BTB AA . -3.24 2.53 13.94
N BTB AA . -2.34 0.15 14.95
C5 BTB AA . -1.54 -0.94 15.54
C6 BTB AA . -1.40 -0.73 17.04
O6 BTB AA . -0.60 0.43 17.31
C7 BTB AA . -3.74 -0.30 14.90
C8 BTB AA . -4.53 0.38 16.01
O8 BTB AA . -3.63 0.87 17.02
C1 BTB BA . -17.06 -47.70 -16.34
O1 BTB BA . -16.03 -46.76 -15.98
C2 BTB BA . -18.42 -47.01 -16.27
C3 BTB BA . -19.53 -47.93 -16.77
O3 BTB BA . -19.95 -48.79 -15.71
C4 BTB BA . -18.67 -46.69 -14.79
O4 BTB BA . -18.48 -47.90 -14.05
N BTB BA . -18.37 -45.75 -17.07
C5 BTB BA . -19.40 -44.81 -16.63
C6 BTB BA . -19.16 -43.44 -17.26
O6 BTB BA . -18.06 -42.81 -16.61
C7 BTB BA . -18.57 -46.02 -18.52
C8 BTB BA . -17.26 -45.99 -19.29
O8 BTB BA . -16.35 -45.10 -18.65
C1 GOL CA . -4.54 -55.95 10.87
O1 GOL CA . -3.66 -57.03 10.64
C2 GOL CA . -5.55 -55.94 9.73
O2 GOL CA . -5.16 -56.92 8.79
C3 GOL CA . -5.58 -54.60 9.00
O3 GOL CA . -6.10 -54.87 7.71
C1 GOL DA . -8.68 -50.64 -21.56
O1 GOL DA . -9.50 -49.58 -21.99
C2 GOL DA . -7.35 -50.64 -22.32
O2 GOL DA . -6.52 -49.62 -21.84
C3 GOL DA . -6.66 -52.00 -22.17
O3 GOL DA . -6.86 -52.51 -20.87
CL CL EA . 2.31 -26.51 4.29
GD GD FA . -1.69 2.65 16.13
ZN ZN GA . 25.45 -31.55 -5.43
CHA HEM HA . 32.73 -15.02 0.40
CHB HEM HA . 30.41 -10.79 0.90
CHC HEM HA . 33.93 -8.56 -1.57
CHD HEM HA . 35.78 -12.89 -2.76
C1A HEM HA . 31.86 -14.08 0.86
C2A HEM HA . 30.85 -14.22 1.90
C3A HEM HA . 30.22 -13.03 2.02
C4A HEM HA . 30.80 -12.10 1.07
CMA HEM HA . 29.08 -12.67 2.96
CAA HEM HA . 30.52 -15.49 2.73
CBA HEM HA . 31.79 -16.08 3.34
CGA HEM HA . 31.56 -16.72 4.70
O1A HEM HA . 30.41 -16.71 5.21
O2A HEM HA . 32.56 -17.23 5.27
C1B HEM HA . 31.15 -9.80 0.30
C2B HEM HA . 30.84 -8.38 0.26
C3B HEM HA . 31.78 -7.76 -0.42
C4B HEM HA . 32.77 -8.77 -0.85
CMB HEM HA . 29.61 -7.69 0.89
CAB HEM HA . 31.78 -6.23 -0.66
CBB HEM HA . 32.51 -5.66 -1.63
C1C HEM HA . 34.76 -9.53 -2.10
C2C HEM HA . 35.98 -9.27 -2.85
C3C HEM HA . 36.50 -10.48 -3.15
C4C HEM HA . 35.62 -11.52 -2.64
CMC HEM HA . 36.52 -7.84 -3.14
CAC HEM HA . 37.75 -10.82 -3.99
CBC HEM HA . 38.17 -9.97 -4.94
C1D HEM HA . 35.15 -13.85 -1.98
C2D HEM HA . 35.48 -15.25 -1.89
C3D HEM HA . 34.64 -15.82 -1.03
C4D HEM HA . 33.74 -14.80 -0.53
CMD HEM HA . 36.59 -16.00 -2.66
CAD HEM HA . 34.63 -17.29 -0.65
CBD HEM HA . 35.51 -17.46 0.60
CGD HEM HA . 35.01 -18.62 1.41
O1D HEM HA . 33.79 -18.92 1.40
O2D HEM HA . 35.85 -19.24 2.12
NA HEM HA . 31.79 -12.78 0.40
NB HEM HA . 32.34 -10.00 -0.41
NC HEM HA . 34.58 -10.91 -2.00
ND HEM HA . 34.08 -13.61 -1.13
FE HEM HA . 32.94 -11.91 -1.03
N1 H4B IA . 27.33 -19.98 4.38
C2 H4B IA . 28.20 -18.97 4.62
N2 H4B IA . 28.05 -17.77 3.99
N3 H4B IA . 29.22 -19.15 5.48
C4 H4B IA . 29.40 -20.32 6.13
O4 H4B IA . 30.36 -20.48 6.92
C4A H4B IA . 28.53 -21.37 5.88
C8A H4B IA . 27.48 -21.18 4.99
N5 H4B IA . 28.67 -22.56 6.50
N8 H4B IA . 26.61 -22.19 4.73
C6 H4B IA . 28.16 -23.72 5.77
C7 H4B IA . 26.71 -23.50 5.38
C9 H4B IA . 28.40 -25.02 6.55
O9 H4B IA . 28.22 -24.84 7.96
C10 H4B IA . 27.47 -26.13 6.07
C11 H4B IA . 27.72 -27.42 6.85
O10 H4B IA . 27.67 -26.32 4.66
C02 XVA JA . 33.30 -10.11 3.12
C03 XVA JA . 34.33 -9.70 2.24
C04 XVA JA . 35.33 -10.60 1.90
C05 XVA JA . 35.29 -11.90 2.44
C06 XVA JA . 34.27 -12.25 3.32
C07 XVA JA . 36.46 -10.26 0.97
C11 XVA JA . 35.56 -15.31 5.18
C12 XVA JA . 36.18 -16.02 4.15
C13 XVA JA . 36.50 -17.35 4.29
C14 XVA JA . 36.19 -18.03 5.47
C15 XVA JA . 35.57 -17.34 6.49
C16 XVA JA . 35.26 -15.98 6.35
C21 XVA JA . 34.22 -13.65 3.90
C22 XVA JA . 35.23 -13.84 5.03
C23 XVA JA . 35.25 -18.08 7.77
C24 XVA JA . 33.86 -18.73 7.70
C26 XVA JA . 31.87 -18.73 9.05
C27 XVA JA . 33.37 -16.90 9.25
F08 XVA JA . 37.63 -10.43 1.67
F09 XVA JA . 36.43 -8.96 0.59
F12 XVA JA . 36.49 -15.42 2.99
F13 XVA JA . 37.10 -18.00 3.27
N01 XVA JA . 33.31 -11.36 3.63
N02 XVA JA . 32.29 -9.29 3.49
N25 XVA JA . 32.82 -17.88 8.30
C1 BTB KA . 12.78 5.98 25.25
O1 BTB KA . 13.45 7.22 25.04
C2 BTB KA . 13.82 4.86 25.14
C3 BTB KA . 13.24 3.72 24.31
O3 BTB KA . 14.29 2.79 23.95
C4 BTB KA . 15.03 5.42 24.41
O4 BTB KA . 16.17 4.59 24.70
N BTB KA . 14.19 4.37 26.49
C5 BTB KA . 13.04 3.69 27.11
C6 BTB KA . 13.37 2.27 27.54
O6 BTB KA . 14.52 2.31 28.40
C7 BTB KA . 14.71 5.42 27.40
C8 BTB KA . 16.20 5.28 27.74
O8 BTB KA . 16.52 3.99 28.29
C1 BTB LA . 66.90 -17.83 7.68
O1 BTB LA . 66.70 -19.25 7.63
C2 BTB LA . 67.67 -17.48 6.42
C3 BTB LA . 69.09 -17.97 6.59
O3 BTB LA . 69.11 -19.40 6.42
C4 BTB LA . 67.00 -18.31 5.36
O4 BTB LA . 67.75 -18.27 4.15
N BTB LA . 67.56 -16.02 6.18
C5 BTB LA . 67.98 -15.53 4.84
C6 BTB LA . 69.48 -15.27 4.64
O6 BTB LA . 69.72 -13.86 4.49
C7 BTB LA . 68.32 -15.29 7.21
C8 BTB LA . 67.84 -13.84 7.32
O8 BTB LA . 68.75 -13.09 8.14
CL CL MA . 34.75 -12.51 9.28
GD GD NA . 16.03 2.34 25.94
#